data_3GFB
#
_entry.id   3GFB
#
_cell.length_a   124.481
_cell.length_b   124.481
_cell.length_c   271.143
_cell.angle_alpha   90.00
_cell.angle_beta   90.00
_cell.angle_gamma   90.00
#
_symmetry.space_group_name_H-M   'P 43 21 2'
#
loop_
_entity.id
_entity.type
_entity.pdbx_description
1 polymer 'L-threonine 3-dehydrogenase'
2 non-polymer NICOTINAMIDE-ADENINE-DINUCLEOTIDE
3 non-polymer 'SULFATE ION'
4 water water
#
_entity_poly.entity_id   1
_entity_poly.type   'polypeptide(L)'
_entity_poly.pdbx_seq_one_letter_code
;MAEKMQAIMKTKPAYGAELVEVDVPKPGPGEVLIKVLATSICGTDLHIYEWNEWAQSRIKPPQIMGHEVAGEVVEVGPGV
EDLQVGDYISVETHIVCGKCYACKHNRYHVCQNTKIFGVDMDGVFAHYAIVPAKNAWKNPKDMPPEYAALQEPLGNAVDT
VLAGPIAGRSTLITGAGPLGLLGIAVAKASGAYPVIVSEPSEFRRKLAKKVGADYVVNPFEEDPVKFVMDITDGAGVEVF
LEFSGAPKALEQGLKAVTPGGRVSLLGLFPREVTIDFNNLIIFKALEVHGITGRHLWETWYTVSSLIQSGKLNLDPIITH
KYKGFDKFEEAFELMRAGKTGKVVFFPHKG
;
_entity_poly.pdbx_strand_id   A,B,C,D
#
loop_
_chem_comp.id
_chem_comp.type
_chem_comp.name
_chem_comp.formula
NAD non-polymer NICOTINAMIDE-ADENINE-DINUCLEOTIDE 'C21 H27 N7 O14 P2'
SO4 non-polymer 'SULFATE ION' 'O4 S -2'
#
# COMPACT_ATOMS: atom_id res chain seq x y z
N GLU A 3 41.80 -34.93 2.48
CA GLU A 3 40.39 -34.35 2.28
C GLU A 3 40.10 -34.09 0.83
N LYS A 4 39.45 -35.03 0.15
CA LYS A 4 39.20 -34.99 -1.28
C LYS A 4 37.74 -34.94 -1.41
N MET A 5 37.22 -34.39 -2.54
CA MET A 5 35.80 -34.47 -2.90
C MET A 5 35.74 -34.49 -4.40
N GLN A 6 34.59 -35.01 -4.89
CA GLN A 6 34.00 -34.81 -6.20
C GLN A 6 33.30 -33.39 -6.42
N ALA A 7 33.47 -32.80 -7.62
CA ALA A 7 33.00 -31.44 -8.02
C ALA A 7 32.61 -31.40 -9.49
N ILE A 8 31.45 -30.82 -9.83
CA ILE A 8 31.15 -30.53 -11.26
C ILE A 8 31.79 -29.21 -11.67
N MET A 9 32.72 -29.37 -12.61
CA MET A 9 33.71 -28.37 -12.90
C MET A 9 33.70 -27.91 -14.35
N LYS A 10 33.72 -26.60 -14.56
CA LYS A 10 33.99 -26.05 -15.90
C LYS A 10 35.50 -25.99 -15.89
N THR A 11 36.09 -26.86 -16.70
CA THR A 11 37.56 -27.02 -16.85
C THR A 11 38.18 -26.15 -17.96
N LYS A 12 37.58 -26.19 -19.16
CA LYS A 12 38.01 -25.38 -20.29
C LYS A 12 36.84 -24.49 -20.83
N PRO A 13 37.16 -23.46 -21.68
CA PRO A 13 36.19 -22.84 -22.61
C PRO A 13 35.17 -23.74 -23.42
N ALA A 14 35.50 -24.86 -24.03
CA ALA A 14 34.42 -25.72 -24.60
C ALA A 14 33.03 -25.90 -23.89
N TYR A 15 32.10 -26.45 -24.64
CA TYR A 15 30.89 -27.00 -24.11
C TYR A 15 31.14 -28.00 -22.98
N GLY A 16 30.13 -28.25 -22.13
CA GLY A 16 30.18 -29.24 -21.04
C GLY A 16 30.94 -28.96 -19.75
N ALA A 17 31.20 -30.01 -18.99
CA ALA A 17 31.86 -29.89 -17.67
C ALA A 17 32.48 -31.23 -17.39
N GLU A 18 33.27 -31.22 -16.32
CA GLU A 18 33.92 -32.43 -15.86
C GLU A 18 33.64 -32.73 -14.39
N LEU A 19 33.28 -34.00 -14.13
CA LEU A 19 33.35 -34.62 -12.78
C LEU A 19 34.84 -34.78 -12.24
N VAL A 20 35.30 -33.90 -11.40
CA VAL A 20 36.66 -33.86 -11.06
C VAL A 20 36.86 -34.13 -9.53
N GLU A 21 37.92 -34.83 -9.18
CA GLU A 21 38.25 -34.95 -7.81
C GLU A 21 39.13 -33.80 -7.36
N VAL A 22 38.75 -33.09 -6.28
CA VAL A 22 39.53 -31.97 -5.82
C VAL A 22 39.67 -31.94 -4.29
N ASP A 23 40.59 -31.13 -3.81
CA ASP A 23 40.72 -30.83 -2.45
C ASP A 23 39.47 -30.11 -1.92
N VAL A 24 38.96 -30.56 -0.76
CA VAL A 24 37.99 -29.87 0.02
C VAL A 24 38.57 -28.47 0.34
N PRO A 25 37.79 -27.41 0.06
CA PRO A 25 38.29 -26.03 0.41
C PRO A 25 38.33 -25.74 1.92
N LYS A 26 39.22 -24.87 2.40
CA LYS A 26 39.23 -24.45 3.81
C LYS A 26 38.52 -23.10 3.88
N PRO A 27 37.54 -22.93 4.79
CA PRO A 27 36.89 -21.62 4.84
C PRO A 27 37.74 -20.59 5.54
N GLY A 28 37.85 -19.42 4.89
CA GLY A 28 38.57 -18.27 5.40
C GLY A 28 37.62 -17.36 6.13
N PRO A 29 38.06 -16.12 6.43
CA PRO A 29 37.28 -15.23 7.28
C PRO A 29 35.98 -14.79 6.59
N GLY A 30 34.88 -14.68 7.35
CA GLY A 30 33.53 -14.52 6.77
C GLY A 30 32.96 -15.65 5.91
N GLU A 31 33.56 -16.85 6.01
CA GLU A 31 33.16 -18.02 5.21
C GLU A 31 32.76 -19.26 6.07
N VAL A 32 31.92 -20.13 5.55
CA VAL A 32 31.64 -21.40 6.21
C VAL A 32 31.79 -22.41 5.11
N LEU A 33 32.16 -23.65 5.49
CA LEU A 33 32.15 -24.82 4.63
C LEU A 33 30.90 -25.56 4.98
N ILE A 34 30.15 -26.00 4.00
CA ILE A 34 28.96 -26.73 4.17
C ILE A 34 29.12 -28.05 3.45
N LYS A 35 28.34 -29.03 3.87
CA LYS A 35 28.24 -30.29 3.25
C LYS A 35 27.01 -30.14 2.43
N VAL A 36 27.13 -30.40 1.15
CA VAL A 36 26.03 -30.24 0.26
C VAL A 36 25.06 -31.37 0.33
N LEU A 37 23.84 -31.13 0.80
CA LEU A 37 22.80 -32.12 0.84
C LEU A 37 21.88 -32.26 -0.35
N ALA A 38 21.58 -31.14 -1.04
CA ALA A 38 20.77 -31.14 -2.30
C ALA A 38 21.13 -29.86 -3.05
N THR A 39 21.17 -29.95 -4.37
CA THR A 39 21.64 -28.86 -5.27
C THR A 39 21.05 -29.06 -6.55
N SER A 40 20.60 -27.94 -7.12
CA SER A 40 19.72 -27.84 -8.32
C SER A 40 20.33 -26.96 -9.39
N ILE A 41 19.86 -27.20 -10.61
CA ILE A 41 20.41 -26.51 -11.84
C ILE A 41 19.38 -25.51 -12.28
N CYS A 42 19.85 -24.25 -12.50
CA CYS A 42 19.08 -23.18 -13.12
C CYS A 42 19.63 -22.80 -14.53
N GLY A 43 18.80 -22.09 -15.31
CA GLY A 43 19.21 -21.31 -16.47
C GLY A 43 20.66 -20.99 -16.54
N THR A 44 21.18 -20.21 -15.63
CA THR A 44 22.56 -19.78 -15.63
C THR A 44 23.56 -20.91 -15.63
N ASP A 45 23.35 -21.96 -14.81
CA ASP A 45 24.27 -23.13 -14.86
C ASP A 45 24.17 -23.76 -16.24
N LEU A 46 22.96 -23.82 -16.78
CA LEU A 46 22.78 -24.32 -18.14
C LEU A 46 23.57 -23.54 -19.25
N HIS A 47 23.63 -22.21 -19.10
CA HIS A 47 24.37 -21.31 -20.01
C HIS A 47 25.86 -21.44 -19.86
N ILE A 48 26.30 -21.72 -18.61
CA ILE A 48 27.74 -21.96 -18.33
C ILE A 48 28.04 -23.29 -18.92
N TYR A 49 27.19 -24.28 -18.68
CA TYR A 49 27.33 -25.58 -19.35
C TYR A 49 27.49 -25.44 -20.90
N GLU A 50 26.53 -24.77 -21.53
CA GLU A 50 26.50 -24.60 -22.97
C GLU A 50 27.67 -23.78 -23.49
N TRP A 51 28.28 -23.00 -22.61
CA TRP A 51 29.37 -22.10 -22.96
C TRP A 51 28.90 -21.00 -23.98
N ASN A 52 27.81 -20.31 -23.65
CA ASN A 52 27.23 -19.30 -24.50
C ASN A 52 28.04 -17.99 -24.39
N GLU A 53 27.50 -16.97 -24.98
CA GLU A 53 28.23 -15.78 -25.28
C GLU A 53 28.46 -14.99 -24.00
N TRP A 54 27.42 -14.81 -23.23
CA TRP A 54 27.50 -14.38 -21.84
C TRP A 54 28.54 -15.23 -20.97
N ALA A 55 28.44 -16.57 -20.96
CA ALA A 55 29.35 -17.42 -20.17
C ALA A 55 30.80 -16.97 -20.38
N GLN A 56 31.21 -16.85 -21.67
CA GLN A 56 32.60 -16.65 -22.11
C GLN A 56 33.27 -15.37 -21.67
N SER A 57 32.47 -14.33 -21.51
CA SER A 57 32.97 -13.02 -21.13
C SER A 57 32.96 -12.86 -19.60
N ARG A 58 32.48 -13.89 -18.90
CA ARG A 58 32.25 -13.81 -17.45
C ARG A 58 33.03 -14.83 -16.61
N ILE A 59 32.97 -16.10 -17.02
CA ILE A 59 33.53 -17.13 -16.16
C ILE A 59 34.91 -17.61 -16.70
N LYS A 60 35.95 -17.42 -15.91
CA LYS A 60 37.26 -17.88 -16.34
C LYS A 60 37.57 -19.27 -15.75
N PRO A 61 37.44 -20.37 -16.54
CA PRO A 61 37.77 -21.73 -16.05
C PRO A 61 39.15 -21.84 -15.37
N PRO A 62 39.34 -22.84 -14.48
CA PRO A 62 38.38 -23.89 -14.11
C PRO A 62 37.59 -23.40 -12.93
N GLN A 63 36.29 -23.60 -12.94
CA GLN A 63 35.53 -23.12 -11.81
C GLN A 63 34.43 -24.08 -11.43
N ILE A 64 34.11 -24.17 -10.14
CA ILE A 64 33.10 -25.15 -9.77
C ILE A 64 31.73 -24.55 -10.11
N MET A 65 30.87 -25.38 -10.66
CA MET A 65 29.54 -24.94 -10.96
C MET A 65 28.50 -24.94 -9.81
N GLY A 66 27.35 -24.27 -10.02
CA GLY A 66 26.03 -24.52 -9.34
C GLY A 66 25.76 -23.46 -8.31
N HIS A 67 24.54 -23.28 -7.86
CA HIS A 67 24.43 -22.35 -6.72
C HIS A 67 23.19 -22.53 -5.93
N GLU A 68 22.21 -23.25 -6.43
CA GLU A 68 21.09 -23.54 -5.61
C GLU A 68 21.43 -24.71 -4.64
N VAL A 69 21.70 -24.45 -3.35
CA VAL A 69 21.81 -25.47 -2.29
C VAL A 69 20.85 -25.48 -1.09
N ALA A 70 20.71 -26.70 -0.54
CA ALA A 70 20.40 -27.09 0.87
C ALA A 70 21.67 -27.77 1.43
N GLY A 71 22.39 -27.13 2.34
CA GLY A 71 23.63 -27.69 2.85
C GLY A 71 23.74 -27.56 4.41
N GLU A 72 24.57 -28.39 5.05
CA GLU A 72 24.81 -28.31 6.47
C GLU A 72 26.12 -27.74 6.87
N VAL A 73 26.18 -26.78 7.77
CA VAL A 73 27.50 -26.25 8.08
C VAL A 73 28.39 -27.28 8.76
N VAL A 74 29.63 -27.48 8.29
CA VAL A 74 30.53 -28.46 8.93
C VAL A 74 31.72 -27.77 9.58
N GLU A 75 32.12 -26.61 9.05
CA GLU A 75 33.24 -25.83 9.67
C GLU A 75 32.94 -24.37 9.38
N VAL A 76 33.49 -23.44 10.15
CA VAL A 76 33.15 -22.03 10.17
C VAL A 76 34.47 -21.24 10.11
N GLY A 77 34.55 -20.15 9.38
CA GLY A 77 35.83 -19.50 9.22
C GLY A 77 36.10 -18.54 10.32
N PRO A 78 37.35 -18.04 10.38
CA PRO A 78 37.67 -16.95 11.35
C PRO A 78 36.58 -15.86 11.40
N GLY A 79 36.20 -15.47 12.63
CA GLY A 79 35.29 -14.31 12.83
C GLY A 79 34.02 -14.38 12.00
N VAL A 80 33.40 -15.57 11.99
CA VAL A 80 32.00 -15.76 11.63
C VAL A 80 31.28 -15.97 12.96
N GLU A 81 30.43 -15.05 13.36
CA GLU A 81 29.53 -15.39 14.45
C GLU A 81 28.26 -15.57 13.66
N ASP A 82 27.25 -16.14 14.30
CA ASP A 82 25.99 -16.25 13.57
C ASP A 82 25.68 -17.48 12.79
N LEU A 83 26.72 -18.07 12.24
CA LEU A 83 26.70 -19.49 11.80
C LEU A 83 27.55 -20.36 12.68
N GLN A 84 27.08 -21.60 12.88
CA GLN A 84 27.85 -22.70 13.54
C GLN A 84 27.63 -24.07 12.94
N VAL A 85 28.53 -25.05 13.26
CA VAL A 85 28.47 -26.41 12.75
C VAL A 85 27.09 -26.79 13.00
N GLY A 86 26.47 -27.53 12.10
CA GLY A 86 25.11 -28.11 12.28
C GLY A 86 24.01 -27.22 11.72
N ASP A 87 24.33 -25.94 11.56
CA ASP A 87 23.30 -25.07 10.93
C ASP A 87 23.01 -25.54 9.53
N TYR A 88 21.73 -25.69 9.22
CA TYR A 88 21.21 -26.09 7.94
C TYR A 88 20.91 -24.77 7.10
N ILE A 89 21.58 -24.54 5.96
CA ILE A 89 21.40 -23.35 5.21
C ILE A 89 21.18 -23.55 3.71
N SER A 90 20.64 -22.46 3.10
CA SER A 90 20.50 -22.23 1.64
C SER A 90 21.23 -20.96 1.39
N VAL A 91 21.63 -20.74 0.13
CA VAL A 91 22.43 -19.51 -0.21
C VAL A 91 21.63 -18.52 -1.09
N GLU A 92 21.74 -17.25 -0.68
CA GLU A 92 21.43 -16.12 -1.59
C GLU A 92 22.69 -15.68 -2.40
N THR A 93 22.67 -15.82 -3.70
CA THR A 93 23.82 -15.48 -4.55
C THR A 93 23.95 -14.02 -4.93
N HIS A 94 22.86 -13.26 -4.91
CA HIS A 94 23.00 -11.84 -5.15
C HIS A 94 23.61 -11.13 -3.92
N ILE A 95 24.96 -11.07 -3.96
CA ILE A 95 25.85 -10.34 -3.00
C ILE A 95 25.85 -8.79 -3.24
N VAL A 96 25.19 -8.08 -2.32
CA VAL A 96 24.68 -6.73 -2.60
C VAL A 96 25.45 -5.58 -1.93
N CYS A 97 25.80 -4.53 -2.71
CA CYS A 97 25.99 -3.09 -2.21
C CYS A 97 26.27 -2.83 -0.70
N GLY A 98 25.24 -3.09 0.13
CA GLY A 98 25.20 -2.83 1.58
C GLY A 98 24.82 -1.38 1.79
N LYS A 99 25.73 -0.49 1.34
CA LYS A 99 25.55 0.96 1.45
C LYS A 99 25.78 1.78 0.14
N CYS A 100 25.08 1.32 -0.92
CA CYS A 100 24.59 2.12 -2.10
C CYS A 100 23.25 2.92 -1.89
N TYR A 101 22.91 3.82 -2.81
CA TYR A 101 21.55 4.41 -2.89
C TYR A 101 20.36 3.38 -2.82
N ALA A 102 20.29 2.42 -3.78
CA ALA A 102 19.18 1.43 -3.80
C ALA A 102 19.14 0.64 -2.47
N CYS A 103 20.33 0.21 -2.02
CA CYS A 103 20.62 -0.49 -0.72
C CYS A 103 20.30 0.24 0.62
N LYS A 104 20.73 1.52 0.77
CA LYS A 104 20.32 2.43 1.88
C LYS A 104 18.75 2.66 1.93
N HIS A 105 18.13 2.50 0.79
CA HIS A 105 16.73 2.60 0.63
C HIS A 105 16.05 1.22 0.72
N ASN A 106 16.79 0.21 1.23
CA ASN A 106 16.31 -1.18 1.33
C ASN A 106 15.70 -1.78 0.04
N ARG A 107 16.37 -1.55 -1.10
CA ARG A 107 15.99 -2.13 -2.41
C ARG A 107 17.04 -3.16 -2.89
N TYR A 108 17.29 -4.21 -2.09
CA TYR A 108 18.36 -5.25 -2.23
C TYR A 108 18.27 -6.24 -3.41
N HIS A 109 17.18 -6.15 -4.16
CA HIS A 109 16.84 -6.98 -5.33
C HIS A 109 17.19 -6.29 -6.65
N VAL A 110 17.00 -4.97 -6.65
CA VAL A 110 17.38 -4.00 -7.71
C VAL A 110 18.64 -3.17 -7.35
N CYS A 111 19.57 -3.82 -6.64
CA CYS A 111 20.71 -3.14 -6.04
C CYS A 111 22.00 -3.65 -6.66
N GLN A 112 23.01 -2.79 -6.65
CA GLN A 112 24.22 -2.94 -7.47
C GLN A 112 25.23 -4.05 -7.03
N ASN A 113 26.21 -4.23 -7.92
CA ASN A 113 27.64 -4.65 -7.65
C ASN A 113 28.08 -6.11 -7.17
N THR A 114 28.89 -6.14 -6.09
CA THR A 114 30.12 -7.00 -5.84
C THR A 114 30.44 -8.39 -6.55
N LYS A 115 29.84 -9.51 -6.16
CA LYS A 115 30.15 -10.78 -6.87
C LYS A 115 28.87 -11.58 -7.03
N ILE A 116 28.86 -12.53 -7.98
CA ILE A 116 27.86 -13.61 -7.96
C ILE A 116 28.53 -14.93 -7.59
N PHE A 117 27.87 -15.65 -6.69
CA PHE A 117 28.29 -16.95 -6.20
C PHE A 117 27.89 -18.06 -7.16
N GLY A 118 28.84 -18.88 -7.59
CA GLY A 118 28.55 -19.90 -8.60
C GLY A 118 28.89 -19.47 -10.03
N VAL A 119 29.09 -18.16 -10.17
CA VAL A 119 29.43 -17.48 -11.47
C VAL A 119 30.84 -16.88 -11.47
N ASP A 120 31.08 -15.96 -10.52
CA ASP A 120 32.38 -15.32 -10.26
C ASP A 120 33.31 -16.08 -9.28
N MET A 121 32.79 -17.06 -8.54
CA MET A 121 33.60 -17.97 -7.72
C MET A 121 33.02 -19.39 -7.80
N ASP A 122 33.62 -20.33 -7.09
CA ASP A 122 33.15 -21.73 -7.11
C ASP A 122 31.73 -21.88 -6.57
N GLY A 123 30.96 -22.77 -7.16
CA GLY A 123 29.58 -22.98 -6.74
C GLY A 123 29.56 -24.22 -5.89
N VAL A 124 28.55 -25.08 -6.08
CA VAL A 124 28.13 -25.95 -5.03
C VAL A 124 27.79 -27.31 -5.57
N PHE A 125 28.15 -27.57 -6.83
CA PHE A 125 27.96 -28.94 -7.37
C PHE A 125 29.22 -29.67 -7.03
N ALA A 126 29.32 -30.04 -5.74
CA ALA A 126 30.45 -30.70 -5.06
C ALA A 126 29.89 -31.35 -3.76
N HIS A 127 30.61 -32.30 -3.16
CA HIS A 127 30.20 -32.78 -1.85
C HIS A 127 30.27 -31.68 -0.76
N TYR A 128 31.18 -30.69 -0.83
CA TYR A 128 31.37 -29.65 0.17
C TYR A 128 31.47 -28.31 -0.61
N ALA A 129 31.10 -27.14 -0.05
CA ALA A 129 31.21 -25.85 -0.78
C ALA A 129 31.46 -24.77 0.18
N ILE A 130 32.34 -23.82 -0.14
CA ILE A 130 32.52 -22.58 0.62
C ILE A 130 31.33 -21.65 0.32
N VAL A 131 30.77 -21.00 1.35
CA VAL A 131 29.56 -20.20 1.26
C VAL A 131 29.91 -19.02 2.12
N PRO A 132 29.86 -17.80 1.54
CA PRO A 132 30.13 -16.63 2.38
C PRO A 132 28.97 -16.47 3.38
N ALA A 133 29.36 -16.30 4.65
CA ALA A 133 28.42 -16.35 5.74
C ALA A 133 27.34 -15.29 5.62
N LYS A 134 27.62 -14.16 4.99
CA LYS A 134 26.57 -13.17 4.82
C LYS A 134 25.51 -13.43 3.76
N ASN A 135 25.74 -14.42 2.92
CA ASN A 135 24.75 -14.94 1.95
C ASN A 135 23.92 -16.14 2.42
N ALA A 136 24.11 -16.53 3.69
CA ALA A 136 23.50 -17.76 4.21
C ALA A 136 22.15 -17.52 4.82
N TRP A 137 21.26 -18.40 4.46
CA TRP A 137 19.93 -18.42 5.02
C TRP A 137 19.72 -19.71 5.84
N LYS A 138 19.44 -19.55 7.12
CA LYS A 138 19.08 -20.71 7.92
C LYS A 138 17.74 -21.36 7.62
N ASN A 139 17.65 -22.66 7.34
CA ASN A 139 16.38 -23.34 7.09
C ASN A 139 15.84 -24.00 8.40
N PRO A 140 14.52 -24.32 8.52
CA PRO A 140 14.04 -25.13 9.60
C PRO A 140 14.64 -26.50 9.47
N LYS A 141 14.76 -27.29 10.58
CA LYS A 141 15.52 -28.56 10.46
C LYS A 141 14.74 -29.65 9.89
N ASP A 142 13.40 -29.57 9.94
CA ASP A 142 12.62 -30.61 9.28
C ASP A 142 12.30 -30.33 7.77
N MET A 143 12.98 -29.36 7.10
CA MET A 143 12.63 -29.04 5.73
C MET A 143 13.43 -29.89 4.80
N PRO A 144 12.74 -30.72 3.99
CA PRO A 144 13.41 -31.53 2.98
C PRO A 144 14.44 -30.79 2.23
N PRO A 145 15.64 -31.31 2.10
CA PRO A 145 16.71 -30.54 1.39
C PRO A 145 16.41 -30.25 -0.07
N GLU A 146 15.41 -30.95 -0.64
CA GLU A 146 15.18 -30.88 -2.05
C GLU A 146 14.26 -29.68 -2.33
N TYR A 147 13.23 -29.48 -1.50
CA TYR A 147 12.60 -28.17 -1.26
C TYR A 147 13.48 -27.02 -0.88
N ALA A 148 14.25 -27.13 0.20
CA ALA A 148 15.13 -26.05 0.57
C ALA A 148 15.93 -25.51 -0.61
N ALA A 149 16.26 -26.39 -1.55
CA ALA A 149 17.19 -26.07 -2.69
C ALA A 149 16.49 -25.22 -3.83
N LEU A 150 15.19 -25.46 -4.07
CA LEU A 150 14.28 -24.55 -4.76
C LEU A 150 14.13 -23.11 -4.21
N GLN A 151 14.81 -22.73 -3.16
CA GLN A 151 14.27 -21.54 -2.49
C GLN A 151 14.59 -20.26 -3.22
N GLU A 152 15.73 -20.23 -3.87
CA GLU A 152 16.08 -19.05 -4.67
C GLU A 152 15.09 -18.86 -5.82
N PRO A 153 14.95 -19.91 -6.65
CA PRO A 153 14.02 -19.54 -7.69
C PRO A 153 12.64 -19.41 -7.17
N LEU A 154 12.27 -20.17 -6.14
CA LEU A 154 10.92 -19.99 -5.55
C LEU A 154 10.72 -18.56 -5.06
N GLY A 155 11.74 -17.86 -4.69
CA GLY A 155 11.59 -16.52 -4.33
C GLY A 155 11.40 -15.57 -5.50
N ASN A 156 11.91 -15.94 -6.67
CA ASN A 156 11.53 -15.31 -7.95
C ASN A 156 10.07 -15.46 -8.14
N ALA A 157 9.56 -16.67 -8.03
CA ALA A 157 8.13 -16.81 -8.17
C ALA A 157 7.33 -16.07 -7.02
N VAL A 158 7.81 -15.94 -5.79
CA VAL A 158 7.03 -15.23 -4.70
C VAL A 158 7.03 -13.76 -5.02
N ASP A 159 8.15 -13.15 -5.39
CA ASP A 159 8.20 -11.73 -5.75
C ASP A 159 7.26 -11.40 -6.94
N THR A 160 6.99 -12.40 -7.77
CA THR A 160 6.20 -12.22 -8.95
C THR A 160 4.77 -12.36 -8.56
N VAL A 161 4.41 -13.48 -7.98
CA VAL A 161 3.04 -13.78 -7.62
C VAL A 161 2.39 -12.77 -6.69
N LEU A 162 3.18 -12.17 -5.83
CA LEU A 162 2.75 -11.45 -4.73
C LEU A 162 3.28 -10.02 -4.74
N ALA A 163 3.58 -9.51 -5.91
CA ALA A 163 3.88 -8.09 -6.07
C ALA A 163 2.62 -7.32 -5.62
N GLY A 164 1.45 -7.94 -5.57
CA GLY A 164 0.34 -7.33 -4.90
C GLY A 164 -0.59 -8.42 -4.39
N PRO A 165 -1.79 -8.09 -3.96
CA PRO A 165 -2.65 -9.18 -3.47
C PRO A 165 -3.09 -10.15 -4.57
N ILE A 166 -3.43 -11.42 -4.24
CA ILE A 166 -3.91 -12.45 -5.21
C ILE A 166 -5.00 -13.36 -4.66
N ALA A 167 -5.23 -13.38 -3.36
CA ALA A 167 -6.25 -14.28 -2.78
C ALA A 167 -7.55 -13.97 -3.43
N GLY A 168 -8.21 -14.91 -4.11
CA GLY A 168 -9.50 -14.78 -4.68
C GLY A 168 -9.43 -14.15 -6.01
N ARG A 169 -8.24 -14.04 -6.62
CA ARG A 169 -8.09 -13.34 -7.91
C ARG A 169 -7.88 -14.19 -9.15
N SER A 170 -8.63 -13.95 -10.22
CA SER A 170 -8.41 -14.56 -11.50
C SER A 170 -6.98 -14.23 -11.96
N THR A 171 -6.24 -15.26 -12.36
CA THR A 171 -4.81 -15.06 -12.56
C THR A 171 -4.46 -15.69 -13.91
N LEU A 172 -3.66 -14.95 -14.70
CA LEU A 172 -3.06 -15.55 -15.94
C LEU A 172 -1.60 -15.60 -15.85
N ILE A 173 -1.11 -16.81 -16.10
CA ILE A 173 0.37 -17.00 -16.10
C ILE A 173 0.81 -17.31 -17.45
N THR A 174 1.70 -16.50 -17.95
CA THR A 174 2.34 -16.96 -19.20
C THR A 174 3.75 -17.56 -18.98
N GLY A 175 3.82 -18.83 -19.43
CA GLY A 175 5.09 -19.60 -19.48
C GLY A 175 5.11 -20.54 -18.27
N ALA A 176 5.24 -21.86 -18.52
CA ALA A 176 5.26 -22.93 -17.54
C ALA A 176 6.61 -23.68 -17.59
N GLY A 177 7.66 -22.91 -17.75
CA GLY A 177 9.01 -23.36 -17.47
C GLY A 177 9.18 -23.56 -15.96
N PRO A 178 10.41 -23.90 -15.55
CA PRO A 178 10.60 -24.13 -14.09
C PRO A 178 10.06 -22.99 -13.22
N LEU A 179 10.41 -21.76 -13.50
CA LEU A 179 9.94 -20.64 -12.69
C LEU A 179 8.45 -20.45 -12.74
N GLY A 180 7.86 -20.65 -13.92
CA GLY A 180 6.42 -20.55 -14.09
C GLY A 180 5.65 -21.62 -13.39
N LEU A 181 6.17 -22.86 -13.37
CA LEU A 181 5.58 -23.93 -12.58
C LEU A 181 5.63 -23.62 -11.02
N LEU A 182 6.67 -22.95 -10.60
CA LEU A 182 6.83 -22.65 -9.19
C LEU A 182 5.84 -21.49 -8.87
N GLY A 183 5.86 -20.45 -9.73
CA GLY A 183 4.84 -19.45 -9.85
C GLY A 183 3.45 -20.01 -9.72
N ILE A 184 3.09 -21.09 -10.41
CA ILE A 184 1.71 -21.55 -10.21
C ILE A 184 1.50 -22.16 -8.80
N ALA A 185 2.57 -22.76 -8.23
CA ALA A 185 2.55 -23.43 -6.98
C ALA A 185 2.30 -22.35 -5.93
N VAL A 186 3.11 -21.25 -5.94
CA VAL A 186 2.91 -20.10 -5.11
C VAL A 186 1.49 -19.51 -5.22
N ALA A 187 0.94 -19.38 -6.44
CA ALA A 187 -0.37 -18.69 -6.63
C ALA A 187 -1.50 -19.43 -6.00
N LYS A 188 -1.50 -20.71 -6.22
CA LYS A 188 -2.54 -21.54 -5.63
C LYS A 188 -2.41 -21.61 -4.09
N ALA A 189 -1.21 -21.63 -3.56
CA ALA A 189 -1.08 -21.64 -2.08
C ALA A 189 -1.57 -20.28 -1.50
N SER A 190 -1.35 -19.20 -2.26
CA SER A 190 -1.89 -17.86 -2.01
C SER A 190 -3.32 -17.65 -2.36
N GLY A 191 -4.04 -18.67 -2.80
CA GLY A 191 -5.54 -18.46 -2.95
C GLY A 191 -6.08 -17.89 -4.25
N ALA A 192 -5.20 -17.86 -5.27
CA ALA A 192 -5.58 -17.39 -6.60
C ALA A 192 -6.55 -18.34 -7.16
N TYR A 193 -7.57 -17.85 -7.89
CA TYR A 193 -8.57 -18.70 -8.48
C TYR A 193 -9.40 -17.95 -9.54
N PRO A 194 -9.54 -18.51 -10.78
CA PRO A 194 -8.81 -19.65 -11.41
C PRO A 194 -7.43 -19.24 -11.76
N VAL A 195 -6.44 -20.11 -11.66
CA VAL A 195 -5.16 -19.83 -12.22
C VAL A 195 -5.28 -20.40 -13.67
N ILE A 196 -5.03 -19.54 -14.63
CA ILE A 196 -5.02 -19.89 -16.07
C ILE A 196 -3.62 -19.80 -16.59
N VAL A 197 -3.21 -20.90 -17.21
CA VAL A 197 -1.80 -20.90 -17.70
C VAL A 197 -1.76 -21.00 -19.21
N SER A 198 -0.92 -20.16 -19.75
CA SER A 198 -0.75 -20.16 -21.20
C SER A 198 0.64 -20.62 -21.50
N GLU A 199 0.68 -21.81 -22.14
CA GLU A 199 1.92 -22.50 -22.45
C GLU A 199 1.90 -23.32 -23.79
N PRO A 200 2.87 -23.06 -24.70
CA PRO A 200 2.98 -23.82 -25.98
C PRO A 200 3.37 -25.33 -25.81
N SER A 201 4.48 -25.61 -25.08
CA SER A 201 4.92 -26.95 -24.66
C SER A 201 3.89 -27.82 -23.95
N GLU A 202 3.48 -28.92 -24.61
CA GLU A 202 2.54 -29.93 -24.08
C GLU A 202 3.04 -30.62 -22.88
N PHE A 203 4.34 -30.77 -22.75
CA PHE A 203 4.95 -31.46 -21.58
C PHE A 203 4.82 -30.52 -20.35
N ARG A 204 5.19 -29.26 -20.60
CA ARG A 204 5.09 -28.16 -19.67
C ARG A 204 3.64 -27.81 -19.15
N ARG A 205 2.64 -27.95 -20.03
CA ARG A 205 1.23 -27.99 -19.61
C ARG A 205 0.82 -29.25 -18.83
N LYS A 206 1.30 -30.45 -19.16
CA LYS A 206 1.03 -31.57 -18.27
C LYS A 206 1.42 -31.16 -16.82
N LEU A 207 2.63 -30.57 -16.70
CA LEU A 207 3.29 -30.16 -15.45
C LEU A 207 2.48 -29.06 -14.81
N ALA A 208 2.13 -28.00 -15.56
CA ALA A 208 1.22 -26.94 -15.12
C ALA A 208 -0.05 -27.50 -14.49
N LYS A 209 -0.70 -28.45 -15.16
CA LYS A 209 -1.94 -29.07 -14.68
C LYS A 209 -1.74 -29.89 -13.42
N LYS A 210 -0.48 -30.31 -13.19
CA LYS A 210 -0.15 -31.24 -12.10
C LYS A 210 0.12 -30.45 -10.77
N VAL A 211 1.04 -29.48 -10.87
CA VAL A 211 1.32 -28.41 -9.95
C VAL A 211 0.03 -27.84 -9.39
N GLY A 212 -1.03 -27.72 -10.18
CA GLY A 212 -2.38 -27.36 -9.72
C GLY A 212 -3.09 -26.22 -10.44
N ALA A 213 -2.52 -25.64 -11.51
CA ALA A 213 -3.27 -24.84 -12.52
C ALA A 213 -4.73 -25.21 -12.80
N ASP A 214 -5.66 -24.25 -12.92
CA ASP A 214 -7.07 -24.64 -12.98
C ASP A 214 -7.57 -24.81 -14.47
N TYR A 215 -6.86 -24.15 -15.37
CA TYR A 215 -7.01 -24.14 -16.79
C TYR A 215 -5.63 -23.95 -17.41
N VAL A 216 -5.41 -24.64 -18.55
CA VAL A 216 -4.19 -24.44 -19.37
C VAL A 216 -4.63 -24.34 -20.78
N VAL A 217 -4.08 -23.34 -21.45
CA VAL A 217 -4.35 -23.09 -22.83
C VAL A 217 -3.03 -23.13 -23.60
N ASN A 218 -3.11 -23.65 -24.83
CA ASN A 218 -1.98 -23.72 -25.78
C ASN A 218 -2.12 -22.53 -26.72
N PRO A 219 -1.29 -21.46 -26.56
CA PRO A 219 -1.46 -20.24 -27.39
C PRO A 219 -1.32 -20.50 -28.92
N PHE A 220 -0.22 -21.14 -29.37
CA PHE A 220 -0.11 -21.80 -30.75
C PHE A 220 -1.31 -22.58 -31.25
N GLU A 221 -2.26 -22.89 -30.39
CA GLU A 221 -3.35 -23.72 -30.83
C GLU A 221 -4.76 -23.11 -30.73
N GLU A 222 -4.91 -22.07 -29.93
CA GLU A 222 -6.21 -21.48 -29.56
C GLU A 222 -5.88 -20.12 -28.92
N ASP A 223 -6.81 -19.15 -29.02
CA ASP A 223 -6.44 -17.77 -28.76
C ASP A 223 -6.45 -17.60 -27.21
N PRO A 224 -5.25 -17.29 -26.62
CA PRO A 224 -5.18 -17.34 -25.14
C PRO A 224 -6.10 -16.19 -24.53
N VAL A 225 -6.16 -14.98 -25.18
CA VAL A 225 -7.05 -13.86 -24.81
C VAL A 225 -8.51 -14.31 -24.85
N LYS A 226 -8.92 -15.00 -25.89
CA LYS A 226 -10.30 -15.44 -25.99
C LYS A 226 -10.53 -16.47 -24.95
N PHE A 227 -9.52 -17.27 -24.68
CA PHE A 227 -9.68 -18.34 -23.66
C PHE A 227 -10.03 -17.74 -22.22
N VAL A 228 -9.20 -16.78 -21.79
CA VAL A 228 -9.39 -15.99 -20.60
C VAL A 228 -10.79 -15.31 -20.56
N MET A 229 -11.20 -14.56 -21.60
CA MET A 229 -12.61 -14.02 -21.70
C MET A 229 -13.67 -15.10 -21.64
N ASP A 230 -13.48 -16.29 -22.21
CA ASP A 230 -14.42 -17.40 -21.90
C ASP A 230 -14.49 -17.66 -20.39
N ILE A 231 -13.37 -17.69 -19.72
CA ILE A 231 -13.43 -18.11 -18.29
C ILE A 231 -13.92 -16.98 -17.38
N THR A 232 -13.28 -15.83 -17.48
CA THR A 232 -13.63 -14.65 -16.78
C THR A 232 -14.94 -13.95 -17.27
N ASP A 233 -15.86 -14.69 -17.88
CA ASP A 233 -17.00 -14.09 -18.56
C ASP A 233 -16.85 -12.69 -19.12
N GLY A 234 -15.79 -12.36 -19.85
CA GLY A 234 -15.62 -11.05 -20.38
C GLY A 234 -14.80 -10.09 -19.51
N ALA A 235 -14.64 -10.40 -18.23
CA ALA A 235 -13.97 -9.44 -17.37
C ALA A 235 -12.46 -9.29 -17.62
N GLY A 236 -11.83 -10.38 -18.11
CA GLY A 236 -10.29 -10.48 -18.10
C GLY A 236 -9.81 -10.93 -16.70
N VAL A 237 -8.49 -11.06 -16.48
CA VAL A 237 -7.97 -11.60 -15.25
C VAL A 237 -7.57 -10.48 -14.26
N GLU A 238 -7.79 -10.68 -12.99
CA GLU A 238 -7.33 -9.56 -12.13
C GLU A 238 -5.85 -9.37 -12.15
N VAL A 239 -5.11 -10.47 -12.34
CA VAL A 239 -3.66 -10.55 -12.17
C VAL A 239 -2.97 -11.27 -13.39
N PHE A 240 -1.98 -10.60 -13.95
CA PHE A 240 -1.22 -11.17 -15.02
C PHE A 240 0.28 -11.14 -14.66
N LEU A 241 0.78 -12.35 -14.63
CA LEU A 241 2.17 -12.76 -14.36
C LEU A 241 2.90 -13.34 -15.65
N GLU A 242 3.93 -12.60 -16.03
CA GLU A 242 4.73 -12.86 -17.14
C GLU A 242 6.04 -13.61 -16.83
N PHE A 243 5.97 -14.89 -17.15
CA PHE A 243 7.07 -15.84 -16.92
C PHE A 243 7.97 -16.12 -18.19
N SER A 244 7.35 -16.32 -19.34
CA SER A 244 8.03 -16.60 -20.64
C SER A 244 9.15 -15.71 -21.19
N GLY A 245 9.07 -14.37 -21.10
CA GLY A 245 9.77 -13.50 -22.07
C GLY A 245 9.35 -13.53 -23.58
N ALA A 246 8.20 -14.09 -23.92
CA ALA A 246 7.85 -14.12 -25.27
C ALA A 246 7.10 -12.74 -25.63
N PRO A 247 7.63 -11.88 -26.60
CA PRO A 247 6.87 -10.66 -26.96
C PRO A 247 5.40 -10.85 -27.11
N LYS A 248 4.95 -11.87 -27.80
CA LYS A 248 3.54 -12.09 -27.96
C LYS A 248 2.76 -12.36 -26.71
N ALA A 249 3.40 -12.85 -25.68
CA ALA A 249 2.65 -13.21 -24.51
C ALA A 249 2.53 -11.95 -23.69
N LEU A 250 3.51 -11.03 -23.63
CA LEU A 250 3.25 -9.67 -23.10
C LEU A 250 1.94 -9.04 -23.68
N GLU A 251 1.96 -8.72 -24.98
CA GLU A 251 0.74 -8.29 -25.61
C GLU A 251 -0.43 -9.02 -25.12
N GLN A 252 -0.42 -10.33 -25.26
CA GLN A 252 -1.65 -11.05 -25.03
C GLN A 252 -2.18 -10.91 -23.58
N GLY A 253 -1.33 -10.94 -22.59
CA GLY A 253 -1.72 -10.85 -21.18
C GLY A 253 -2.14 -9.42 -20.96
N LEU A 254 -1.41 -8.49 -21.63
CA LEU A 254 -1.78 -7.09 -21.47
C LEU A 254 -3.23 -6.90 -21.95
N LYS A 255 -3.70 -7.73 -22.90
CA LYS A 255 -5.06 -7.65 -23.40
C LYS A 255 -6.00 -8.35 -22.58
N ALA A 256 -5.52 -9.42 -21.92
CA ALA A 256 -6.46 -10.17 -21.06
C ALA A 256 -6.64 -9.66 -19.64
N VAL A 257 -5.77 -8.84 -19.11
CA VAL A 257 -6.00 -8.28 -17.79
C VAL A 257 -7.19 -7.27 -17.74
N THR A 258 -7.86 -7.21 -16.62
CA THR A 258 -8.97 -6.36 -16.43
C THR A 258 -8.48 -4.89 -16.24
N PRO A 259 -9.31 -3.94 -16.61
CA PRO A 259 -9.00 -2.62 -16.21
C PRO A 259 -8.92 -2.54 -14.66
N GLY A 260 -7.92 -1.76 -14.26
CA GLY A 260 -7.48 -1.66 -12.89
C GLY A 260 -6.74 -2.89 -12.37
N GLY A 261 -6.43 -3.89 -13.23
CA GLY A 261 -5.73 -5.11 -12.78
C GLY A 261 -4.27 -4.88 -12.58
N ARG A 262 -3.46 -5.95 -12.29
CA ARG A 262 -2.08 -5.76 -11.84
C ARG A 262 -1.28 -6.71 -12.60
N VAL A 263 -0.06 -6.30 -13.01
CA VAL A 263 0.81 -7.02 -13.78
C VAL A 263 2.19 -7.12 -13.17
N SER A 264 2.73 -8.36 -13.21
CA SER A 264 4.15 -8.71 -12.77
C SER A 264 4.88 -9.29 -14.00
N LEU A 265 5.91 -8.59 -14.35
CA LEU A 265 6.83 -8.83 -15.44
C LEU A 265 8.16 -9.44 -14.95
N LEU A 266 8.30 -10.79 -15.12
CA LEU A 266 9.57 -11.46 -14.67
C LEU A 266 10.41 -11.97 -15.91
N GLY A 267 9.77 -12.72 -16.83
CA GLY A 267 10.42 -13.15 -18.07
C GLY A 267 11.19 -12.03 -18.81
N LEU A 268 12.38 -12.38 -19.31
CA LEU A 268 13.25 -11.46 -20.00
C LEU A 268 13.06 -11.60 -21.54
N PHE A 269 13.06 -10.45 -22.26
CA PHE A 269 12.57 -10.48 -23.62
C PHE A 269 13.76 -10.65 -24.56
N PRO A 270 13.56 -11.21 -25.80
CA PRO A 270 14.76 -11.31 -26.73
C PRO A 270 15.18 -10.01 -27.42
N ARG A 271 14.23 -9.05 -27.48
CA ARG A 271 14.20 -7.69 -28.19
C ARG A 271 13.21 -6.67 -27.40
N GLU A 272 13.40 -5.38 -27.58
CA GLU A 272 12.38 -4.34 -27.44
C GLU A 272 11.01 -4.74 -27.94
N VAL A 273 9.96 -4.43 -27.25
CA VAL A 273 8.66 -4.95 -27.68
C VAL A 273 7.91 -3.69 -28.04
N THR A 274 6.86 -3.86 -28.87
CA THR A 274 6.12 -2.72 -29.46
C THR A 274 4.79 -2.84 -28.77
N ILE A 275 4.39 -1.80 -27.99
CA ILE A 275 3.18 -1.94 -27.13
C ILE A 275 2.20 -0.84 -27.35
N ASP A 276 0.95 -1.18 -27.53
CA ASP A 276 -0.02 -0.11 -27.49
C ASP A 276 -0.25 0.31 -26.02
N PHE A 277 0.57 1.22 -25.55
CA PHE A 277 0.41 1.87 -24.24
C PHE A 277 -0.97 2.44 -23.92
N ASN A 278 -1.59 3.16 -24.86
CA ASN A 278 -2.83 3.85 -24.60
C ASN A 278 -3.80 2.84 -24.24
N ASN A 279 -3.90 1.84 -25.04
CA ASN A 279 -5.07 0.99 -24.95
C ASN A 279 -4.91 -0.03 -23.91
N LEU A 280 -3.65 -0.42 -23.66
CA LEU A 280 -3.31 -1.60 -22.83
C LEU A 280 -2.83 -1.18 -21.48
N ILE A 281 -2.26 -0.01 -21.27
CA ILE A 281 -1.90 0.41 -19.91
C ILE A 281 -2.45 1.70 -19.24
N ILE A 282 -2.48 2.79 -19.96
CA ILE A 282 -3.05 4.04 -19.59
C ILE A 282 -4.56 3.95 -19.54
N PHE A 283 -5.25 3.75 -20.63
CA PHE A 283 -6.73 3.50 -20.46
C PHE A 283 -7.20 2.34 -19.61
N LYS A 284 -6.37 1.31 -19.40
CA LYS A 284 -6.82 0.21 -18.55
C LYS A 284 -6.42 0.45 -17.03
N ALA A 285 -5.78 1.57 -16.76
CA ALA A 285 -5.21 1.96 -15.51
C ALA A 285 -4.44 0.78 -14.81
N LEU A 286 -3.45 0.19 -15.50
CA LEU A 286 -2.68 -0.95 -14.97
C LEU A 286 -1.66 -0.48 -13.99
N GLU A 287 -1.40 -1.39 -13.08
CA GLU A 287 -0.28 -1.24 -12.19
C GLU A 287 0.69 -2.33 -12.65
N VAL A 288 1.84 -1.94 -13.16
CA VAL A 288 2.67 -2.92 -13.77
C VAL A 288 3.90 -2.97 -12.95
N HIS A 289 4.30 -4.18 -12.55
CA HIS A 289 5.51 -4.38 -11.80
C HIS A 289 6.56 -5.13 -12.52
N GLY A 290 7.75 -4.53 -12.56
CA GLY A 290 8.93 -5.13 -13.01
C GLY A 290 9.57 -5.85 -11.83
N ILE A 291 9.94 -7.15 -12.00
CA ILE A 291 10.39 -8.00 -10.88
C ILE A 291 11.75 -8.57 -11.18
N THR A 292 12.69 -8.27 -10.35
CA THR A 292 13.95 -8.92 -10.52
C THR A 292 14.56 -9.21 -9.13
N GLY A 293 15.43 -10.23 -8.97
CA GLY A 293 16.15 -10.39 -7.68
C GLY A 293 15.16 -10.77 -6.52
N ARG A 294 15.57 -10.50 -5.27
CA ARG A 294 14.81 -11.02 -4.16
C ARG A 294 14.93 -10.03 -3.00
N HIS A 295 13.80 -9.75 -2.36
CA HIS A 295 13.82 -8.88 -1.23
C HIS A 295 14.56 -9.55 -0.05
N LEU A 296 15.62 -8.88 0.34
CA LEU A 296 16.43 -9.29 1.45
C LEU A 296 15.93 -8.69 2.82
N TRP A 297 15.29 -9.55 3.66
CA TRP A 297 15.18 -10.99 3.46
C TRP A 297 13.70 -11.28 3.57
N GLU A 298 12.83 -10.28 3.45
CA GLU A 298 11.39 -10.53 3.32
C GLU A 298 10.98 -11.68 2.41
N THR A 299 11.65 -11.87 1.27
CA THR A 299 11.06 -12.88 0.29
C THR A 299 11.40 -14.28 0.77
N TRP A 300 12.57 -14.40 1.42
CA TRP A 300 12.99 -15.65 2.00
C TRP A 300 12.08 -16.12 3.19
N TYR A 301 11.61 -15.21 4.03
CA TYR A 301 10.72 -15.53 5.07
C TYR A 301 9.48 -16.12 4.47
N THR A 302 8.90 -15.50 3.46
CA THR A 302 7.70 -15.97 2.82
C THR A 302 7.87 -17.30 2.18
N VAL A 303 8.94 -17.47 1.38
CA VAL A 303 9.30 -18.75 0.77
C VAL A 303 9.41 -19.88 1.82
N SER A 304 10.19 -19.61 2.88
CA SER A 304 10.38 -20.59 3.92
C SER A 304 9.14 -21.13 4.53
N SER A 305 8.18 -20.22 4.69
CA SER A 305 7.05 -20.46 5.38
C SER A 305 6.02 -21.02 4.46
N LEU A 306 5.90 -20.63 3.22
CA LEU A 306 4.94 -21.36 2.36
C LEU A 306 5.46 -22.79 2.13
N ILE A 307 6.75 -23.02 2.02
CA ILE A 307 7.29 -24.41 1.97
C ILE A 307 6.88 -25.27 3.18
N GLN A 308 7.16 -24.78 4.36
CA GLN A 308 6.72 -25.36 5.62
C GLN A 308 5.25 -25.53 5.75
N SER A 309 4.40 -24.67 5.16
CA SER A 309 2.93 -24.91 5.24
C SER A 309 2.50 -26.18 4.52
N GLY A 310 3.38 -26.78 3.71
CA GLY A 310 2.94 -27.90 2.85
C GLY A 310 1.93 -27.54 1.73
N LYS A 311 1.65 -26.24 1.52
CA LYS A 311 0.61 -25.85 0.57
C LYS A 311 1.21 -25.62 -0.83
N LEU A 312 2.57 -25.52 -0.97
CA LEU A 312 3.28 -25.57 -2.25
C LEU A 312 3.30 -26.97 -2.84
N ASN A 313 2.76 -27.15 -4.04
CA ASN A 313 2.82 -28.49 -4.68
C ASN A 313 4.04 -28.64 -5.45
N LEU A 314 5.16 -28.94 -4.75
CA LEU A 314 6.49 -28.90 -5.37
C LEU A 314 6.90 -30.24 -5.99
N ASP A 315 6.26 -31.32 -5.57
CA ASP A 315 6.70 -32.69 -5.92
C ASP A 315 6.77 -32.79 -7.52
N PRO A 316 5.66 -32.38 -8.26
CA PRO A 316 5.70 -32.45 -9.71
C PRO A 316 6.83 -31.68 -10.33
N ILE A 317 7.15 -30.53 -9.79
CA ILE A 317 8.20 -29.72 -10.42
C ILE A 317 9.57 -30.43 -10.42
N ILE A 318 9.86 -31.17 -9.35
CA ILE A 318 11.17 -31.87 -9.25
C ILE A 318 11.01 -33.19 -10.06
N THR A 319 11.52 -33.13 -11.29
CA THR A 319 11.09 -34.24 -12.17
C THR A 319 12.20 -35.28 -12.07
N HIS A 320 13.40 -34.79 -11.71
CA HIS A 320 14.70 -35.55 -11.69
C HIS A 320 15.49 -35.29 -10.45
N LYS A 321 15.76 -36.38 -9.72
CA LYS A 321 16.81 -36.44 -8.63
C LYS A 321 17.89 -37.55 -8.82
N TYR A 322 19.12 -37.19 -8.56
CA TYR A 322 20.28 -37.87 -9.02
C TYR A 322 21.12 -38.02 -7.72
N LYS A 323 21.51 -39.26 -7.42
CA LYS A 323 22.30 -39.60 -6.25
C LYS A 323 23.72 -39.43 -6.68
N GLY A 324 24.53 -38.62 -6.02
CA GLY A 324 25.77 -38.16 -6.59
C GLY A 324 25.74 -37.50 -8.00
N PHE A 325 26.90 -37.22 -8.49
CA PHE A 325 27.12 -36.43 -9.64
C PHE A 325 27.45 -37.24 -10.90
N ASP A 326 27.08 -38.53 -10.90
CA ASP A 326 27.58 -39.45 -11.94
C ASP A 326 26.87 -39.26 -13.27
N LYS A 327 25.57 -38.95 -13.18
CA LYS A 327 24.73 -38.68 -14.33
C LYS A 327 24.57 -37.19 -14.70
N PHE A 328 25.54 -36.39 -14.28
CA PHE A 328 25.55 -35.01 -14.59
C PHE A 328 25.28 -34.67 -16.04
N GLU A 329 25.88 -35.42 -16.97
CA GLU A 329 25.75 -35.17 -18.42
C GLU A 329 24.35 -35.35 -18.90
N GLU A 330 23.72 -36.47 -18.48
CA GLU A 330 22.32 -36.78 -18.75
C GLU A 330 21.35 -35.72 -18.12
N ALA A 331 21.66 -35.23 -16.92
CA ALA A 331 20.89 -34.18 -16.28
C ALA A 331 20.85 -32.91 -17.14
N PHE A 332 22.01 -32.30 -17.41
CA PHE A 332 22.09 -31.18 -18.32
C PHE A 332 21.49 -31.40 -19.68
N GLU A 333 21.73 -32.57 -20.27
CA GLU A 333 21.05 -32.93 -21.54
C GLU A 333 19.56 -32.99 -21.50
N LEU A 334 18.94 -33.59 -20.47
CA LEU A 334 17.46 -33.62 -20.45
C LEU A 334 16.86 -32.21 -20.23
N MET A 335 17.59 -31.46 -19.42
CA MET A 335 17.42 -30.03 -19.26
C MET A 335 17.46 -29.25 -20.59
N ARG A 336 18.62 -29.22 -21.29
CA ARG A 336 18.69 -28.68 -22.70
C ARG A 336 17.57 -29.04 -23.65
N ALA A 337 17.21 -30.29 -23.66
CA ALA A 337 16.02 -30.79 -24.38
C ALA A 337 14.60 -30.44 -23.89
N GLY A 338 14.43 -29.61 -22.84
CA GLY A 338 13.11 -29.18 -22.31
C GLY A 338 12.35 -30.31 -21.67
N LYS A 339 13.08 -31.28 -21.07
CA LYS A 339 12.46 -32.50 -20.45
C LYS A 339 12.31 -32.60 -18.93
N THR A 340 12.76 -31.56 -18.27
CA THR A 340 12.95 -31.57 -16.88
C THR A 340 12.03 -30.47 -16.31
N GLY A 341 11.42 -30.73 -15.15
CA GLY A 341 10.92 -29.68 -14.29
C GLY A 341 12.15 -29.08 -13.68
N LYS A 342 12.25 -29.15 -12.37
CA LYS A 342 13.49 -28.86 -11.72
C LYS A 342 14.34 -30.15 -11.59
N VAL A 343 15.64 -29.99 -11.63
CA VAL A 343 16.54 -31.10 -11.42
C VAL A 343 17.40 -30.99 -10.16
N VAL A 344 17.36 -32.04 -9.30
CA VAL A 344 18.07 -32.14 -7.98
C VAL A 344 19.08 -33.30 -7.83
N PHE A 345 20.31 -32.90 -7.54
CA PHE A 345 21.39 -33.83 -7.14
C PHE A 345 21.43 -33.87 -5.62
N PHE A 346 21.64 -35.09 -5.10
CA PHE A 346 21.86 -35.43 -3.70
C PHE A 346 23.26 -35.98 -3.60
N PRO A 347 24.25 -35.12 -3.38
CA PRO A 347 25.67 -35.48 -3.45
C PRO A 347 26.27 -36.65 -2.58
N HIS A 348 25.53 -37.00 -1.49
CA HIS A 348 25.92 -37.92 -0.37
C HIS A 348 24.81 -38.91 -0.32
N LYS A 349 24.60 -39.65 -1.40
CA LYS A 349 23.26 -40.01 -1.83
C LYS A 349 22.24 -39.59 -0.82
N GLU B 3 -36.80 31.01 -23.66
CA GLU B 3 -35.60 31.59 -22.98
C GLU B 3 -34.36 31.22 -23.80
N LYS B 4 -33.52 32.21 -24.12
CA LYS B 4 -32.40 32.08 -25.05
C LYS B 4 -31.05 32.21 -24.36
N MET B 5 -29.99 31.66 -24.97
CA MET B 5 -28.60 31.86 -24.52
C MET B 5 -27.78 31.59 -25.75
N GLN B 6 -26.50 31.93 -25.56
CA GLN B 6 -25.33 31.52 -26.37
C GLN B 6 -24.54 30.27 -25.93
N ALA B 7 -24.04 29.59 -26.96
CA ALA B 7 -23.26 28.35 -26.81
C ALA B 7 -22.23 28.28 -27.92
N ILE B 8 -21.04 27.76 -27.57
CA ILE B 8 -19.99 27.43 -28.53
C ILE B 8 -20.28 26.05 -28.99
N MET B 9 -20.66 26.00 -30.25
CA MET B 9 -21.37 24.87 -30.79
C MET B 9 -20.63 24.30 -31.98
N LYS B 10 -20.62 22.98 -32.01
CA LYS B 10 -20.03 22.17 -33.09
C LYS B 10 -21.21 22.03 -34.01
N THR B 11 -21.24 22.84 -35.08
CA THR B 11 -22.43 22.84 -35.95
C THR B 11 -22.32 21.84 -37.07
N LYS B 12 -21.11 21.64 -37.60
CA LYS B 12 -20.91 20.78 -38.78
C LYS B 12 -19.63 19.96 -38.57
N PRO B 13 -19.46 18.84 -39.32
CA PRO B 13 -18.21 18.11 -39.31
C PRO B 13 -17.07 18.83 -40.00
N ALA B 14 -16.45 19.84 -39.40
CA ALA B 14 -15.25 20.50 -40.00
C ALA B 14 -14.43 21.17 -38.88
N TYR B 15 -13.22 21.64 -39.16
CA TYR B 15 -12.51 22.51 -38.22
C TYR B 15 -13.46 23.56 -37.68
N GLY B 16 -13.14 24.14 -36.49
CA GLY B 16 -13.91 25.29 -35.89
C GLY B 16 -15.24 24.99 -35.18
N ALA B 17 -15.98 26.03 -34.86
CA ALA B 17 -17.24 25.93 -34.09
C ALA B 17 -17.99 27.21 -34.37
N GLU B 18 -19.32 27.24 -34.24
CA GLU B 18 -20.05 28.52 -34.27
C GLU B 18 -20.56 28.94 -32.88
N LEU B 19 -20.30 30.20 -32.48
CA LEU B 19 -21.12 30.90 -31.44
C LEU B 19 -22.57 31.07 -31.88
N VAL B 20 -23.48 30.26 -31.36
CA VAL B 20 -24.84 30.33 -31.86
C VAL B 20 -25.85 30.64 -30.72
N GLU B 21 -27.04 31.14 -31.06
CA GLU B 21 -28.09 31.38 -30.08
C GLU B 21 -29.06 30.23 -30.04
N VAL B 22 -29.30 29.67 -28.85
CA VAL B 22 -30.15 28.46 -28.69
C VAL B 22 -31.08 28.72 -27.55
N ASP B 23 -32.10 27.89 -27.40
CA ASP B 23 -32.93 27.87 -26.22
C ASP B 23 -32.14 27.32 -25.04
N VAL B 24 -32.53 27.81 -23.86
CA VAL B 24 -32.04 27.44 -22.53
C VAL B 24 -32.75 26.14 -22.17
N PRO B 25 -31.95 25.08 -21.83
CA PRO B 25 -32.55 23.76 -21.56
C PRO B 25 -33.39 23.74 -20.27
N LYS B 26 -34.33 22.80 -20.21
CA LYS B 26 -35.17 22.64 -19.06
C LYS B 26 -34.68 21.35 -18.41
N PRO B 27 -34.36 21.38 -17.07
CA PRO B 27 -34.02 20.19 -16.29
C PRO B 27 -35.17 19.21 -16.02
N GLY B 28 -35.08 18.01 -16.53
CA GLY B 28 -36.01 16.98 -16.13
C GLY B 28 -35.56 16.29 -14.85
N PRO B 29 -36.11 15.11 -14.60
CA PRO B 29 -35.83 14.37 -13.35
C PRO B 29 -34.38 13.93 -13.23
N GLY B 30 -33.82 14.06 -12.02
CA GLY B 30 -32.39 13.84 -11.77
C GLY B 30 -31.44 14.92 -12.25
N GLU B 31 -31.99 16.01 -12.84
CA GLU B 31 -31.18 17.08 -13.43
C GLU B 31 -31.25 18.43 -12.71
N VAL B 32 -30.24 19.23 -12.96
CA VAL B 32 -30.04 20.48 -12.36
C VAL B 32 -29.70 21.44 -13.54
N LEU B 33 -30.13 22.71 -13.45
CA LEU B 33 -29.81 23.71 -14.48
C LEU B 33 -28.84 24.60 -13.80
N ILE B 34 -27.72 24.91 -14.43
CA ILE B 34 -26.75 25.78 -13.86
C ILE B 34 -26.54 26.97 -14.70
N LYS B 35 -26.30 28.08 -14.03
CA LYS B 35 -25.66 29.24 -14.62
C LYS B 35 -24.18 29.02 -14.71
N VAL B 36 -23.63 29.08 -15.89
CA VAL B 36 -22.19 28.86 -16.05
C VAL B 36 -21.33 30.09 -15.68
N LEU B 37 -20.60 30.02 -14.59
CA LEU B 37 -19.72 31.10 -14.21
C LEU B 37 -18.32 31.14 -14.78
N ALA B 38 -17.71 29.96 -14.93
CA ALA B 38 -16.37 29.82 -15.55
C ALA B 38 -16.28 28.45 -16.14
N THR B 39 -15.62 28.33 -17.27
CA THR B 39 -15.39 27.07 -18.02
C THR B 39 -14.01 27.20 -18.75
N SER B 40 -13.07 26.23 -18.51
CA SER B 40 -11.82 26.09 -19.23
C SER B 40 -11.89 25.18 -20.43
N ILE B 41 -10.93 25.38 -21.34
CA ILE B 41 -10.68 24.54 -22.53
C ILE B 41 -9.67 23.36 -22.23
N CYS B 42 -10.22 22.14 -22.50
CA CYS B 42 -9.52 20.81 -22.54
C CYS B 42 -8.89 20.50 -23.96
N GLY B 43 -7.76 19.79 -24.00
CA GLY B 43 -7.25 19.07 -25.23
C GLY B 43 -8.35 18.25 -25.89
N THR B 44 -9.23 17.64 -25.13
CA THR B 44 -10.32 16.97 -25.85
C THR B 44 -11.16 17.92 -26.69
N ASP B 45 -11.54 19.10 -26.10
CA ASP B 45 -12.33 20.16 -26.78
C ASP B 45 -11.47 20.69 -27.91
N LEU B 46 -10.20 20.93 -27.69
CA LEU B 46 -9.39 21.23 -28.80
C LEU B 46 -9.50 20.20 -30.02
N HIS B 47 -9.60 18.88 -29.79
CA HIS B 47 -9.72 17.92 -30.88
C HIS B 47 -11.12 17.89 -31.45
N ILE B 48 -12.09 18.30 -30.64
CA ILE B 48 -13.41 18.42 -31.18
C ILE B 48 -13.36 19.65 -32.10
N TYR B 49 -12.67 20.69 -31.68
CA TYR B 49 -12.57 21.93 -32.46
C TYR B 49 -11.86 21.77 -33.82
N GLU B 50 -10.59 21.36 -33.79
CA GLU B 50 -9.86 20.76 -34.94
C GLU B 50 -10.60 19.65 -35.70
N TRP B 51 -11.34 18.77 -35.03
CA TRP B 51 -12.06 17.76 -35.83
C TRP B 51 -11.00 16.77 -36.37
N ASN B 52 -10.02 16.50 -35.54
CA ASN B 52 -9.10 15.44 -35.77
C ASN B 52 -9.87 14.13 -35.86
N GLU B 53 -9.12 13.06 -35.88
CA GLU B 53 -9.58 11.75 -36.26
C GLU B 53 -10.52 11.13 -35.24
N TRP B 54 -10.08 11.18 -34.00
CA TRP B 54 -10.85 10.78 -32.85
C TRP B 54 -12.27 11.44 -32.86
N ALA B 55 -12.31 12.78 -33.07
CA ALA B 55 -13.56 13.58 -33.03
C ALA B 55 -14.50 13.20 -34.15
N GLN B 56 -13.93 12.95 -35.35
CA GLN B 56 -14.68 12.38 -36.50
C GLN B 56 -15.48 11.11 -36.17
N SER B 57 -14.87 10.23 -35.37
CA SER B 57 -15.48 8.98 -34.91
C SER B 57 -16.64 9.17 -33.87
N ARG B 58 -16.44 10.07 -32.90
CA ARG B 58 -17.23 10.10 -31.66
C ARG B 58 -18.36 11.15 -31.63
N ILE B 59 -18.01 12.37 -31.99
CA ILE B 59 -18.99 13.45 -31.79
C ILE B 59 -19.96 13.55 -32.99
N LYS B 60 -21.23 13.80 -32.69
CA LYS B 60 -22.32 13.89 -33.66
C LYS B 60 -22.95 15.31 -33.69
N PRO B 61 -22.50 16.25 -34.57
CA PRO B 61 -23.02 17.66 -34.51
C PRO B 61 -24.46 17.68 -34.94
N PRO B 62 -25.27 18.68 -34.47
CA PRO B 62 -24.80 19.87 -33.72
C PRO B 62 -24.64 19.50 -32.20
N GLN B 63 -23.61 20.07 -31.55
CA GLN B 63 -23.50 19.89 -30.07
C GLN B 63 -22.81 20.98 -29.38
N ILE B 64 -23.19 21.22 -28.13
CA ILE B 64 -22.53 22.29 -27.40
C ILE B 64 -21.24 21.66 -26.92
N MET B 65 -20.12 22.34 -27.13
CA MET B 65 -18.86 21.90 -26.67
C MET B 65 -18.68 22.22 -25.20
N GLY B 66 -17.60 21.71 -24.57
CA GLY B 66 -17.18 22.11 -23.19
C GLY B 66 -17.47 21.17 -22.06
N HIS B 67 -16.58 21.13 -21.12
CA HIS B 67 -16.91 20.32 -19.89
C HIS B 67 -16.41 20.81 -18.56
N GLU B 68 -15.26 21.52 -18.55
CA GLU B 68 -14.64 21.87 -17.30
C GLU B 68 -15.49 23.13 -16.87
N VAL B 69 -16.28 22.98 -15.78
CA VAL B 69 -17.27 23.96 -15.33
C VAL B 69 -17.20 24.32 -13.83
N ALA B 70 -17.42 25.63 -13.53
CA ALA B 70 -17.87 26.23 -12.18
C ALA B 70 -19.25 26.86 -12.44
N GLY B 71 -20.29 26.48 -11.74
CA GLY B 71 -21.63 26.83 -12.16
C GLY B 71 -22.50 26.97 -10.88
N GLU B 72 -23.60 27.75 -10.96
CA GLU B 72 -24.45 28.04 -9.87
C GLU B 72 -25.81 27.54 -10.19
N VAL B 73 -26.39 26.70 -9.37
CA VAL B 73 -27.66 26.07 -9.68
C VAL B 73 -28.78 27.10 -9.81
N VAL B 74 -29.52 27.11 -10.90
CA VAL B 74 -30.60 28.11 -10.99
C VAL B 74 -31.98 27.44 -10.81
N GLU B 75 -32.05 26.14 -11.11
CA GLU B 75 -33.29 25.36 -11.03
C GLU B 75 -32.94 23.86 -11.00
N VAL B 76 -33.78 23.11 -10.30
CA VAL B 76 -33.59 21.71 -9.99
C VAL B 76 -34.76 20.89 -10.62
N GLY B 77 -34.49 19.82 -11.36
CA GLY B 77 -35.59 18.98 -11.86
C GLY B 77 -36.42 18.22 -10.81
N PRO B 78 -37.53 17.59 -11.26
CA PRO B 78 -38.33 16.74 -10.37
C PRO B 78 -37.41 15.75 -9.68
N GLY B 79 -37.48 15.64 -8.35
CA GLY B 79 -36.74 14.60 -7.60
C GLY B 79 -35.26 14.82 -7.42
N VAL B 80 -34.83 16.06 -7.22
CA VAL B 80 -33.42 16.27 -6.86
C VAL B 80 -33.47 16.72 -5.42
N GLU B 81 -32.85 15.98 -4.49
CA GLU B 81 -32.88 16.45 -3.11
C GLU B 81 -31.56 17.04 -2.51
N ASP B 82 -30.41 16.69 -3.05
CA ASP B 82 -29.12 17.04 -2.42
C ASP B 82 -28.59 18.35 -2.96
N LEU B 83 -29.27 18.78 -4.01
CA LEU B 83 -29.00 20.04 -4.66
C LEU B 83 -30.24 21.01 -4.56
N GLN B 84 -29.92 22.30 -4.41
CA GLN B 84 -30.91 23.38 -4.45
C GLN B 84 -30.36 24.67 -5.18
N VAL B 85 -31.26 25.57 -5.59
CA VAL B 85 -30.88 26.89 -6.14
C VAL B 85 -29.89 27.60 -5.28
N GLY B 86 -28.82 28.10 -5.92
CA GLY B 86 -27.76 28.84 -5.23
C GLY B 86 -26.51 28.02 -4.90
N ASP B 87 -26.66 26.69 -5.01
CA ASP B 87 -25.58 25.74 -4.78
C ASP B 87 -24.55 26.03 -5.92
N TYR B 88 -23.28 26.22 -5.53
CA TYR B 88 -22.10 26.43 -6.35
C TYR B 88 -21.44 25.05 -6.62
N ILE B 89 -21.49 24.58 -7.87
CA ILE B 89 -20.98 23.28 -8.23
C ILE B 89 -20.03 23.18 -9.42
N SER B 90 -19.24 22.08 -9.40
CA SER B 90 -18.38 21.66 -10.47
C SER B 90 -18.94 20.32 -10.96
N VAL B 91 -18.63 19.89 -12.20
CA VAL B 91 -19.16 18.58 -12.70
C VAL B 91 -18.05 17.51 -12.92
N GLU B 92 -18.33 16.24 -12.63
CA GLU B 92 -17.49 15.09 -13.13
C GLU B 92 -18.10 14.65 -14.42
N THR B 93 -17.36 14.81 -15.51
CA THR B 93 -17.96 14.55 -16.84
C THR B 93 -17.96 13.13 -17.24
N HIS B 94 -17.25 12.30 -16.49
CA HIS B 94 -17.46 10.86 -16.63
C HIS B 94 -18.77 10.39 -15.95
N ILE B 95 -19.84 10.42 -16.76
CA ILE B 95 -21.17 9.95 -16.34
C ILE B 95 -21.00 8.43 -16.39
N VAL B 96 -20.62 7.86 -15.23
CA VAL B 96 -19.89 6.54 -15.18
C VAL B 96 -20.68 5.28 -15.62
N CYS B 97 -19.93 4.25 -16.01
CA CYS B 97 -20.44 2.86 -16.05
C CYS B 97 -21.36 2.51 -14.80
N GLY B 98 -22.07 1.38 -14.81
CA GLY B 98 -23.04 1.16 -13.70
C GLY B 98 -22.75 0.02 -12.76
N LYS B 99 -23.33 -1.12 -13.09
CA LYS B 99 -23.19 -2.35 -12.33
C LYS B 99 -22.04 -3.26 -12.91
N CYS B 100 -21.13 -2.62 -13.69
CA CYS B 100 -19.90 -3.22 -14.25
C CYS B 100 -18.85 -3.59 -13.23
N TYR B 101 -18.03 -4.54 -13.65
CA TYR B 101 -16.85 -5.03 -12.95
C TYR B 101 -15.91 -3.94 -12.39
N ALA B 102 -15.50 -3.01 -13.25
CA ALA B 102 -14.60 -1.94 -12.84
C ALA B 102 -15.25 -1.00 -11.77
N CYS B 103 -16.52 -0.59 -11.99
CA CYS B 103 -17.28 0.26 -11.04
C CYS B 103 -17.75 -0.49 -9.79
N LYS B 104 -18.03 -1.81 -9.92
CA LYS B 104 -18.36 -2.68 -8.75
C LYS B 104 -17.15 -2.96 -7.80
N HIS B 105 -15.94 -3.01 -8.38
CA HIS B 105 -14.64 -2.90 -7.64
C HIS B 105 -14.24 -1.47 -7.14
N ASN B 106 -15.00 -0.47 -7.61
CA ASN B 106 -14.81 0.94 -7.27
C ASN B 106 -13.78 1.62 -8.20
N ARG B 107 -13.63 1.12 -9.42
CA ARG B 107 -12.66 1.68 -10.40
C ARG B 107 -13.41 2.54 -11.44
N TYR B 108 -13.81 3.75 -11.02
CA TYR B 108 -14.73 4.65 -11.79
C TYR B 108 -13.97 5.45 -12.84
N HIS B 109 -12.73 5.78 -12.46
CA HIS B 109 -11.69 6.42 -13.31
C HIS B 109 -11.45 5.68 -14.64
N VAL B 110 -11.35 4.35 -14.53
CA VAL B 110 -11.38 3.35 -15.61
C VAL B 110 -12.75 2.58 -15.68
N CYS B 111 -13.85 3.32 -15.89
CA CYS B 111 -15.15 2.73 -16.32
C CYS B 111 -15.51 3.05 -17.79
N GLN B 112 -16.05 2.02 -18.48
CA GLN B 112 -16.12 1.95 -19.94
C GLN B 112 -17.54 2.37 -20.45
N ASN B 113 -18.02 3.50 -19.88
CA ASN B 113 -19.38 4.10 -20.06
C ASN B 113 -19.47 5.54 -19.47
N THR B 114 -20.68 6.10 -19.31
CA THR B 114 -21.96 5.64 -19.93
C THR B 114 -22.24 6.56 -21.12
N LYS B 115 -22.22 7.88 -20.85
CA LYS B 115 -22.00 8.93 -21.84
C LYS B 115 -20.85 9.83 -21.29
N ILE B 116 -20.48 10.88 -22.04
CA ILE B 116 -19.52 11.87 -21.56
C ILE B 116 -20.05 13.29 -21.81
N PHE B 117 -19.73 14.20 -20.88
CA PHE B 117 -20.20 15.58 -20.94
C PHE B 117 -19.51 16.38 -22.02
N GLY B 118 -20.25 16.90 -23.00
CA GLY B 118 -19.62 17.74 -24.00
C GLY B 118 -18.65 16.99 -24.91
N VAL B 119 -18.85 15.67 -24.92
CA VAL B 119 -18.37 14.74 -25.94
C VAL B 119 -19.62 14.15 -26.57
N ASP B 120 -20.45 13.49 -25.77
CA ASP B 120 -21.62 12.75 -26.26
C ASP B 120 -23.00 13.40 -26.02
N MET B 121 -23.01 14.65 -25.58
CA MET B 121 -24.23 15.30 -25.16
C MET B 121 -23.69 16.66 -24.85
N ASP B 122 -24.59 17.64 -24.83
CA ASP B 122 -24.23 19.04 -24.61
C ASP B 122 -23.40 19.27 -23.36
N GLY B 123 -22.30 20.00 -23.58
CA GLY B 123 -21.44 20.54 -22.52
C GLY B 123 -21.87 21.93 -22.07
N VAL B 124 -20.89 22.77 -21.82
CA VAL B 124 -21.05 23.88 -20.89
C VAL B 124 -20.46 25.19 -21.38
N PHE B 125 -19.94 25.21 -22.61
CA PHE B 125 -19.55 26.44 -23.32
C PHE B 125 -20.86 27.06 -23.78
N ALA B 126 -21.63 27.53 -22.78
CA ALA B 126 -22.90 28.25 -22.85
C ALA B 126 -23.07 28.98 -21.50
N HIS B 127 -24.04 29.92 -21.49
CA HIS B 127 -24.45 30.71 -20.32
C HIS B 127 -25.18 29.81 -19.36
N TYR B 128 -25.90 28.81 -19.82
CA TYR B 128 -26.62 27.84 -18.94
C TYR B 128 -26.29 26.38 -19.46
N ALA B 129 -26.39 25.36 -18.59
CA ALA B 129 -26.15 23.95 -18.97
C ALA B 129 -26.98 23.10 -18.05
N ILE B 130 -27.55 22.00 -18.56
CA ILE B 130 -28.17 20.96 -17.71
C ILE B 130 -27.11 20.03 -17.16
N VAL B 131 -27.18 19.64 -15.92
CA VAL B 131 -26.15 18.79 -15.34
C VAL B 131 -26.84 17.68 -14.53
N PRO B 132 -26.59 16.36 -14.82
CA PRO B 132 -27.01 15.29 -13.84
C PRO B 132 -26.58 15.56 -12.39
N ALA B 133 -27.52 15.53 -11.47
CA ALA B 133 -27.25 15.81 -10.07
C ALA B 133 -26.15 14.92 -9.52
N LYS B 134 -26.22 13.60 -9.83
CA LYS B 134 -25.18 12.63 -9.33
C LYS B 134 -23.75 12.91 -9.79
N ASN B 135 -23.61 13.74 -10.81
CA ASN B 135 -22.34 14.16 -11.36
C ASN B 135 -21.81 15.49 -10.79
N ALA B 136 -22.60 16.11 -9.90
CA ALA B 136 -22.34 17.42 -9.38
C ALA B 136 -21.45 17.41 -8.17
N TRP B 137 -20.42 18.23 -8.19
CA TRP B 137 -19.64 18.40 -6.99
C TRP B 137 -19.78 19.79 -6.33
N LYS B 138 -20.15 19.85 -5.05
CA LYS B 138 -20.26 21.17 -4.34
C LYS B 138 -18.97 21.85 -3.98
N ASN B 139 -18.89 23.08 -4.43
CA ASN B 139 -17.74 23.90 -4.13
C ASN B 139 -17.91 24.74 -2.85
N PRO B 140 -16.81 25.12 -2.18
CA PRO B 140 -16.88 26.16 -1.13
C PRO B 140 -17.21 27.54 -1.77
N LYS B 141 -18.08 28.38 -1.11
CA LYS B 141 -18.59 29.64 -1.81
C LYS B 141 -17.46 30.56 -2.12
N ASP B 142 -16.39 30.49 -1.35
CA ASP B 142 -15.26 31.36 -1.58
C ASP B 142 -14.23 30.87 -2.54
N MET B 143 -14.44 29.70 -3.16
CA MET B 143 -13.49 29.27 -4.16
C MET B 143 -13.75 30.07 -5.48
N PRO B 144 -12.78 30.83 -5.95
CA PRO B 144 -12.93 31.53 -7.18
C PRO B 144 -13.34 30.62 -8.32
N PRO B 145 -14.29 31.01 -9.13
CA PRO B 145 -14.68 30.13 -10.28
C PRO B 145 -13.62 29.63 -11.33
N GLU B 146 -12.51 30.37 -11.51
CA GLU B 146 -11.57 29.97 -12.43
C GLU B 146 -10.83 28.77 -11.85
N TYR B 147 -10.88 28.54 -10.55
CA TYR B 147 -10.09 27.46 -9.95
C TYR B 147 -11.02 26.27 -9.90
N ALA B 148 -12.23 26.55 -9.41
CA ALA B 148 -13.18 25.52 -9.33
C ALA B 148 -13.27 24.88 -10.73
N ALA B 149 -12.92 25.59 -11.77
CA ALA B 149 -13.16 25.09 -13.11
C ALA B 149 -12.03 24.26 -13.62
N LEU B 150 -10.91 24.31 -12.93
CA LEU B 150 -9.76 23.58 -13.33
C LEU B 150 -9.64 22.31 -12.53
N GLN B 151 -10.70 21.86 -11.88
CA GLN B 151 -10.69 20.89 -10.76
C GLN B 151 -10.70 19.45 -11.33
N GLU B 152 -11.43 19.32 -12.40
CA GLU B 152 -11.40 18.12 -13.21
C GLU B 152 -9.96 17.86 -13.79
N PRO B 153 -9.39 18.82 -14.56
CA PRO B 153 -8.02 18.42 -14.97
C PRO B 153 -7.02 18.44 -13.78
N LEU B 154 -7.30 19.18 -12.73
CA LEU B 154 -6.55 19.04 -11.43
C LEU B 154 -6.74 17.61 -10.90
N GLY B 155 -7.91 16.98 -11.05
CA GLY B 155 -8.05 15.56 -10.77
C GLY B 155 -7.08 14.59 -11.49
N ASN B 156 -6.95 14.69 -12.84
CA ASN B 156 -5.86 14.13 -13.65
C ASN B 156 -4.47 14.30 -13.06
N ALA B 157 -4.12 15.51 -12.74
CA ALA B 157 -2.83 15.78 -12.14
C ALA B 157 -2.64 15.16 -10.78
N VAL B 158 -3.72 15.02 -10.00
CA VAL B 158 -3.60 14.55 -8.64
C VAL B 158 -3.37 13.02 -8.65
N ASP B 159 -4.23 12.33 -9.39
CA ASP B 159 -4.16 10.95 -9.57
C ASP B 159 -2.82 10.50 -10.18
N THR B 160 -2.11 11.39 -10.87
CA THR B 160 -0.84 11.11 -11.52
C THR B 160 0.19 11.43 -10.53
N VAL B 161 0.27 12.69 -10.02
CA VAL B 161 1.26 13.00 -8.99
C VAL B 161 1.22 12.02 -7.79
N LEU B 162 0.05 11.69 -7.29
CA LEU B 162 -0.12 10.98 -6.06
C LEU B 162 -0.61 9.55 -6.21
N ALA B 163 -0.18 8.91 -7.26
CA ALA B 163 -0.46 7.51 -7.46
C ALA B 163 0.49 6.66 -6.58
N GLY B 164 1.50 7.24 -5.97
CA GLY B 164 2.13 6.66 -4.81
C GLY B 164 2.67 7.86 -3.98
N PRO B 165 3.47 7.58 -2.91
CA PRO B 165 4.02 8.67 -2.11
C PRO B 165 4.89 9.65 -2.91
N ILE B 166 4.90 10.91 -2.53
CA ILE B 166 5.74 11.89 -3.22
C ILE B 166 6.45 12.90 -2.31
N ALA B 167 6.11 13.04 -1.03
CA ALA B 167 6.79 14.09 -0.19
C ALA B 167 8.25 13.76 -0.13
N GLY B 168 9.12 14.74 -0.35
CA GLY B 168 10.56 14.52 -0.34
C GLY B 168 11.13 13.70 -1.51
N ARG B 169 10.39 13.54 -2.62
CA ARG B 169 10.77 12.67 -3.76
C ARG B 169 11.23 13.34 -5.01
N SER B 170 12.45 12.96 -5.47
CA SER B 170 12.97 13.61 -6.59
C SER B 170 12.08 13.16 -7.63
N THR B 171 11.45 14.11 -8.35
CA THR B 171 10.48 13.96 -9.45
C THR B 171 10.92 14.56 -10.77
N LEU B 172 10.76 13.78 -11.84
CA LEU B 172 10.91 14.21 -13.23
C LEU B 172 9.55 14.20 -13.83
N ILE B 173 9.16 15.37 -14.37
CA ILE B 173 7.90 15.56 -15.16
C ILE B 173 8.27 15.78 -16.66
N THR B 174 7.76 14.91 -17.52
CA THR B 174 8.04 15.22 -18.90
C THR B 174 6.78 15.89 -19.48
N GLY B 175 6.93 17.13 -19.95
CA GLY B 175 5.72 17.84 -20.50
C GLY B 175 5.27 18.91 -19.50
N ALA B 176 5.48 20.16 -19.91
CA ALA B 176 4.76 21.33 -19.29
C ALA B 176 3.66 21.96 -20.16
N GLY B 177 2.74 21.18 -20.76
CA GLY B 177 1.57 21.74 -21.37
C GLY B 177 0.59 21.91 -20.18
N PRO B 178 -0.63 22.45 -20.40
CA PRO B 178 -1.70 22.54 -19.34
C PRO B 178 -1.81 21.35 -18.30
N LEU B 179 -1.91 20.11 -18.71
CA LEU B 179 -1.92 19.06 -17.67
C LEU B 179 -0.55 19.01 -16.92
N GLY B 180 0.54 19.16 -17.60
CA GLY B 180 1.82 19.13 -16.96
C GLY B 180 2.10 20.22 -15.98
N LEU B 181 1.54 21.38 -16.22
CA LEU B 181 1.69 22.59 -15.35
C LEU B 181 0.91 22.39 -14.04
N LEU B 182 -0.32 21.90 -14.14
CA LEU B 182 -1.10 21.48 -12.95
C LEU B 182 -0.34 20.39 -12.23
N GLY B 183 0.37 19.48 -12.97
CA GLY B 183 1.16 18.35 -12.52
C GLY B 183 2.23 18.93 -11.72
N ILE B 184 2.93 19.95 -12.21
CA ILE B 184 3.99 20.56 -11.35
C ILE B 184 3.42 21.26 -10.06
N ALA B 185 2.32 22.00 -10.17
CA ALA B 185 1.70 22.71 -9.07
C ALA B 185 1.23 21.69 -8.00
N VAL B 186 0.54 20.60 -8.41
CA VAL B 186 0.17 19.54 -7.43
C VAL B 186 1.48 18.93 -6.72
N ALA B 187 2.61 18.88 -7.47
CA ALA B 187 3.70 18.09 -7.03
C ALA B 187 4.50 18.89 -5.98
N LYS B 188 4.71 20.15 -6.29
CA LYS B 188 5.20 21.09 -5.26
C LYS B 188 4.33 21.25 -3.94
N ALA B 189 3.01 21.29 -4.08
CA ALA B 189 2.09 21.40 -2.92
C ALA B 189 2.26 20.11 -2.11
N SER B 190 2.40 18.98 -2.81
CA SER B 190 2.88 17.69 -2.18
C SER B 190 4.29 17.48 -1.66
N GLY B 191 5.18 18.46 -1.76
CA GLY B 191 6.46 18.28 -1.07
C GLY B 191 7.46 17.49 -1.89
N ALA B 192 7.24 17.38 -3.21
CA ALA B 192 8.14 16.66 -4.18
C ALA B 192 9.41 17.47 -4.29
N TYR B 193 10.65 16.91 -4.19
CA TYR B 193 11.87 17.74 -4.34
C TYR B 193 13.24 17.06 -4.66
N PRO B 194 13.91 17.46 -5.76
CA PRO B 194 13.42 18.49 -6.78
C PRO B 194 12.41 18.02 -7.81
N VAL B 195 11.53 18.94 -8.24
CA VAL B 195 10.76 18.84 -9.47
C VAL B 195 11.59 19.38 -10.72
N ILE B 196 12.07 18.43 -11.53
CA ILE B 196 12.91 18.61 -12.75
C ILE B 196 11.94 18.52 -13.88
N VAL B 197 11.81 19.56 -14.69
CA VAL B 197 10.90 19.54 -15.82
C VAL B 197 11.56 19.48 -17.18
N SER B 198 11.21 18.46 -17.96
CA SER B 198 11.56 18.29 -19.40
C SER B 198 10.55 18.81 -20.44
N GLU B 199 10.85 19.95 -21.08
CA GLU B 199 9.91 20.57 -22.05
C GLU B 199 10.69 21.26 -23.24
N PRO B 200 10.29 20.96 -24.51
CA PRO B 200 10.89 21.68 -25.67
C PRO B 200 10.45 23.13 -25.83
N SER B 201 9.16 23.42 -25.70
CA SER B 201 8.65 24.82 -25.78
C SER B 201 9.26 25.72 -24.75
N GLU B 202 9.75 26.87 -25.15
CA GLU B 202 10.41 27.80 -24.24
C GLU B 202 9.36 28.61 -23.45
N PHE B 203 8.20 28.83 -24.06
CA PHE B 203 7.15 29.60 -23.48
C PHE B 203 6.81 28.73 -22.25
N ARG B 204 6.60 27.45 -22.54
CA ARG B 204 6.26 26.39 -21.56
C ARG B 204 7.28 26.09 -20.48
N ARG B 205 8.56 26.27 -20.78
CA ARG B 205 9.56 26.10 -19.76
C ARG B 205 9.56 27.24 -18.84
N LYS B 206 9.10 28.37 -19.29
CA LYS B 206 9.06 29.54 -18.46
C LYS B 206 7.84 29.52 -17.58
N LEU B 207 6.82 28.84 -18.04
CA LEU B 207 5.53 28.80 -17.33
C LEU B 207 5.67 27.72 -16.29
N ALA B 208 6.45 26.67 -16.63
CA ALA B 208 6.99 25.61 -15.71
C ALA B 208 7.72 26.22 -14.48
N LYS B 209 8.64 27.11 -14.75
CA LYS B 209 9.46 27.72 -13.76
C LYS B 209 8.71 28.70 -12.90
N LYS B 210 7.73 29.35 -13.46
CA LYS B 210 6.85 30.25 -12.77
C LYS B 210 5.95 29.54 -11.80
N VAL B 211 5.32 28.47 -12.27
CA VAL B 211 4.57 27.57 -11.45
C VAL B 211 5.34 27.04 -10.25
N GLY B 212 6.60 26.69 -10.45
CA GLY B 212 7.46 26.29 -9.32
C GLY B 212 8.41 25.12 -9.58
N ALA B 213 8.53 24.61 -10.81
CA ALA B 213 9.62 23.66 -11.15
C ALA B 213 10.99 24.09 -10.58
N ASP B 214 11.83 23.16 -10.05
CA ASP B 214 13.07 23.58 -9.48
C ASP B 214 14.17 23.64 -10.57
N TYR B 215 14.01 22.87 -11.65
CA TYR B 215 14.95 22.82 -12.77
C TYR B 215 14.04 22.41 -13.87
N VAL B 216 14.25 23.11 -15.02
CA VAL B 216 13.71 22.79 -16.38
C VAL B 216 14.89 22.47 -17.34
N VAL B 217 14.65 21.54 -18.26
CA VAL B 217 15.60 21.19 -19.24
C VAL B 217 14.91 21.15 -20.61
N ASN B 218 15.56 21.60 -21.68
CA ASN B 218 15.09 21.33 -23.07
C ASN B 218 15.72 20.04 -23.69
N PRO B 219 14.90 19.00 -23.90
CA PRO B 219 15.28 17.70 -24.37
C PRO B 219 15.82 17.68 -25.84
N PHE B 220 15.62 18.83 -26.50
CA PHE B 220 16.19 19.23 -27.81
C PHE B 220 17.54 19.99 -27.68
N GLU B 221 17.75 20.89 -26.73
CA GLU B 221 19.10 21.47 -26.49
C GLU B 221 20.12 20.53 -25.87
N GLU B 222 19.79 19.88 -24.73
CA GLU B 222 20.68 18.89 -24.05
C GLU B 222 19.97 17.60 -23.60
N ASP B 223 20.75 16.57 -23.29
CA ASP B 223 20.21 15.26 -22.91
C ASP B 223 19.50 15.42 -21.55
N PRO B 224 18.18 15.12 -21.48
CA PRO B 224 17.45 15.21 -20.16
C PRO B 224 17.82 14.11 -19.13
N VAL B 225 17.97 12.85 -19.57
CA VAL B 225 18.66 11.80 -18.77
C VAL B 225 19.92 12.21 -18.05
N LYS B 226 20.85 12.82 -18.79
CA LYS B 226 22.16 13.20 -18.26
C LYS B 226 21.93 14.29 -17.25
N PHE B 227 20.98 15.17 -17.59
CA PHE B 227 20.61 16.31 -16.80
C PHE B 227 20.00 15.82 -15.46
N VAL B 228 19.09 14.84 -15.55
CA VAL B 228 18.60 14.20 -14.35
C VAL B 228 19.75 13.56 -13.54
N MET B 229 20.69 12.86 -14.24
CA MET B 229 21.83 12.25 -13.52
C MET B 229 22.69 13.25 -12.77
N ASP B 230 22.78 14.51 -13.20
CA ASP B 230 23.68 15.44 -12.47
C ASP B 230 23.02 16.01 -11.24
N ILE B 231 21.77 16.46 -11.41
CA ILE B 231 21.01 16.83 -10.24
C ILE B 231 20.91 15.68 -9.19
N THR B 232 20.69 14.44 -9.60
CA THR B 232 20.40 13.46 -8.56
C THR B 232 21.61 12.64 -8.20
N ASP B 233 22.79 13.19 -8.55
CA ASP B 233 24.08 12.61 -8.19
C ASP B 233 24.23 11.18 -8.74
N GLY B 234 23.66 10.94 -9.90
CA GLY B 234 23.71 9.68 -10.50
C GLY B 234 22.66 8.73 -10.04
N ALA B 235 21.83 9.10 -9.06
CA ALA B 235 20.82 8.15 -8.52
C ALA B 235 19.63 7.88 -9.45
N GLY B 236 19.24 8.90 -10.22
CA GLY B 236 18.04 8.91 -11.02
C GLY B 236 16.90 9.52 -10.17
N VAL B 237 15.74 9.70 -10.81
CA VAL B 237 14.55 10.20 -10.13
C VAL B 237 13.76 9.06 -9.49
N GLU B 238 13.14 9.50 -8.45
CA GLU B 238 12.46 8.62 -7.68
C GLU B 238 11.03 8.46 -8.15
N VAL B 239 10.45 9.53 -8.72
CA VAL B 239 9.12 9.43 -9.37
C VAL B 239 9.24 9.89 -10.85
N PHE B 240 8.79 9.08 -11.80
CA PHE B 240 8.80 9.60 -13.18
C PHE B 240 7.33 9.75 -13.58
N LEU B 241 6.89 11.01 -13.78
CA LEU B 241 5.52 11.36 -14.28
C LEU B 241 5.39 11.75 -15.80
N GLU B 242 4.81 10.92 -16.62
CA GLU B 242 4.71 11.20 -18.07
C GLU B 242 3.43 12.05 -18.44
N PHE B 243 3.60 13.31 -18.78
CA PHE B 243 2.48 14.15 -19.24
C PHE B 243 2.39 14.34 -20.77
N SER B 244 3.51 14.45 -21.47
CA SER B 244 3.49 14.75 -22.95
C SER B 244 2.81 13.80 -23.95
N GLY B 245 2.86 12.49 -23.70
CA GLY B 245 2.60 11.49 -24.75
C GLY B 245 3.61 11.49 -25.84
N ALA B 246 4.84 12.01 -25.59
CA ALA B 246 5.90 11.97 -26.52
C ALA B 246 6.62 10.60 -26.26
N PRO B 247 6.54 9.70 -27.31
CA PRO B 247 7.33 8.42 -27.38
C PRO B 247 8.80 8.56 -26.95
N LYS B 248 9.49 9.57 -27.42
CA LYS B 248 10.83 9.88 -26.87
C LYS B 248 10.81 10.20 -25.35
N ALA B 249 9.74 10.85 -24.83
CA ALA B 249 9.73 11.20 -23.40
C ALA B 249 9.54 9.91 -22.55
N LEU B 250 8.65 9.00 -22.95
CA LEU B 250 8.47 7.75 -22.21
C LEU B 250 9.76 7.04 -21.89
N GLU B 251 10.62 6.90 -22.92
CA GLU B 251 11.96 6.26 -22.91
C GLU B 251 13.00 6.94 -22.07
N GLN B 252 13.07 8.26 -22.18
CA GLN B 252 13.98 9.05 -21.40
C GLN B 252 13.60 9.15 -19.93
N GLY B 253 12.31 9.18 -19.64
CA GLY B 253 11.88 9.00 -18.33
C GLY B 253 12.30 7.69 -17.65
N LEU B 254 11.98 6.58 -18.34
CA LEU B 254 12.37 5.23 -17.90
C LEU B 254 13.90 5.00 -17.67
N LYS B 255 14.76 5.63 -18.43
CA LYS B 255 16.17 5.63 -18.16
C LYS B 255 16.58 6.55 -16.99
N ALA B 256 15.81 7.63 -16.86
CA ALA B 256 15.91 8.57 -15.79
C ALA B 256 15.55 8.08 -14.39
N VAL B 257 14.52 7.21 -14.27
CA VAL B 257 14.03 6.71 -13.00
C VAL B 257 15.12 5.83 -12.28
N THR B 258 15.23 6.06 -10.98
CA THR B 258 15.99 5.22 -10.09
C THR B 258 15.44 3.78 -10.06
N PRO B 259 16.34 2.78 -9.86
CA PRO B 259 15.80 1.41 -9.67
C PRO B 259 14.80 1.38 -8.41
N GLY B 260 13.70 0.64 -8.46
CA GLY B 260 12.72 0.69 -7.40
C GLY B 260 11.84 1.96 -7.48
N GLY B 261 12.05 2.81 -8.50
CA GLY B 261 11.25 4.01 -8.72
C GLY B 261 9.85 3.78 -9.18
N ARG B 262 9.11 4.86 -9.25
CA ARG B 262 7.63 4.81 -9.49
C ARG B 262 7.42 5.65 -10.72
N VAL B 263 6.64 5.15 -11.71
CA VAL B 263 6.32 5.92 -12.88
C VAL B 263 4.84 6.04 -12.90
N SER B 264 4.25 7.22 -13.22
CA SER B 264 2.82 7.34 -13.56
C SER B 264 2.61 7.78 -14.99
N LEU B 265 1.90 7.02 -15.81
CA LEU B 265 1.88 7.40 -17.20
C LEU B 265 0.50 8.10 -17.49
N LEU B 266 0.45 9.39 -17.87
CA LEU B 266 -0.90 9.96 -18.20
C LEU B 266 -0.97 10.42 -19.60
N GLY B 267 0.07 11.08 -20.10
CA GLY B 267 0.10 11.40 -21.55
C GLY B 267 -0.32 10.28 -22.53
N LEU B 268 -1.25 10.58 -23.44
CA LEU B 268 -1.65 9.57 -24.43
C LEU B 268 -0.64 9.52 -25.62
N PHE B 269 -0.17 8.31 -26.04
CA PHE B 269 0.85 8.23 -27.15
C PHE B 269 0.17 8.34 -28.53
N PRO B 270 0.87 8.97 -29.53
CA PRO B 270 0.30 9.01 -30.92
C PRO B 270 0.30 7.73 -31.79
N ARG B 271 0.63 6.52 -31.24
CA ARG B 271 1.14 5.31 -31.93
C ARG B 271 1.87 4.44 -30.84
N GLU B 272 1.67 3.13 -30.95
CA GLU B 272 2.55 2.16 -30.34
C GLU B 272 4.00 2.55 -30.11
N VAL B 273 4.54 2.13 -28.93
CA VAL B 273 5.95 2.50 -28.50
C VAL B 273 6.77 1.25 -28.21
N THR B 274 8.03 1.34 -28.62
CA THR B 274 9.03 0.29 -28.63
C THR B 274 9.92 0.57 -27.49
N ILE B 275 9.86 -0.41 -26.55
CA ILE B 275 10.53 -0.22 -25.23
C ILE B 275 11.48 -1.40 -24.92
N ASP B 276 12.70 -1.10 -24.52
CA ASP B 276 13.53 -2.07 -23.81
C ASP B 276 12.93 -2.50 -22.44
N PHE B 277 11.96 -3.40 -22.39
CA PHE B 277 11.41 -3.85 -21.09
C PHE B 277 12.46 -4.35 -20.13
N ASN B 278 13.41 -5.20 -20.60
CA ASN B 278 14.45 -5.87 -19.75
C ASN B 278 15.20 -4.79 -19.05
N ASN B 279 15.81 -3.87 -19.78
CA ASN B 279 16.57 -2.82 -19.01
C ASN B 279 15.88 -1.66 -18.32
N LEU B 280 14.72 -1.27 -18.81
CA LEU B 280 14.07 -0.03 -18.35
C LEU B 280 12.96 -0.32 -17.24
N ILE B 281 12.24 -1.46 -17.26
CA ILE B 281 11.19 -1.80 -16.24
C ILE B 281 11.47 -3.03 -15.32
N ILE B 282 12.06 -4.08 -15.92
CA ILE B 282 12.26 -5.36 -15.27
C ILE B 282 13.52 -5.27 -14.45
N PHE B 283 14.74 -5.10 -15.01
CA PHE B 283 15.92 -5.03 -14.10
C PHE B 283 15.92 -3.78 -13.21
N LYS B 284 15.07 -2.81 -13.50
CA LYS B 284 15.12 -1.61 -12.64
C LYS B 284 14.05 -1.69 -11.62
N ALA B 285 13.24 -2.74 -11.67
CA ALA B 285 12.15 -2.98 -10.74
C ALA B 285 11.19 -1.78 -10.44
N LEU B 286 10.74 -1.13 -11.52
CA LEU B 286 9.77 -0.09 -11.53
C LEU B 286 8.42 -0.60 -11.20
N GLU B 287 7.68 0.31 -10.60
CA GLU B 287 6.23 0.18 -10.48
C GLU B 287 5.65 1.26 -11.47
N VAL B 288 4.86 0.82 -12.43
CA VAL B 288 4.36 1.70 -13.52
C VAL B 288 2.85 1.73 -13.42
N HIS B 289 2.26 2.91 -13.32
CA HIS B 289 0.84 3.01 -13.12
C HIS B 289 0.39 3.72 -14.40
N GLY B 290 -0.49 3.09 -15.19
CA GLY B 290 -1.32 3.88 -16.11
C GLY B 290 -2.43 4.69 -15.40
N ILE B 291 -2.47 5.99 -15.69
CA ILE B 291 -3.44 6.92 -15.06
C ILE B 291 -4.48 7.35 -16.10
N THR B 292 -5.73 7.05 -15.82
CA THR B 292 -6.80 7.60 -16.62
C THR B 292 -8.00 7.93 -15.71
N GLY B 293 -8.80 8.94 -16.09
CA GLY B 293 -9.95 9.39 -15.26
C GLY B 293 -9.58 9.79 -13.78
N ARG B 294 -10.62 9.63 -12.94
CA ARG B 294 -10.56 10.25 -11.60
C ARG B 294 -11.34 9.33 -10.81
N HIS B 295 -10.82 9.17 -9.58
CA HIS B 295 -11.36 8.38 -8.47
C HIS B 295 -12.59 9.16 -7.93
N LEU B 296 -13.76 8.54 -7.99
CA LEU B 296 -15.04 9.11 -7.53
C LEU B 296 -15.31 8.66 -6.09
N TRP B 297 -15.01 9.51 -5.10
CA TRP B 297 -14.75 10.96 -5.21
C TRP B 297 -13.55 11.43 -4.41
N GLU B 298 -12.68 10.52 -3.99
CA GLU B 298 -11.49 10.83 -3.25
C GLU B 298 -10.77 11.88 -3.95
N THR B 299 -10.56 11.74 -5.28
CA THR B 299 -9.70 12.66 -5.99
C THR B 299 -10.31 14.05 -5.89
N TRP B 300 -11.63 14.20 -6.00
CA TRP B 300 -12.25 15.50 -5.80
C TRP B 300 -12.07 16.11 -4.39
N TYR B 301 -12.15 15.32 -3.34
CA TYR B 301 -11.84 15.83 -2.02
C TYR B 301 -10.47 16.39 -2.01
N THR B 302 -9.53 15.72 -2.61
CA THR B 302 -8.14 16.10 -2.57
C THR B 302 -7.83 17.36 -3.31
N VAL B 303 -8.43 17.55 -4.48
CA VAL B 303 -8.18 18.73 -5.32
C VAL B 303 -8.83 19.97 -4.64
N SER B 304 -10.10 19.83 -4.21
CA SER B 304 -10.77 20.83 -3.46
C SER B 304 -9.92 21.43 -2.38
N SER B 305 -9.21 20.59 -1.62
CA SER B 305 -8.61 20.93 -0.37
C SER B 305 -7.16 21.47 -0.54
N LEU B 306 -6.50 21.03 -1.58
CA LEU B 306 -5.26 21.60 -2.07
C LEU B 306 -5.42 23.00 -2.68
N ILE B 307 -6.47 23.17 -3.46
CA ILE B 307 -6.93 24.52 -3.87
C ILE B 307 -7.17 25.48 -2.67
N GLN B 308 -8.21 25.15 -1.86
CA GLN B 308 -8.60 25.83 -0.68
C GLN B 308 -7.44 26.05 0.25
N SER B 309 -6.31 25.36 0.05
CA SER B 309 -5.14 25.38 0.98
C SER B 309 -4.12 26.50 0.66
N GLY B 310 -4.25 27.14 -0.51
CA GLY B 310 -3.32 28.18 -1.00
C GLY B 310 -1.99 27.64 -1.53
N LYS B 311 -1.76 26.34 -1.47
CA LYS B 311 -0.42 25.78 -1.93
C LYS B 311 -0.29 25.52 -3.46
N LEU B 312 -1.41 25.42 -4.19
CA LEU B 312 -1.44 25.21 -5.68
C LEU B 312 -1.13 26.50 -6.37
N ASN B 313 -0.07 26.60 -7.12
CA ASN B 313 0.28 27.87 -7.73
C ASN B 313 -0.39 27.92 -9.08
N LEU B 314 -1.69 28.16 -9.05
CA LEU B 314 -2.58 28.17 -10.18
C LEU B 314 -2.64 29.41 -11.06
N ASP B 315 -2.36 30.58 -10.51
CA ASP B 315 -2.44 31.86 -11.27
C ASP B 315 -1.53 31.97 -12.49
N PRO B 316 -0.21 31.62 -12.37
CA PRO B 316 0.56 31.58 -13.63
C PRO B 316 0.03 30.52 -14.63
N ILE B 317 -0.69 29.52 -14.23
CA ILE B 317 -1.18 28.58 -15.20
C ILE B 317 -2.34 29.13 -16.04
N ILE B 318 -3.23 29.87 -15.42
CA ILE B 318 -4.39 30.44 -16.12
C ILE B 318 -3.85 31.63 -16.96
N THR B 319 -3.62 31.47 -18.27
CA THR B 319 -2.87 32.52 -18.95
C THR B 319 -3.77 33.54 -19.65
N HIS B 320 -4.96 33.07 -20.07
CA HIS B 320 -5.91 33.80 -20.93
C HIS B 320 -7.29 33.66 -20.25
N LYS B 321 -7.97 34.79 -20.07
CA LYS B 321 -9.22 34.89 -19.35
C LYS B 321 -10.06 35.75 -20.23
N TYR B 322 -11.24 35.28 -20.56
CA TYR B 322 -12.09 35.84 -21.57
C TYR B 322 -13.51 36.08 -20.95
N LYS B 323 -14.14 37.20 -21.33
CA LYS B 323 -15.51 37.59 -20.92
C LYS B 323 -16.42 37.28 -22.09
N GLY B 324 -17.52 36.56 -21.88
CA GLY B 324 -18.34 35.97 -22.94
C GLY B 324 -17.52 35.08 -23.90
N PHE B 325 -18.19 34.57 -24.94
CA PHE B 325 -17.59 33.67 -25.91
C PHE B 325 -17.08 34.35 -27.23
N ASP B 326 -17.23 35.67 -27.32
CA ASP B 326 -16.94 36.40 -28.57
C ASP B 326 -15.54 36.10 -29.17
N LYS B 327 -14.54 35.99 -28.32
CA LYS B 327 -13.21 35.68 -28.77
C LYS B 327 -12.84 34.19 -28.71
N PHE B 328 -13.84 33.32 -28.83
CA PHE B 328 -13.65 31.88 -28.77
C PHE B 328 -12.81 31.23 -29.84
N GLU B 329 -12.57 31.90 -30.96
CA GLU B 329 -11.59 31.46 -31.97
C GLU B 329 -10.13 31.91 -31.67
N GLU B 330 -9.93 33.14 -31.21
CA GLU B 330 -8.65 33.51 -30.66
C GLU B 330 -8.20 32.51 -29.57
N ALA B 331 -9.10 32.16 -28.62
CA ALA B 331 -8.83 31.17 -27.51
C ALA B 331 -8.14 29.81 -28.00
N PHE B 332 -8.84 29.16 -28.94
CA PHE B 332 -8.49 27.85 -29.49
C PHE B 332 -7.25 27.86 -30.33
N GLU B 333 -7.16 28.86 -31.20
CA GLU B 333 -5.94 29.18 -31.96
C GLU B 333 -4.69 29.51 -31.11
N LEU B 334 -4.76 30.29 -30.04
CA LEU B 334 -3.59 30.45 -29.15
C LEU B 334 -3.14 29.11 -28.52
N MET B 335 -4.14 28.25 -28.40
CA MET B 335 -4.04 27.03 -27.70
C MET B 335 -3.30 25.95 -28.53
N ARG B 336 -3.81 25.67 -29.77
CA ARG B 336 -3.06 25.01 -30.86
C ARG B 336 -1.63 25.50 -30.97
N ALA B 337 -1.42 26.77 -31.26
CA ALA B 337 -0.09 27.36 -31.30
C ALA B 337 0.76 27.06 -30.07
N GLY B 338 0.20 26.48 -28.99
CA GLY B 338 0.97 26.23 -27.77
C GLY B 338 1.27 27.53 -27.03
N LYS B 339 0.33 28.47 -27.05
CA LYS B 339 0.63 29.77 -26.54
C LYS B 339 -0.12 30.14 -25.29
N THR B 340 -0.86 29.19 -24.76
CA THR B 340 -1.56 29.30 -23.48
C THR B 340 -1.12 28.25 -22.39
N GLY B 341 -1.24 28.66 -21.11
CA GLY B 341 -1.41 27.75 -19.97
C GLY B 341 -2.87 27.31 -20.06
N LYS B 342 -3.67 27.47 -19.01
CA LYS B 342 -5.13 27.21 -19.12
C LYS B 342 -5.90 28.50 -19.53
N VAL B 343 -6.99 28.35 -20.28
CA VAL B 343 -7.83 29.41 -20.81
C VAL B 343 -9.18 29.31 -20.16
N VAL B 344 -9.63 30.38 -19.51
CA VAL B 344 -11.02 30.43 -18.90
C VAL B 344 -11.98 31.46 -19.63
N PHE B 345 -13.22 31.02 -19.88
CA PHE B 345 -14.34 31.83 -20.33
C PHE B 345 -15.14 32.12 -19.05
N PHE B 346 -15.58 33.38 -18.91
CA PHE B 346 -16.54 33.81 -17.91
C PHE B 346 -17.77 34.26 -18.69
N PRO B 347 -18.72 33.34 -18.92
CA PRO B 347 -19.83 33.63 -19.83
C PRO B 347 -20.75 34.82 -19.40
N HIS B 348 -20.93 35.06 -18.11
CA HIS B 348 -21.70 36.18 -17.63
C HIS B 348 -20.79 37.33 -17.23
N LYS B 349 -19.84 37.60 -18.11
CA LYS B 349 -18.54 38.13 -17.82
C LYS B 349 -18.10 38.51 -16.42
N GLU C 3 45.72 18.60 22.08
CA GLU C 3 44.68 19.58 21.61
C GLU C 3 43.59 19.58 22.73
N LYS C 4 43.11 20.76 23.13
CA LYS C 4 42.10 20.77 24.15
C LYS C 4 40.74 21.09 23.56
N MET C 5 39.67 20.49 24.11
CA MET C 5 38.29 20.89 23.75
C MET C 5 37.42 21.18 24.97
N GLN C 6 36.34 21.95 24.76
CA GLN C 6 35.20 21.99 25.72
C GLN C 6 34.19 20.87 25.45
N ALA C 7 33.74 20.19 26.52
CA ALA C 7 32.56 19.31 26.47
C ALA C 7 31.44 19.80 27.43
N ILE C 8 30.16 19.42 27.20
CA ILE C 8 29.10 19.43 28.24
C ILE C 8 28.99 17.99 28.79
N MET C 9 29.33 17.87 30.05
CA MET C 9 29.66 16.65 30.65
C MET C 9 28.72 16.41 31.82
N LYS C 10 28.23 15.19 31.93
CA LYS C 10 27.54 14.74 33.13
C LYS C 10 28.62 14.14 34.04
N THR C 11 29.06 14.91 35.05
CA THR C 11 30.20 14.52 35.92
C THR C 11 29.89 13.55 37.10
N LYS C 12 28.87 13.87 37.88
CA LYS C 12 28.34 12.94 38.90
C LYS C 12 26.83 12.69 38.73
N PRO C 13 26.27 11.63 39.37
CA PRO C 13 24.87 11.59 39.86
C PRO C 13 24.05 12.91 39.91
N ALA C 14 23.95 13.67 41.00
CA ALA C 14 23.43 15.07 40.85
C ALA C 14 22.63 15.57 39.55
N TYR C 15 21.53 16.28 39.74
CA TYR C 15 21.05 17.21 38.74
C TYR C 15 22.20 18.09 38.13
N GLY C 16 21.94 18.63 36.92
CA GLY C 16 22.89 19.54 36.26
C GLY C 16 23.93 18.91 35.35
N ALA C 17 24.85 19.74 34.89
CA ALA C 17 25.96 19.32 34.01
C ALA C 17 27.16 20.24 34.27
N GLU C 18 28.26 19.96 33.57
CA GLU C 18 29.52 20.69 33.73
C GLU C 18 30.25 21.01 32.39
N LEU C 19 30.47 22.30 32.12
CA LEU C 19 31.33 22.68 31.01
C LEU C 19 32.80 22.46 31.40
N VAL C 20 33.34 21.28 31.04
CA VAL C 20 34.70 20.93 31.36
C VAL C 20 35.68 21.12 30.17
N GLU C 21 36.99 20.93 30.40
CA GLU C 21 37.97 21.01 29.33
C GLU C 21 38.51 19.61 29.20
N VAL C 22 38.61 19.08 27.96
CA VAL C 22 39.07 17.68 27.77
C VAL C 22 40.00 17.47 26.54
N ASP C 23 40.67 16.32 26.56
CA ASP C 23 41.49 15.84 25.48
C ASP C 23 40.63 15.40 24.33
N VAL C 24 40.80 16.09 23.17
CA VAL C 24 40.24 15.67 21.88
C VAL C 24 40.47 14.13 21.68
N PRO C 25 39.40 13.34 21.38
CA PRO C 25 39.69 11.88 21.33
C PRO C 25 40.34 11.35 20.02
N LYS C 26 40.40 10.03 19.90
CA LYS C 26 41.26 9.29 19.00
C LYS C 26 40.39 8.36 18.08
N PRO C 27 39.93 8.85 16.91
CA PRO C 27 39.19 7.91 16.06
C PRO C 27 39.77 6.47 16.03
N GLY C 28 39.05 5.49 16.57
CA GLY C 28 39.47 4.06 16.57
C GLY C 28 38.92 3.32 15.36
N PRO C 29 39.03 1.96 15.33
CA PRO C 29 38.46 1.17 14.17
C PRO C 29 36.91 1.27 13.91
N GLY C 30 36.54 1.44 12.64
CA GLY C 30 35.17 1.83 12.28
C GLY C 30 34.62 3.15 12.84
N GLU C 31 35.49 4.11 13.17
CA GLU C 31 35.06 5.35 13.81
C GLU C 31 35.65 6.54 13.07
N VAL C 32 35.00 7.73 13.12
CA VAL C 32 35.54 8.97 12.55
C VAL C 32 35.44 9.96 13.63
N LEU C 33 35.98 11.15 13.41
CA LEU C 33 35.97 12.18 14.41
C LEU C 33 35.59 13.40 13.60
N ILE C 34 34.83 14.30 14.18
CA ILE C 34 34.15 15.23 13.44
C ILE C 34 34.29 16.46 14.26
N LYS C 35 34.41 17.61 13.60
CA LYS C 35 34.39 18.93 14.21
C LYS C 35 32.95 19.29 14.38
N VAL C 36 32.48 19.47 15.60
CA VAL C 36 31.03 19.78 15.77
C VAL C 36 30.66 21.21 15.33
N LEU C 37 29.84 21.36 14.28
CA LEU C 37 29.26 22.67 13.80
C LEU C 37 27.90 23.23 14.39
N ALA C 38 26.94 22.33 14.69
CA ALA C 38 25.63 22.64 15.30
C ALA C 38 25.20 21.38 16.11
N THR C 39 24.59 21.60 17.26
CA THR C 39 24.24 20.45 18.12
C THR C 39 23.16 20.96 18.97
N SER C 40 22.09 20.14 18.98
CA SER C 40 20.78 20.40 19.57
C SER C 40 20.49 19.42 20.73
N ILE C 41 19.74 19.98 21.64
CA ILE C 41 19.23 19.26 22.82
C ILE C 41 17.84 18.70 22.57
N CYS C 42 17.68 17.42 22.93
CA CYS C 42 16.33 16.82 22.93
C CYS C 42 15.96 16.41 24.38
N GLY C 43 14.71 15.87 24.50
CA GLY C 43 14.05 15.40 25.71
C GLY C 43 14.80 14.36 26.55
N THR C 44 15.60 13.54 25.91
CA THR C 44 16.52 12.62 26.55
C THR C 44 17.73 13.34 27.13
N ASP C 45 18.16 14.46 26.52
CA ASP C 45 19.29 15.21 27.08
C ASP C 45 18.78 15.92 28.33
N LEU C 46 17.58 16.46 28.22
CA LEU C 46 16.88 17.05 29.35
C LEU C 46 16.67 16.01 30.53
N HIS C 47 16.21 14.81 30.23
CA HIS C 47 16.15 13.77 31.24
C HIS C 47 17.49 13.37 31.82
N ILE C 48 18.59 13.39 31.04
CA ILE C 48 19.96 13.09 31.62
C ILE C 48 20.41 14.22 32.52
N TYR C 49 20.07 15.41 32.12
CA TYR C 49 20.42 16.55 32.89
C TYR C 49 19.61 16.71 34.21
N GLU C 50 18.32 16.38 34.17
CA GLU C 50 17.39 16.43 35.33
C GLU C 50 17.71 15.25 36.27
N TRP C 51 18.53 14.36 35.76
CA TRP C 51 18.97 13.17 36.48
C TRP C 51 17.73 12.42 37.03
N ASN C 52 16.74 12.22 36.14
CA ASN C 52 15.54 11.47 36.43
C ASN C 52 15.90 10.00 36.64
N GLU C 53 14.89 9.17 36.68
CA GLU C 53 14.99 7.87 37.25
C GLU C 53 15.53 6.97 36.19
N TRP C 54 15.02 7.16 35.00
CA TRP C 54 15.56 6.52 33.80
C TRP C 54 17.06 6.82 33.66
N ALA C 55 17.47 8.10 33.76
CA ALA C 55 18.88 8.48 33.64
C ALA C 55 19.81 7.70 34.60
N GLN C 56 19.49 7.63 35.90
CA GLN C 56 20.38 6.93 36.89
C GLN C 56 20.65 5.44 36.66
N SER C 57 19.62 4.72 36.22
CA SER C 57 19.77 3.33 35.83
C SER C 57 20.53 3.13 34.47
N ARG C 58 20.64 4.19 33.66
CA ARG C 58 21.21 4.10 32.30
C ARG C 58 22.65 4.64 32.23
N ILE C 59 22.86 5.87 32.71
CA ILE C 59 24.15 6.52 32.49
C ILE C 59 25.14 6.41 33.69
N LYS C 60 26.32 5.85 33.42
CA LYS C 60 27.46 5.90 34.33
C LYS C 60 28.30 7.12 33.97
N PRO C 61 28.34 8.18 34.83
CA PRO C 61 29.19 9.38 34.62
C PRO C 61 30.66 9.08 34.80
N PRO C 62 31.56 9.99 34.36
CA PRO C 62 31.29 11.19 33.52
C PRO C 62 31.04 10.78 32.06
N GLN C 63 30.09 11.40 31.37
CA GLN C 63 29.77 11.03 29.97
C GLN C 63 29.55 12.37 29.34
N ILE C 64 29.97 12.54 28.08
CA ILE C 64 29.73 13.81 27.36
C ILE C 64 28.26 13.74 26.97
N MET C 65 27.53 14.84 27.08
CA MET C 65 26.15 14.76 26.65
C MET C 65 25.92 15.05 25.09
N GLY C 66 24.71 14.73 24.59
CA GLY C 66 24.15 15.23 23.32
C GLY C 66 24.07 14.14 22.25
N HIS C 67 23.29 14.36 21.21
CA HIS C 67 23.42 13.47 20.03
C HIS C 67 22.83 14.06 18.78
N GLU C 68 22.10 15.17 18.84
CA GLU C 68 21.63 15.86 17.65
C GLU C 68 22.77 16.73 17.08
N VAL C 69 23.43 16.24 16.01
CA VAL C 69 24.58 16.88 15.39
C VAL C 69 24.57 17.15 13.83
N ALA C 70 25.21 18.27 13.50
CA ALA C 70 25.69 18.62 12.15
C ALA C 70 27.18 18.84 12.37
N GLY C 71 28.03 18.03 11.73
CA GLY C 71 29.49 18.10 12.00
C GLY C 71 30.38 17.83 10.77
N GLU C 72 31.67 18.20 10.81
CA GLU C 72 32.57 17.83 9.67
C GLU C 72 33.68 16.77 9.92
N VAL C 73 33.88 15.79 9.04
CA VAL C 73 34.91 14.79 9.29
C VAL C 73 36.20 15.49 9.20
N VAL C 74 36.96 15.38 10.30
CA VAL C 74 38.31 15.93 10.38
C VAL C 74 39.35 14.77 10.58
N GLU C 75 38.93 13.53 10.84
CA GLU C 75 39.91 12.43 10.93
C GLU C 75 39.18 11.10 10.88
N VAL C 76 39.82 10.08 10.33
CA VAL C 76 39.15 8.83 9.95
C VAL C 76 39.92 7.71 10.59
N GLY C 77 39.27 6.72 11.14
CA GLY C 77 40.00 5.69 11.82
C GLY C 77 40.24 4.49 10.96
N PRO C 78 40.90 3.48 11.50
CA PRO C 78 40.99 2.21 10.76
C PRO C 78 39.66 1.62 10.22
N GLY C 79 39.73 0.82 9.17
CA GLY C 79 38.59 0.14 8.58
C GLY C 79 37.34 0.98 8.35
N VAL C 80 37.47 2.17 7.72
CA VAL C 80 36.35 3.14 7.51
C VAL C 80 35.82 3.24 6.05
N GLU C 81 36.68 3.40 5.05
CA GLU C 81 36.24 3.21 3.65
C GLU C 81 35.13 4.17 3.11
N ASP C 82 33.97 4.27 3.77
CA ASP C 82 32.80 5.04 3.22
C ASP C 82 32.79 6.58 3.56
N LEU C 83 33.51 6.95 4.62
CA LEU C 83 33.74 8.38 5.01
C LEU C 83 35.16 8.86 4.78
N GLN C 84 35.34 10.18 4.66
CA GLN C 84 36.65 10.88 4.44
C GLN C 84 36.69 12.38 4.90
N VAL C 85 37.90 12.96 5.18
CA VAL C 85 38.01 14.27 5.76
C VAL C 85 37.21 15.10 4.82
N GLY C 86 36.36 15.99 5.39
CA GLY C 86 35.63 17.05 4.71
C GLY C 86 34.16 16.74 4.49
N ASP C 87 33.83 15.46 4.53
CA ASP C 87 32.38 15.06 4.58
C ASP C 87 31.65 15.71 5.76
N TYR C 88 30.65 16.53 5.45
CA TYR C 88 29.64 17.10 6.32
C TYR C 88 28.57 16.04 6.60
N ILE C 89 28.47 15.59 7.89
CA ILE C 89 27.53 14.58 8.40
C ILE C 89 26.61 14.99 9.61
N SER C 90 25.55 14.22 9.77
CA SER C 90 24.66 14.09 10.97
C SER C 90 24.77 12.63 11.48
N VAL C 91 24.47 12.34 12.75
CA VAL C 91 24.50 10.90 13.26
C VAL C 91 23.07 10.30 13.44
N GLU C 92 22.92 9.02 13.12
CA GLU C 92 21.75 8.25 13.55
C GLU C 92 22.23 7.46 14.81
N THR C 93 21.62 7.72 15.96
CA THR C 93 22.07 7.19 17.27
C THR C 93 21.63 5.77 17.57
N HIS C 94 20.50 5.41 16.99
CA HIS C 94 20.03 4.05 17.06
C HIS C 94 20.91 3.11 16.17
N ILE C 95 22.04 2.69 16.81
CA ILE C 95 22.94 1.56 16.43
C ILE C 95 22.20 0.18 16.37
N VAL C 96 21.68 -0.16 15.17
CA VAL C 96 20.60 -1.20 15.01
C VAL C 96 21.05 -2.67 14.95
N CYS C 97 21.33 -3.18 13.74
CA CYS C 97 21.86 -4.58 13.49
C CYS C 97 21.08 -5.50 12.50
N GLY C 98 21.40 -5.43 11.18
CA GLY C 98 20.79 -6.28 10.09
C GLY C 98 20.78 -7.81 10.23
N LYS C 99 21.07 -8.26 11.47
CA LYS C 99 21.18 -9.68 11.89
C LYS C 99 20.08 -10.18 12.90
N CYS C 100 19.09 -9.32 13.23
CA CYS C 100 17.80 -9.68 13.92
C CYS C 100 16.63 -10.03 12.98
N TYR C 101 15.68 -10.87 13.45
CA TYR C 101 14.36 -11.03 12.80
C TYR C 101 13.71 -9.68 12.24
N ALA C 102 13.65 -8.63 13.09
CA ALA C 102 13.06 -7.30 12.74
C ALA C 102 13.88 -6.55 11.64
N CYS C 103 15.21 -6.50 11.84
CA CYS C 103 16.18 -6.01 10.85
C CYS C 103 16.34 -6.83 9.51
N LYS C 104 16.32 -8.18 9.61
CA LYS C 104 16.32 -9.08 8.44
C LYS C 104 15.03 -8.80 7.55
N HIS C 105 14.05 -8.17 8.20
CA HIS C 105 12.80 -7.73 7.61
C HIS C 105 12.80 -6.20 7.32
N ASN C 106 13.97 -5.58 7.43
CA ASN C 106 14.13 -4.13 7.20
C ASN C 106 13.28 -3.19 8.08
N ARG C 107 13.02 -3.62 9.33
CA ARG C 107 12.40 -2.76 10.39
C ARG C 107 13.49 -2.27 11.38
N TYR C 108 14.27 -1.25 10.98
CA TYR C 108 15.41 -0.70 11.78
C TYR C 108 15.00 0.29 12.87
N HIS C 109 13.73 0.70 12.75
CA HIS C 109 13.02 1.59 13.66
C HIS C 109 12.47 0.84 14.89
N VAL C 110 12.05 -0.41 14.73
CA VAL C 110 11.65 -1.29 15.84
C VAL C 110 12.63 -2.48 16.07
N CYS C 111 13.92 -2.28 15.80
CA CYS C 111 14.96 -3.33 15.95
C CYS C 111 15.58 -3.32 17.35
N GLN C 112 15.97 -4.49 17.88
CA GLN C 112 16.94 -4.59 19.02
C GLN C 112 18.11 -3.63 18.74
N ASN C 113 18.58 -2.94 19.76
CA ASN C 113 19.66 -1.96 19.59
C ASN C 113 20.99 -2.41 20.31
N THR C 114 22.16 -2.08 19.73
CA THR C 114 23.46 -2.08 20.49
C THR C 114 23.44 -0.84 21.43
N LYS C 115 24.62 -0.38 21.89
CA LYS C 115 24.79 1.03 22.34
C LYS C 115 23.77 2.02 21.69
N ILE C 116 23.38 3.07 22.43
CA ILE C 116 22.86 4.30 21.82
C ILE C 116 23.97 5.30 22.04
N PHE C 117 24.19 6.10 21.01
CA PHE C 117 25.16 7.18 21.03
C PHE C 117 24.60 8.37 21.81
N GLY C 118 25.36 8.84 22.82
CA GLY C 118 24.93 9.96 23.68
C GLY C 118 24.32 9.55 25.02
N VAL C 119 23.99 8.24 25.11
CA VAL C 119 23.33 7.61 26.29
C VAL C 119 24.26 6.60 26.96
N ASP C 120 24.64 5.54 26.20
CA ASP C 120 25.64 4.52 26.57
C ASP C 120 27.12 4.83 26.26
N MET C 121 27.38 5.89 25.49
CA MET C 121 28.77 6.40 25.21
C MET C 121 28.73 7.90 25.03
N ASP C 122 29.91 8.52 24.95
CA ASP C 122 29.99 10.00 24.88
C ASP C 122 29.23 10.60 23.69
N GLY C 123 28.85 11.85 23.81
CA GLY C 123 28.01 12.50 22.79
C GLY C 123 28.68 13.73 22.19
N VAL C 124 27.88 14.69 21.78
CA VAL C 124 28.30 15.62 20.80
C VAL C 124 28.32 17.05 21.27
N PHE C 125 28.06 17.28 22.54
CA PHE C 125 28.10 18.64 23.08
C PHE C 125 29.53 18.93 23.42
N ALA C 126 30.28 19.39 22.41
CA ALA C 126 31.78 19.32 22.45
C ALA C 126 32.35 19.78 21.10
N HIS C 127 33.55 20.35 21.09
CA HIS C 127 34.07 20.87 19.82
C HIS C 127 34.35 19.77 18.81
N TYR C 128 34.68 18.56 19.26
CA TYR C 128 34.93 17.40 18.35
C TYR C 128 34.18 16.22 18.97
N ALA C 129 33.78 15.24 18.15
CA ALA C 129 33.20 14.03 18.71
C ALA C 129 33.43 12.77 17.88
N ILE C 130 33.81 11.69 18.55
CA ILE C 130 33.74 10.37 17.95
C ILE C 130 32.31 10.00 17.50
N VAL C 131 32.20 9.64 16.21
CA VAL C 131 31.01 9.15 15.59
C VAL C 131 31.34 7.74 15.04
N PRO C 132 30.53 6.69 15.35
CA PRO C 132 30.72 5.43 14.62
C PRO C 132 30.32 5.65 13.14
N ALA C 133 31.10 5.16 12.19
CA ALA C 133 30.96 5.62 10.82
C ALA C 133 29.80 4.94 10.07
N LYS C 134 29.31 3.83 10.62
CA LYS C 134 28.06 3.16 10.13
C LYS C 134 26.76 3.90 10.42
N ASN C 135 26.77 4.69 11.50
CA ASN C 135 25.74 5.60 11.93
C ASN C 135 25.70 7.02 11.29
N ALA C 136 26.59 7.32 10.35
CA ALA C 136 26.77 8.66 9.81
C ALA C 136 25.94 8.78 8.54
N TRP C 137 25.42 9.97 8.33
CA TRP C 137 24.51 10.28 7.23
C TRP C 137 25.16 11.55 6.71
N LYS C 138 25.48 11.66 5.41
CA LYS C 138 26.08 12.84 4.83
C LYS C 138 25.09 13.79 4.31
N ASN C 139 25.31 15.05 4.50
CA ASN C 139 24.37 16.05 4.12
C ASN C 139 24.85 16.76 2.79
N PRO C 140 23.97 17.49 2.06
CA PRO C 140 24.36 18.24 0.91
C PRO C 140 25.15 19.36 1.51
N LYS C 141 26.14 19.95 0.87
CA LYS C 141 27.02 20.76 1.65
C LYS C 141 26.54 22.17 1.87
N ASP C 142 25.52 22.57 1.17
CA ASP C 142 24.96 23.86 1.42
C ASP C 142 23.83 23.82 2.44
N MET C 143 23.59 22.66 3.07
CA MET C 143 22.51 22.55 4.09
C MET C 143 23.07 23.19 5.36
N PRO C 144 22.48 24.31 5.85
CA PRO C 144 22.79 24.87 7.16
C PRO C 144 23.02 23.84 8.34
N PRO C 145 24.06 24.03 9.17
CA PRO C 145 24.32 23.12 10.31
C PRO C 145 23.20 23.02 11.37
N GLU C 146 22.30 24.04 11.39
CA GLU C 146 21.32 24.14 12.46
C GLU C 146 19.98 23.45 12.05
N TYR C 147 19.57 23.57 10.77
CA TYR C 147 18.70 22.59 10.07
C TYR C 147 19.19 21.14 10.13
N ALA C 148 20.44 20.87 9.77
CA ALA C 148 20.94 19.53 9.74
C ALA C 148 20.96 18.90 11.16
N ALA C 149 21.09 19.78 12.19
CA ALA C 149 21.14 19.35 13.61
C ALA C 149 19.78 18.60 13.95
N LEU C 150 18.71 19.01 13.26
CA LEU C 150 17.31 18.75 13.56
C LEU C 150 16.81 17.49 12.93
N GLN C 151 17.64 16.75 12.25
CA GLN C 151 17.09 15.76 11.29
C GLN C 151 16.69 14.48 11.98
N GLU C 152 17.31 14.09 13.07
CA GLU C 152 16.76 12.99 13.86
C GLU C 152 15.30 13.26 14.31
N PRO C 153 15.12 14.35 15.06
CA PRO C 153 13.73 14.51 15.41
C PRO C 153 12.83 14.88 14.23
N LEU C 154 13.37 15.44 13.16
CA LEU C 154 12.52 15.60 12.01
C LEU C 154 12.20 14.19 11.34
N GLY C 155 13.04 13.19 11.51
CA GLY C 155 12.67 11.89 11.16
C GLY C 155 11.52 11.29 11.93
N ASN C 156 11.43 11.48 13.28
CA ASN C 156 10.19 11.11 14.06
C ASN C 156 8.94 11.70 13.47
N ALA C 157 9.00 12.96 13.17
CA ALA C 157 7.92 13.72 12.61
C ALA C 157 7.55 13.30 11.23
N VAL C 158 8.51 13.02 10.33
CA VAL C 158 8.27 12.48 8.97
C VAL C 158 7.57 11.13 9.03
N ASP C 159 8.10 10.17 9.83
CA ASP C 159 7.53 8.85 9.97
C ASP C 159 6.12 8.95 10.49
N THR C 160 5.87 10.00 11.32
CA THR C 160 4.51 10.21 11.85
C THR C 160 3.54 10.88 10.93
N VAL C 161 3.97 11.94 10.30
CA VAL C 161 3.16 12.66 9.35
C VAL C 161 2.84 11.80 8.14
N LEU C 162 3.78 11.00 7.72
CA LEU C 162 3.74 10.38 6.43
C LEU C 162 3.62 8.85 6.59
N ALA C 163 3.16 8.37 7.75
CA ALA C 163 2.78 6.93 7.89
C ALA C 163 1.68 6.55 6.87
N GLY C 164 1.09 7.57 6.25
CA GLY C 164 0.09 7.41 5.19
C GLY C 164 0.04 8.63 4.29
N PRO C 165 -0.85 8.66 3.33
CA PRO C 165 -0.83 9.87 2.50
C PRO C 165 -1.35 11.01 3.35
N ILE C 166 -1.00 12.26 3.06
CA ILE C 166 -1.56 13.42 3.71
C ILE C 166 -1.89 14.60 2.78
N ALA C 167 -1.44 14.59 1.50
CA ALA C 167 -1.76 15.66 0.54
C ALA C 167 -3.26 15.92 0.31
N GLY C 168 -3.73 17.20 0.53
CA GLY C 168 -5.19 17.50 0.43
C GLY C 168 -5.96 17.01 1.67
N ARG C 169 -5.32 16.64 2.75
CA ARG C 169 -5.95 15.81 3.81
C ARG C 169 -6.12 16.57 5.18
N SER C 170 -7.33 16.55 5.73
CA SER C 170 -7.61 17.25 6.93
C SER C 170 -6.84 16.59 8.04
N THR C 171 -6.11 17.43 8.82
CA THR C 171 -5.20 16.89 9.76
C THR C 171 -5.42 17.55 11.12
N LEU C 172 -5.46 16.70 12.16
CA LEU C 172 -5.42 16.98 13.61
C LEU C 172 -4.13 16.58 14.20
N ILE C 173 -3.47 17.61 14.78
CA ILE C 173 -2.26 17.34 15.53
C ILE C 173 -2.60 17.69 16.99
N THR C 174 -2.38 16.76 17.90
CA THR C 174 -2.42 17.15 19.29
C THR C 174 -0.99 17.18 19.97
N GLY C 175 -0.68 18.33 20.58
CA GLY C 175 0.66 18.57 21.09
C GLY C 175 1.53 19.35 20.07
N ALA C 176 1.81 20.61 20.45
CA ALA C 176 2.86 21.41 19.78
C ALA C 176 4.13 21.67 20.65
N GLY C 177 4.66 20.66 21.30
CA GLY C 177 6.04 20.72 21.74
C GLY C 177 6.96 20.61 20.51
N PRO C 178 8.30 20.54 20.74
CA PRO C 178 9.19 20.49 19.53
C PRO C 178 8.83 19.47 18.44
N LEU C 179 8.68 18.19 18.80
CA LEU C 179 8.27 17.12 17.85
C LEU C 179 7.00 17.46 17.18
N GLY C 180 5.98 17.97 17.88
CA GLY C 180 4.72 18.41 17.16
C GLY C 180 4.84 19.66 16.29
N LEU C 181 5.72 20.58 16.69
CA LEU C 181 6.16 21.71 15.81
C LEU C 181 6.83 21.20 14.55
N LEU C 182 7.71 20.24 14.65
CA LEU C 182 8.38 19.76 13.45
C LEU C 182 7.36 19.04 12.56
N GLY C 183 6.56 18.21 13.26
CA GLY C 183 5.39 17.45 12.77
C GLY C 183 4.51 18.35 12.02
N ILE C 184 4.24 19.59 12.49
CA ILE C 184 3.43 20.56 11.70
C ILE C 184 4.16 21.05 10.40
N ALA C 185 5.46 21.36 10.49
CA ALA C 185 6.22 21.85 9.43
C ALA C 185 6.15 20.82 8.24
N VAL C 186 6.47 19.57 8.56
CA VAL C 186 6.41 18.46 7.61
C VAL C 186 5.04 18.34 6.92
N ALA C 187 3.95 18.35 7.71
CA ALA C 187 2.53 18.32 7.27
C ALA C 187 2.15 19.35 6.25
N LYS C 188 2.51 20.59 6.55
CA LYS C 188 2.33 21.70 5.63
C LYS C 188 3.31 21.55 4.41
N ALA C 189 4.52 21.05 4.55
CA ALA C 189 5.25 20.91 3.30
C ALA C 189 4.74 19.76 2.34
N SER C 190 3.99 18.79 2.90
CA SER C 190 3.45 17.61 2.29
C SER C 190 2.03 17.82 1.90
N GLY C 191 1.52 19.03 2.06
CA GLY C 191 0.24 19.43 1.41
C GLY C 191 -1.01 19.16 2.25
N ALA C 192 -0.86 18.80 3.52
CA ALA C 192 -1.93 18.52 4.48
C ALA C 192 -2.78 19.76 4.73
N TYR C 193 -4.11 19.64 4.78
CA TYR C 193 -4.93 20.86 4.78
C TYR C 193 -6.41 20.67 5.14
N PRO C 194 -6.95 21.40 6.17
CA PRO C 194 -6.31 22.29 7.17
C PRO C 194 -5.51 21.48 8.16
N VAL C 195 -4.44 22.05 8.68
CA VAL C 195 -3.79 21.44 9.79
C VAL C 195 -4.27 22.15 11.08
N ILE C 196 -5.03 21.39 11.88
CA ILE C 196 -5.62 21.82 13.15
C ILE C 196 -4.71 21.34 14.26
N VAL C 197 -4.35 22.25 15.17
CA VAL C 197 -3.55 21.87 16.30
C VAL C 197 -4.29 22.15 17.65
N SER C 198 -4.25 21.14 18.50
CA SER C 198 -4.76 21.23 19.85
C SER C 198 -3.60 21.32 20.78
N GLU C 199 -3.56 22.46 21.50
CA GLU C 199 -2.43 22.72 22.42
C GLU C 199 -2.77 23.62 23.65
N PRO C 200 -2.60 23.09 24.89
CA PRO C 200 -2.92 23.85 26.16
C PRO C 200 -1.95 25.06 26.35
N SER C 201 -0.62 24.92 26.18
CA SER C 201 0.29 26.11 26.29
C SER C 201 0.06 27.14 25.23
N GLU C 202 -0.19 28.39 25.59
CA GLU C 202 -0.34 29.48 24.59
C GLU C 202 0.99 29.89 23.90
N PHE C 203 2.09 29.61 24.56
CA PHE C 203 3.38 29.86 23.98
C PHE C 203 3.43 28.90 22.79
N ARG C 204 3.13 27.63 23.08
CA ARG C 204 3.17 26.59 22.07
C ARG C 204 2.17 26.76 20.93
N ARG C 205 0.97 27.29 21.18
CA ARG C 205 -0.02 27.56 20.10
C ARG C 205 0.41 28.71 19.29
N LYS C 206 1.15 29.63 19.88
CA LYS C 206 1.66 30.81 19.15
C LYS C 206 2.67 30.35 18.13
N LEU C 207 3.63 29.53 18.61
CA LEU C 207 4.62 28.89 17.84
C LEU C 207 3.97 27.98 16.74
N ALA C 208 2.86 27.27 17.07
CA ALA C 208 2.15 26.40 16.09
C ALA C 208 1.61 27.24 14.95
N LYS C 209 1.01 28.40 15.15
CA LYS C 209 0.65 29.35 14.07
C LYS C 209 1.83 29.92 13.23
N LYS C 210 3.00 30.03 13.84
CA LYS C 210 4.09 30.72 13.21
C LYS C 210 4.59 29.69 12.21
N VAL C 211 4.63 28.44 12.70
CA VAL C 211 5.07 27.33 11.91
C VAL C 211 4.20 27.16 10.67
N GLY C 212 2.89 27.22 10.83
CA GLY C 212 2.00 27.12 9.71
C GLY C 212 0.71 26.35 9.97
N ALA C 213 0.41 25.91 11.19
CA ALA C 213 -0.94 25.39 11.55
C ALA C 213 -2.00 26.33 11.10
N ASP C 214 -3.12 25.77 10.68
CA ASP C 214 -4.12 26.62 10.07
C ASP C 214 -5.15 27.10 11.14
N TYR C 215 -5.37 26.26 12.17
CA TYR C 215 -6.23 26.47 13.24
C TYR C 215 -5.47 25.89 14.41
N VAL C 216 -5.44 26.63 15.53
CA VAL C 216 -5.06 26.09 16.90
C VAL C 216 -6.27 26.26 17.85
N VAL C 217 -6.42 25.33 18.77
CA VAL C 217 -7.46 25.41 19.76
C VAL C 217 -6.76 25.09 21.07
N ASN C 218 -7.27 25.66 22.15
CA ASN C 218 -6.89 25.32 23.53
C ASN C 218 -7.87 24.29 23.99
N PRO C 219 -7.43 23.03 24.23
CA PRO C 219 -8.38 22.02 24.61
C PRO C 219 -8.90 22.31 26.05
N PHE C 220 -8.28 23.27 26.78
CA PHE C 220 -8.65 23.74 28.15
C PHE C 220 -9.72 24.81 28.10
N GLU C 221 -9.66 25.74 27.15
CA GLU C 221 -10.70 26.77 26.95
C GLU C 221 -11.89 26.34 26.15
N GLU C 222 -11.78 25.19 25.48
CA GLU C 222 -12.71 24.86 24.37
C GLU C 222 -12.59 23.40 23.96
N ASP C 223 -13.72 22.80 23.57
CA ASP C 223 -13.73 21.35 23.26
C ASP C 223 -13.07 21.20 21.86
N PRO C 224 -11.93 20.43 21.80
CA PRO C 224 -11.14 20.37 20.59
C PRO C 224 -11.88 19.50 19.55
N VAL C 225 -12.59 18.44 20.00
CA VAL C 225 -13.50 17.65 19.15
C VAL C 225 -14.52 18.50 18.45
N LYS C 226 -15.24 19.34 19.14
CA LYS C 226 -16.31 20.11 18.47
C LYS C 226 -15.67 21.14 17.55
N PHE C 227 -14.44 21.53 17.89
CA PHE C 227 -13.65 22.42 17.05
C PHE C 227 -13.39 21.80 15.68
N VAL C 228 -12.84 20.59 15.70
CA VAL C 228 -12.61 19.82 14.47
C VAL C 228 -13.91 19.59 13.65
N MET C 229 -14.98 19.04 14.27
CA MET C 229 -16.37 18.93 13.66
C MET C 229 -16.91 20.20 13.08
N ASP C 230 -16.68 21.32 13.70
CA ASP C 230 -16.81 22.65 13.05
C ASP C 230 -16.04 22.88 11.79
N ILE C 231 -14.69 22.75 11.84
CA ILE C 231 -13.92 23.07 10.63
C ILE C 231 -14.19 22.06 9.47
N THR C 232 -14.60 20.84 9.80
CA THR C 232 -14.70 19.80 8.82
C THR C 232 -16.12 19.42 8.54
N ASP C 233 -17.03 20.41 8.63
CA ASP C 233 -18.51 20.23 8.73
C ASP C 233 -19.05 18.91 9.27
N GLY C 234 -18.59 18.44 10.42
CA GLY C 234 -19.11 17.20 10.95
C GLY C 234 -18.43 15.95 10.40
N ALA C 235 -17.53 16.11 9.43
CA ALA C 235 -16.88 14.93 8.84
C ALA C 235 -15.79 14.36 9.75
N GLY C 236 -15.11 15.17 10.55
CA GLY C 236 -13.98 14.65 11.40
C GLY C 236 -12.71 14.86 10.61
N VAL C 237 -11.56 14.81 11.24
CA VAL C 237 -10.38 14.88 10.37
C VAL C 237 -10.03 13.55 9.69
N GLU C 238 -9.41 13.60 8.58
CA GLU C 238 -8.94 12.39 7.95
C GLU C 238 -7.71 11.79 8.49
N VAL C 239 -6.81 12.62 9.01
CA VAL C 239 -5.51 12.18 9.60
C VAL C 239 -5.38 12.79 11.04
N PHE C 240 -5.02 12.00 12.05
CA PHE C 240 -4.82 12.51 13.39
C PHE C 240 -3.45 12.04 13.80
N LEU C 241 -2.57 13.01 14.16
CA LEU C 241 -1.18 12.68 14.62
C LEU C 241 -1.06 13.04 16.16
N GLU C 242 -0.54 12.11 16.98
CA GLU C 242 -0.51 12.24 18.42
C GLU C 242 0.91 12.47 18.81
N PHE C 243 1.20 13.74 19.12
CA PHE C 243 2.47 14.21 19.59
C PHE C 243 2.46 14.39 21.11
N SER C 244 1.33 14.56 21.78
CA SER C 244 1.35 14.84 23.29
C SER C 244 1.62 13.70 24.28
N GLY C 245 0.94 12.59 24.10
CA GLY C 245 1.02 11.53 25.16
C GLY C 245 0.08 11.90 26.30
N ALA C 246 -0.81 12.89 26.11
CA ALA C 246 -1.87 13.12 27.08
C ALA C 246 -3.05 12.07 26.83
N PRO C 247 -3.26 11.05 27.77
CA PRO C 247 -4.38 10.09 27.67
C PRO C 247 -5.60 10.73 27.09
N LYS C 248 -5.92 11.95 27.50
CA LYS C 248 -7.15 12.60 27.01
C LYS C 248 -7.10 13.07 25.61
N ALA C 249 -5.90 13.47 25.08
CA ALA C 249 -5.80 13.80 23.65
C ALA C 249 -6.01 12.65 22.71
N LEU C 250 -5.51 11.43 23.06
CA LEU C 250 -5.77 10.11 22.40
C LEU C 250 -7.28 9.92 22.18
N GLU C 251 -8.03 9.93 23.28
CA GLU C 251 -9.46 9.91 23.18
C GLU C 251 -10.08 10.96 22.31
N GLN C 252 -9.75 12.20 22.53
CA GLN C 252 -10.34 13.22 21.78
C GLN C 252 -9.98 13.17 20.28
N GLY C 253 -8.78 12.77 19.88
CA GLY C 253 -8.40 12.71 18.43
C GLY C 253 -9.08 11.46 17.84
N LEU C 254 -9.17 10.37 18.66
CA LEU C 254 -9.92 9.15 18.25
C LEU C 254 -11.39 9.52 17.94
N LYS C 255 -11.94 10.48 18.67
CA LYS C 255 -13.33 10.91 18.38
C LYS C 255 -13.45 11.80 17.19
N ALA C 256 -12.41 12.65 16.94
CA ALA C 256 -12.52 13.66 15.89
C ALA C 256 -12.11 13.19 14.49
N VAL C 257 -11.44 12.04 14.38
CA VAL C 257 -11.06 11.49 13.08
C VAL C 257 -12.32 10.86 12.37
N THR C 258 -12.37 10.95 11.06
CA THR C 258 -13.47 10.49 10.28
C THR C 258 -13.42 8.97 10.17
N PRO C 259 -14.55 8.24 9.99
CA PRO C 259 -14.42 6.75 9.73
C PRO C 259 -13.54 6.38 8.52
N GLY C 260 -12.90 5.23 8.48
CA GLY C 260 -11.86 5.11 7.50
C GLY C 260 -10.55 5.96 7.61
N GLY C 261 -10.53 7.06 8.42
CA GLY C 261 -9.36 7.84 8.74
C GLY C 261 -8.19 7.07 9.28
N ARG C 262 -7.06 7.79 9.44
CA ARG C 262 -5.75 7.21 9.70
C ARG C 262 -5.15 7.97 10.84
N VAL C 263 -4.48 7.26 11.78
CA VAL C 263 -3.96 7.75 13.03
C VAL C 263 -2.55 7.29 13.18
N SER C 264 -1.61 8.23 13.57
CA SER C 264 -0.19 7.93 13.89
C SER C 264 0.03 8.18 15.31
N LEU C 265 0.45 7.17 16.04
CA LEU C 265 0.72 7.28 17.49
C LEU C 265 2.20 7.48 17.82
N LEU C 266 2.58 8.74 18.13
CA LEU C 266 4.01 9.07 18.53
C LEU C 266 4.25 9.30 20.06
N GLY C 267 3.50 10.24 20.60
CA GLY C 267 3.58 10.71 21.94
C GLY C 267 3.46 9.55 22.92
N LEU C 268 4.37 9.50 23.91
CA LEU C 268 4.37 8.43 24.88
C LEU C 268 3.45 8.71 26.08
N PHE C 269 2.77 7.66 26.58
CA PHE C 269 1.69 7.89 27.60
C PHE C 269 2.22 7.65 29.00
N PRO C 270 1.72 8.43 29.95
CA PRO C 270 2.05 8.33 31.40
C PRO C 270 1.58 7.00 32.05
N ARG C 271 0.55 6.37 31.47
CA ARG C 271 -0.21 5.23 32.07
C ARG C 271 -0.99 4.45 30.89
N GLU C 272 -1.31 3.16 31.08
CA GLU C 272 -2.39 2.47 30.31
C GLU C 272 -3.60 3.36 30.16
N VAL C 273 -4.13 3.48 28.94
CA VAL C 273 -5.35 4.31 28.69
C VAL C 273 -6.49 3.39 28.34
N THR C 274 -7.66 3.76 28.82
CA THR C 274 -8.85 2.96 28.73
C THR C 274 -9.55 3.51 27.54
N ILE C 275 -9.90 2.65 26.58
CA ILE C 275 -10.40 3.21 25.28
C ILE C 275 -11.63 2.50 24.88
N ASP C 276 -12.59 3.22 24.35
CA ASP C 276 -13.68 2.50 23.67
C ASP C 276 -13.29 2.11 22.16
N PHE C 277 -12.69 0.94 22.05
CA PHE C 277 -12.40 0.25 20.78
C PHE C 277 -13.57 0.12 19.80
N ASN C 278 -14.68 -0.49 20.23
CA ASN C 278 -15.90 -0.55 19.40
C ASN C 278 -16.15 0.75 18.70
N ASN C 279 -16.47 1.80 19.39
CA ASN C 279 -16.92 2.99 18.73
C ASN C 279 -15.85 3.79 18.07
N LEU C 280 -14.67 3.89 18.72
CA LEU C 280 -13.54 4.69 18.19
C LEU C 280 -12.64 3.98 17.16
N ILE C 281 -12.51 2.67 17.20
CA ILE C 281 -11.57 2.04 16.32
C ILE C 281 -12.19 1.03 15.27
N ILE C 282 -12.85 0.00 15.78
CA ILE C 282 -13.52 -1.03 15.01
C ILE C 282 -14.63 -0.45 14.08
N PHE C 283 -15.66 0.24 14.63
CA PHE C 283 -16.78 0.84 13.84
C PHE C 283 -16.48 2.08 13.00
N LYS C 284 -15.42 2.78 13.38
CA LYS C 284 -14.92 3.83 12.51
C LYS C 284 -13.91 3.23 11.48
N ALA C 285 -13.64 1.94 11.61
CA ALA C 285 -12.73 1.35 10.77
C ALA C 285 -11.35 2.20 10.60
N LEU C 286 -10.85 2.74 11.72
CA LEU C 286 -9.51 3.39 11.73
C LEU C 286 -8.36 2.46 11.34
N GLU C 287 -7.32 3.05 10.75
CA GLU C 287 -5.98 2.45 10.63
C GLU C 287 -5.04 3.26 11.51
N VAL C 288 -4.40 2.55 12.42
CA VAL C 288 -3.73 3.21 13.47
C VAL C 288 -2.31 2.79 13.44
N HIS C 289 -1.36 3.75 13.39
CA HIS C 289 0.02 3.34 13.35
C HIS C 289 0.74 3.69 14.63
N GLY C 290 1.24 2.65 15.33
CA GLY C 290 2.18 2.89 16.34
C GLY C 290 3.48 3.37 15.67
N ILE C 291 3.99 4.54 16.06
CA ILE C 291 5.26 5.06 15.48
C ILE C 291 6.36 5.15 16.43
N THR C 292 7.47 4.51 16.11
CA THR C 292 8.65 4.72 16.90
C THR C 292 9.93 4.76 15.95
N GLY C 293 11.10 5.24 16.44
CA GLY C 293 12.37 5.20 15.69
C GLY C 293 12.28 5.83 14.29
N ARG C 294 13.20 5.43 13.40
CA ARG C 294 13.26 6.01 12.03
C ARG C 294 13.70 4.92 11.07
N HIS C 295 13.18 4.98 9.85
CA HIS C 295 13.47 3.99 8.83
C HIS C 295 14.83 4.29 8.20
N LEU C 296 15.76 3.36 8.44
CA LEU C 296 17.08 3.35 7.84
C LEU C 296 17.12 2.68 6.42
N TRP C 297 17.33 3.54 5.40
CA TRP C 297 17.55 4.99 5.61
C TRP C 297 16.52 5.84 4.84
N GLU C 298 15.37 5.25 4.38
CA GLU C 298 14.25 5.99 3.77
C GLU C 298 13.96 7.31 4.42
N THR C 299 13.90 7.28 5.79
CA THR C 299 13.31 8.42 6.57
C THR C 299 14.27 9.62 6.42
N TRP C 300 15.54 9.31 6.57
CA TRP C 300 16.64 10.30 6.26
C TRP C 300 16.66 10.93 4.82
N TYR C 301 16.35 10.14 3.83
CA TYR C 301 16.28 10.64 2.46
C TYR C 301 15.23 11.73 2.37
N THR C 302 13.99 11.45 2.84
CA THR C 302 12.90 12.38 2.87
C THR C 302 13.18 13.56 3.75
N VAL C 303 13.61 13.41 5.02
CA VAL C 303 13.95 14.55 5.81
C VAL C 303 14.99 15.44 5.05
N SER C 304 16.15 14.84 4.64
CA SER C 304 17.09 15.63 3.78
C SER C 304 16.48 16.36 2.61
N SER C 305 15.71 15.67 1.83
CA SER C 305 15.13 16.31 0.73
C SER C 305 14.10 17.42 1.15
N LEU C 306 13.35 17.15 2.19
CA LEU C 306 12.35 18.14 2.64
C LEU C 306 13.14 19.35 3.21
N ILE C 307 14.23 19.13 3.93
CA ILE C 307 15.06 20.37 4.29
C ILE C 307 15.49 21.25 3.01
N GLN C 308 16.19 20.61 2.09
CA GLN C 308 16.59 21.16 0.83
C GLN C 308 15.51 21.84 0.02
N SER C 309 14.27 21.40 0.15
CA SER C 309 13.16 22.08 -0.54
C SER C 309 12.89 23.50 -0.07
N GLY C 310 13.42 23.88 1.11
CA GLY C 310 13.04 25.14 1.86
C GLY C 310 11.55 25.29 2.18
N LYS C 311 10.78 24.20 2.10
CA LYS C 311 9.31 24.14 2.34
C LYS C 311 9.00 23.79 3.80
N LEU C 312 10.05 23.46 4.57
CA LEU C 312 9.99 23.28 6.06
C LEU C 312 10.18 24.58 6.79
N ASN C 313 9.14 25.03 7.47
CA ASN C 313 9.21 26.30 8.21
C ASN C 313 9.74 26.04 9.62
N LEU C 314 11.08 25.91 9.64
CA LEU C 314 11.90 25.46 10.74
C LEU C 314 12.47 26.60 11.54
N ASP C 315 12.60 27.74 10.87
CA ASP C 315 13.12 28.95 11.54
C ASP C 315 12.35 29.30 12.84
N PRO C 316 10.94 29.41 12.81
CA PRO C 316 10.18 29.60 14.04
C PRO C 316 10.39 28.56 15.18
N ILE C 317 10.95 27.41 14.85
CA ILE C 317 11.05 26.32 15.81
C ILE C 317 12.31 26.51 16.59
N ILE C 318 13.33 27.03 15.94
CA ILE C 318 14.60 27.22 16.56
C ILE C 318 14.53 28.55 17.22
N THR C 319 14.18 28.55 18.48
CA THR C 319 13.88 29.77 19.19
C THR C 319 15.18 30.32 19.87
N HIS C 320 16.16 29.47 20.18
CA HIS C 320 17.41 29.83 20.85
C HIS C 320 18.60 29.18 20.18
N LYS C 321 19.52 30.08 19.74
CA LYS C 321 20.88 29.76 19.19
C LYS C 321 21.95 30.37 20.08
N TYR C 322 22.86 29.53 20.53
CA TYR C 322 23.94 29.85 21.41
C TYR C 322 25.28 29.58 20.79
N LYS C 323 26.22 30.53 20.94
CA LYS C 323 27.58 30.45 20.41
C LYS C 323 28.50 29.83 21.43
N GLY C 324 29.17 28.72 21.07
CA GLY C 324 29.81 27.88 22.08
C GLY C 324 28.91 27.38 23.24
N PHE C 325 29.49 26.73 24.21
CA PHE C 325 28.73 26.15 25.31
C PHE C 325 28.49 27.00 26.64
N ASP C 326 28.69 28.33 26.61
CA ASP C 326 28.85 29.08 27.89
C ASP C 326 27.53 29.40 28.62
N LYS C 327 26.52 29.82 27.84
CA LYS C 327 25.17 29.99 28.32
C LYS C 327 24.33 28.64 28.38
N PHE C 328 25.02 27.52 28.59
CA PHE C 328 24.45 26.20 28.55
C PHE C 328 23.40 25.88 29.60
N GLU C 329 23.57 26.40 30.82
CA GLU C 329 22.64 26.21 31.94
C GLU C 329 21.33 26.93 31.69
N GLU C 330 21.42 28.12 31.09
CA GLU C 330 20.25 28.91 30.68
C GLU C 330 19.35 28.20 29.60
N ALA C 331 20.04 27.50 28.68
CA ALA C 331 19.44 26.70 27.64
C ALA C 331 18.56 25.61 28.28
N PHE C 332 19.16 24.78 29.17
CA PHE C 332 18.43 23.74 29.85
C PHE C 332 17.28 24.25 30.68
N GLU C 333 17.49 25.30 31.49
CA GLU C 333 16.41 25.92 32.24
C GLU C 333 15.27 26.47 31.42
N LEU C 334 15.58 27.00 30.24
CA LEU C 334 14.55 27.58 29.36
C LEU C 334 13.66 26.44 28.77
N MET C 335 14.34 25.38 28.40
CA MET C 335 13.80 24.10 28.09
C MET C 335 12.99 23.47 29.20
N ARG C 336 13.57 23.30 30.38
CA ARG C 336 12.83 22.82 31.58
C ARG C 336 11.58 23.60 31.84
N ALA C 337 11.66 24.93 31.78
CA ALA C 337 10.50 25.83 31.89
C ALA C 337 9.54 25.99 30.67
N GLY C 338 9.80 25.29 29.54
CA GLY C 338 8.90 25.21 28.40
C GLY C 338 8.86 26.49 27.59
N LYS C 339 9.97 27.21 27.57
CA LYS C 339 10.13 28.47 26.83
C LYS C 339 10.96 28.38 25.51
N THR C 340 11.34 27.16 25.11
CA THR C 340 12.06 26.98 23.92
C THR C 340 11.26 26.18 22.87
N GLY C 341 11.59 26.39 21.58
CA GLY C 341 11.21 25.48 20.49
C GLY C 341 12.33 24.50 20.39
N LYS C 342 13.20 24.61 19.41
CA LYS C 342 14.45 23.86 19.56
C LYS C 342 15.63 24.72 19.97
N VAL C 343 16.63 24.15 20.58
CA VAL C 343 17.71 24.98 21.04
C VAL C 343 18.95 24.43 20.40
N VAL C 344 19.67 25.31 19.73
CA VAL C 344 20.88 24.97 18.98
C VAL C 344 22.11 25.74 19.48
N PHE C 345 23.10 24.93 19.85
CA PHE C 345 24.50 25.36 19.99
C PHE C 345 25.30 25.32 18.70
N PHE C 346 26.05 26.40 18.49
CA PHE C 346 27.23 26.41 17.60
C PHE C 346 28.57 26.42 18.34
N PRO C 347 29.18 25.26 18.44
CA PRO C 347 30.40 25.15 19.18
C PRO C 347 31.59 26.02 18.72
N HIS C 348 31.63 26.45 17.46
CA HIS C 348 32.85 27.11 16.89
C HIS C 348 32.38 28.47 16.51
N LYS C 349 32.13 29.27 17.54
CA LYS C 349 31.58 30.61 17.48
C LYS C 349 31.54 31.09 18.94
N GLU D 3 -51.55 -15.04 -1.59
CA GLU D 3 -50.44 -16.03 -1.53
C GLU D 3 -49.81 -15.96 -0.18
N LYS D 4 -49.42 -17.08 0.42
CA LYS D 4 -49.02 -17.13 1.83
C LYS D 4 -47.62 -17.73 2.07
N MET D 5 -47.03 -17.54 3.28
CA MET D 5 -45.77 -18.18 3.65
C MET D 5 -45.61 -18.12 5.13
N GLN D 6 -44.76 -19.02 5.66
CA GLN D 6 -44.07 -18.91 6.96
C GLN D 6 -42.81 -17.95 7.07
N ALA D 7 -42.68 -17.30 8.23
CA ALA D 7 -41.57 -16.42 8.58
C ALA D 7 -41.23 -16.73 10.03
N ILE D 8 -39.92 -16.68 10.41
CA ILE D 8 -39.45 -16.65 11.80
C ILE D 8 -39.53 -15.22 12.15
N MET D 9 -40.30 -14.92 13.18
CA MET D 9 -40.76 -13.56 13.39
C MET D 9 -40.65 -13.13 14.85
N LYS D 10 -40.18 -11.91 15.02
CA LYS D 10 -40.12 -11.22 16.32
C LYS D 10 -41.46 -10.53 16.39
N THR D 11 -42.33 -11.13 17.20
CA THR D 11 -43.74 -10.72 17.31
C THR D 11 -43.90 -9.76 18.50
N LYS D 12 -43.30 -10.10 19.64
CA LYS D 12 -43.36 -9.27 20.89
C LYS D 12 -41.93 -8.84 21.34
N PRO D 13 -41.80 -7.75 22.19
CA PRO D 13 -40.44 -7.42 22.70
C PRO D 13 -40.14 -8.35 23.83
N ALA D 14 -39.72 -9.57 23.57
CA ALA D 14 -39.25 -10.47 24.65
C ALA D 14 -38.34 -11.50 24.02
N TYR D 15 -37.68 -12.31 24.82
CA TYR D 15 -36.97 -13.46 24.33
C TYR D 15 -37.87 -14.32 23.41
N GLY D 16 -37.23 -14.92 22.39
CA GLY D 16 -37.88 -15.85 21.48
C GLY D 16 -38.34 -15.24 20.21
N ALA D 17 -38.91 -16.11 19.40
CA ALA D 17 -39.45 -15.82 18.08
C ALA D 17 -40.73 -16.66 17.87
N GLU D 18 -41.65 -16.23 16.98
CA GLU D 18 -42.69 -17.19 16.46
C GLU D 18 -42.63 -17.49 14.99
N LEU D 19 -42.63 -18.77 14.65
CA LEU D 19 -43.00 -19.20 13.26
C LEU D 19 -44.42 -18.74 12.90
N VAL D 20 -44.60 -17.73 12.08
CA VAL D 20 -45.96 -17.25 11.82
C VAL D 20 -46.36 -17.47 10.33
N GLU D 21 -47.66 -17.38 9.96
CA GLU D 21 -48.10 -17.37 8.55
C GLU D 21 -48.38 -15.97 8.13
N VAL D 22 -47.88 -15.59 6.98
CA VAL D 22 -48.01 -14.21 6.53
C VAL D 22 -48.11 -14.24 5.03
N ASP D 23 -48.62 -13.14 4.49
CA ASP D 23 -48.68 -12.88 3.06
C ASP D 23 -47.29 -12.76 2.42
N VAL D 24 -47.21 -13.16 1.14
CA VAL D 24 -46.05 -13.00 0.32
C VAL D 24 -46.04 -11.56 -0.24
N PRO D 25 -44.93 -10.85 0.02
CA PRO D 25 -44.79 -9.47 -0.35
C PRO D 25 -44.64 -9.34 -1.81
N LYS D 26 -45.11 -8.21 -2.33
CA LYS D 26 -44.99 -7.93 -3.71
C LYS D 26 -43.80 -6.99 -3.92
N PRO D 27 -42.97 -7.27 -4.96
CA PRO D 27 -41.90 -6.40 -5.45
C PRO D 27 -42.34 -5.05 -5.98
N GLY D 28 -41.97 -3.96 -5.30
CA GLY D 28 -42.10 -2.62 -5.85
C GLY D 28 -40.98 -2.28 -6.85
N PRO D 29 -40.92 -1.02 -7.35
CA PRO D 29 -39.85 -0.71 -8.32
C PRO D 29 -38.43 -0.79 -7.73
N GLY D 30 -37.48 -1.22 -8.56
CA GLY D 30 -36.18 -1.51 -8.05
C GLY D 30 -36.08 -2.62 -7.02
N GLU D 31 -37.13 -3.41 -6.85
CA GLU D 31 -37.07 -4.59 -5.95
C GLU D 31 -37.30 -5.88 -6.75
N VAL D 32 -36.89 -6.97 -6.15
CA VAL D 32 -37.16 -8.29 -6.66
C VAL D 32 -37.61 -9.17 -5.53
N LEU D 33 -38.34 -10.24 -5.89
CA LEU D 33 -38.81 -11.21 -4.96
C LEU D 33 -37.98 -12.47 -5.15
N ILE D 34 -37.52 -13.09 -4.08
CA ILE D 34 -36.70 -14.26 -4.17
C ILE D 34 -37.33 -15.40 -3.38
N LYS D 35 -37.15 -16.63 -3.82
CA LYS D 35 -37.44 -17.79 -3.07
C LYS D 35 -36.24 -18.08 -2.22
N VAL D 36 -36.41 -18.26 -0.90
CA VAL D 36 -35.31 -18.34 -0.07
C VAL D 36 -34.90 -19.74 -0.03
N LEU D 37 -33.70 -19.98 -0.51
CA LEU D 37 -33.18 -21.33 -0.57
C LEU D 37 -32.39 -21.80 0.59
N ALA D 38 -31.52 -20.95 1.16
CA ALA D 38 -30.74 -21.28 2.38
C ALA D 38 -30.56 -19.97 3.10
N THR D 39 -30.57 -20.06 4.39
CA THR D 39 -30.52 -18.82 5.19
C THR D 39 -29.92 -19.17 6.52
N SER D 40 -29.03 -18.27 6.92
CA SER D 40 -28.07 -18.64 7.93
C SER D 40 -28.26 -17.74 9.10
N ILE D 41 -27.96 -18.34 10.24
CA ILE D 41 -28.02 -17.58 11.55
C ILE D 41 -26.70 -16.92 12.04
N CYS D 42 -26.81 -15.60 12.15
CA CYS D 42 -25.90 -14.59 12.72
C CYS D 42 -25.89 -14.28 14.29
N GLY D 43 -24.77 -13.79 14.86
CA GLY D 43 -24.77 -13.16 16.20
C GLY D 43 -25.79 -11.98 16.35
N THR D 44 -25.97 -11.08 15.38
CA THR D 44 -27.00 -10.07 15.54
C THR D 44 -28.40 -10.71 15.66
N ASP D 45 -28.74 -11.68 14.78
CA ASP D 45 -29.97 -12.48 14.88
C ASP D 45 -30.12 -13.10 16.26
N LEU D 46 -29.09 -13.77 16.79
CA LEU D 46 -29.13 -14.30 18.18
C LEU D 46 -29.40 -13.22 19.20
N HIS D 47 -29.04 -11.99 18.88
CA HIS D 47 -29.24 -10.93 19.84
C HIS D 47 -30.64 -10.46 19.89
N ILE D 48 -31.19 -10.29 18.71
CA ILE D 48 -32.55 -9.97 18.52
C ILE D 48 -33.52 -11.01 19.12
N TYR D 49 -33.26 -12.30 18.88
CA TYR D 49 -33.99 -13.45 19.43
C TYR D 49 -33.99 -13.41 20.92
N GLU D 50 -32.79 -13.28 21.49
CA GLU D 50 -32.56 -13.18 22.93
C GLU D 50 -33.14 -11.90 23.52
N TRP D 51 -33.13 -10.82 22.74
CA TRP D 51 -33.75 -9.56 23.13
C TRP D 51 -32.87 -8.95 24.21
N ASN D 52 -31.62 -8.72 23.85
CA ASN D 52 -30.70 -8.05 24.70
C ASN D 52 -30.91 -6.53 24.57
N GLU D 53 -29.96 -5.76 25.09
CA GLU D 53 -30.09 -4.34 25.29
C GLU D 53 -30.14 -3.59 23.96
N TRP D 54 -29.17 -3.89 23.13
CA TRP D 54 -29.03 -3.38 21.80
C TRP D 54 -30.31 -3.66 21.01
N ALA D 55 -30.85 -4.88 21.10
CA ALA D 55 -32.08 -5.26 20.30
C ALA D 55 -33.28 -4.46 20.73
N GLN D 56 -33.36 -4.23 22.06
CA GLN D 56 -34.50 -3.49 22.62
C GLN D 56 -34.55 -2.02 22.22
N SER D 57 -33.35 -1.43 22.07
CA SER D 57 -33.15 -0.11 21.49
C SER D 57 -33.49 -0.09 19.97
N ARG D 58 -32.95 -1.07 19.25
CA ARG D 58 -32.99 -1.04 17.81
C ARG D 58 -34.29 -1.58 17.18
N ILE D 59 -34.63 -2.85 17.36
CA ILE D 59 -35.84 -3.38 16.63
C ILE D 59 -37.24 -3.06 17.25
N LYS D 60 -38.15 -2.62 16.38
CA LYS D 60 -39.61 -2.50 16.65
C LYS D 60 -40.44 -3.67 16.05
N PRO D 61 -40.83 -4.67 16.90
CA PRO D 61 -41.80 -5.74 16.58
C PRO D 61 -43.11 -5.22 16.00
N PRO D 62 -43.76 -6.02 15.12
CA PRO D 62 -43.22 -7.33 14.74
C PRO D 62 -42.36 -7.23 13.47
N GLN D 63 -41.36 -8.09 13.41
CA GLN D 63 -40.56 -8.19 12.16
C GLN D 63 -39.95 -9.54 11.84
N ILE D 64 -39.77 -9.80 10.54
CA ILE D 64 -39.17 -11.06 10.07
C ILE D 64 -37.65 -10.83 10.27
N MET D 65 -37.05 -11.77 11.00
CA MET D 65 -35.67 -11.94 11.24
C MET D 65 -34.85 -12.58 10.10
N GLY D 66 -33.51 -12.39 10.16
CA GLY D 66 -32.57 -12.95 9.19
C GLY D 66 -31.97 -12.02 8.14
N HIS D 67 -30.74 -12.30 7.75
CA HIS D 67 -30.15 -11.42 6.67
C HIS D 67 -29.29 -12.16 5.66
N GLU D 68 -28.66 -13.23 6.14
CA GLU D 68 -27.82 -14.10 5.43
C GLU D 68 -28.67 -15.11 4.61
N VAL D 69 -28.60 -14.95 3.27
CA VAL D 69 -29.53 -15.49 2.27
C VAL D 69 -28.79 -15.97 0.97
N ALA D 70 -29.22 -17.14 0.49
CA ALA D 70 -28.95 -17.67 -0.86
C ALA D 70 -30.40 -17.78 -1.44
N GLY D 71 -30.76 -16.98 -2.41
CA GLY D 71 -32.12 -16.94 -2.91
C GLY D 71 -32.22 -17.08 -4.44
N GLU D 72 -33.36 -17.51 -4.97
CA GLU D 72 -33.54 -17.52 -6.43
C GLU D 72 -34.62 -16.57 -6.80
N VAL D 73 -34.41 -15.70 -7.77
CA VAL D 73 -35.42 -14.71 -8.15
C VAL D 73 -36.68 -15.30 -8.81
N VAL D 74 -37.87 -15.01 -8.31
CA VAL D 74 -39.10 -15.57 -8.91
C VAL D 74 -39.88 -14.49 -9.65
N GLU D 75 -39.60 -13.27 -9.24
CA GLU D 75 -40.26 -12.11 -9.82
C GLU D 75 -39.53 -10.83 -9.50
N VAL D 76 -39.71 -9.87 -10.38
CA VAL D 76 -38.87 -8.70 -10.54
C VAL D 76 -39.83 -7.50 -10.57
N GLY D 77 -39.53 -6.51 -9.75
CA GLY D 77 -40.27 -5.30 -9.74
C GLY D 77 -40.28 -4.57 -11.07
N PRO D 78 -41.08 -3.48 -11.15
CA PRO D 78 -41.03 -2.52 -12.28
C PRO D 78 -39.60 -1.96 -12.47
N GLY D 79 -39.14 -1.85 -13.71
CA GLY D 79 -37.82 -1.29 -14.04
C GLY D 79 -36.59 -1.76 -13.25
N VAL D 80 -36.37 -3.08 -13.25
CA VAL D 80 -35.17 -3.73 -12.74
C VAL D 80 -34.67 -4.25 -14.05
N GLU D 81 -33.46 -3.86 -14.44
CA GLU D 81 -32.94 -4.29 -15.75
C GLU D 81 -31.95 -5.38 -15.46
N ASP D 82 -31.32 -5.28 -14.32
CA ASP D 82 -30.15 -6.06 -14.07
C ASP D 82 -30.42 -7.51 -13.60
N LEU D 83 -31.60 -7.72 -13.01
CA LEU D 83 -32.03 -9.02 -12.46
C LEU D 83 -33.17 -9.62 -13.26
N GLN D 84 -33.20 -10.95 -13.34
CA GLN D 84 -34.38 -11.65 -13.95
C GLN D 84 -34.73 -12.91 -13.23
N VAL D 85 -35.97 -13.38 -13.49
CA VAL D 85 -36.47 -14.71 -12.97
C VAL D 85 -35.45 -15.78 -13.16
N GLY D 86 -35.12 -16.55 -12.15
CA GLY D 86 -34.07 -17.54 -12.29
C GLY D 86 -32.68 -17.25 -11.74
N ASP D 87 -32.33 -15.97 -11.68
CA ASP D 87 -31.06 -15.50 -11.04
C ASP D 87 -30.93 -15.96 -9.60
N TYR D 88 -29.81 -16.61 -9.31
CA TYR D 88 -29.42 -17.10 -8.05
C TYR D 88 -28.55 -15.93 -7.45
N ILE D 89 -29.03 -15.36 -6.37
CA ILE D 89 -28.38 -14.26 -5.69
C ILE D 89 -28.19 -14.40 -4.20
N SER D 90 -27.18 -13.72 -3.69
CA SER D 90 -26.99 -13.42 -2.30
C SER D 90 -27.24 -11.91 -2.16
N VAL D 91 -27.44 -11.46 -0.92
CA VAL D 91 -27.73 -10.02 -0.53
C VAL D 91 -26.69 -9.31 0.41
N GLU D 92 -26.32 -8.07 0.11
CA GLU D 92 -25.51 -7.27 1.03
C GLU D 92 -26.46 -6.57 1.97
N THR D 93 -26.40 -6.86 3.27
CA THR D 93 -27.45 -6.34 4.21
C THR D 93 -27.36 -4.86 4.51
N HIS D 94 -26.17 -4.29 4.38
CA HIS D 94 -25.97 -2.83 4.42
C HIS D 94 -26.48 -2.08 3.18
N ILE D 95 -27.66 -1.43 3.33
CA ILE D 95 -28.24 -0.61 2.25
C ILE D 95 -27.55 0.75 2.16
N VAL D 96 -27.21 1.11 0.90
CA VAL D 96 -26.17 2.16 0.48
C VAL D 96 -26.06 3.64 1.14
N CYS D 97 -25.24 4.56 0.58
CA CYS D 97 -25.29 6.06 0.88
C CYS D 97 -25.11 6.89 -0.38
N GLY D 98 -24.18 6.45 -1.24
CA GLY D 98 -23.65 7.29 -2.32
C GLY D 98 -23.38 8.75 -1.92
N LYS D 99 -24.21 9.30 -1.03
CA LYS D 99 -24.25 10.75 -0.79
C LYS D 99 -23.40 11.28 0.41
N CYS D 100 -23.26 10.46 1.48
CA CYS D 100 -22.32 10.73 2.62
C CYS D 100 -20.86 10.84 2.25
N TYR D 101 -20.13 11.66 3.02
CA TYR D 101 -18.66 11.77 3.01
C TYR D 101 -17.92 10.40 2.92
N ALA D 102 -18.25 9.46 3.82
CA ALA D 102 -17.64 8.07 3.84
C ALA D 102 -17.95 7.18 2.60
N CYS D 103 -19.13 7.36 1.97
CA CYS D 103 -19.61 6.68 0.73
C CYS D 103 -19.19 7.31 -0.57
N LYS D 104 -18.93 8.62 -0.52
CA LYS D 104 -18.30 9.35 -1.61
C LYS D 104 -16.79 9.01 -1.68
N HIS D 105 -16.24 8.54 -0.57
CA HIS D 105 -14.83 8.09 -0.46
C HIS D 105 -14.61 6.58 -0.77
N ASN D 106 -15.73 5.88 -1.02
CA ASN D 106 -15.79 4.45 -1.28
C ASN D 106 -15.57 3.65 0.03
N ARG D 107 -16.19 4.09 1.11
CA ARG D 107 -15.97 3.46 2.44
C ARG D 107 -17.30 2.95 2.95
N TYR D 108 -17.85 1.92 2.28
CA TYR D 108 -19.24 1.45 2.54
C TYR D 108 -19.39 0.66 3.82
N HIS D 109 -18.33 -0.06 4.18
CA HIS D 109 -18.15 -0.75 5.50
C HIS D 109 -18.44 0.18 6.74
N VAL D 110 -17.77 1.36 6.78
CA VAL D 110 -17.95 2.45 7.78
C VAL D 110 -19.22 3.35 7.60
N CYS D 111 -19.59 3.62 6.35
CA CYS D 111 -20.71 4.50 6.02
C CYS D 111 -22.01 3.87 6.52
N GLN D 112 -22.99 4.71 6.85
CA GLN D 112 -24.09 4.34 7.76
C GLN D 112 -25.27 3.45 7.28
N ASN D 113 -26.33 4.08 6.73
CA ASN D 113 -27.71 3.55 6.92
C ASN D 113 -28.77 4.29 6.04
N THR D 114 -29.40 3.55 5.11
CA THR D 114 -30.81 3.80 4.69
C THR D 114 -31.58 2.54 5.13
N LYS D 115 -31.31 2.13 6.38
CA LYS D 115 -31.83 0.91 7.02
C LYS D 115 -31.01 -0.40 6.78
N ILE D 116 -31.27 -1.41 7.61
CA ILE D 116 -30.58 -2.72 7.54
C ILE D 116 -31.60 -3.89 7.39
N PHE D 117 -31.17 -4.87 6.60
CA PHE D 117 -31.95 -6.04 6.29
C PHE D 117 -32.07 -6.94 7.49
N GLY D 118 -33.28 -7.19 7.96
CA GLY D 118 -33.48 -8.15 9.02
C GLY D 118 -33.27 -7.57 10.40
N VAL D 119 -32.94 -6.28 10.43
CA VAL D 119 -32.87 -5.43 11.63
C VAL D 119 -33.98 -4.30 11.59
N ASP D 120 -34.06 -3.54 10.48
CA ASP D 120 -34.97 -2.37 10.33
C ASP D 120 -36.13 -2.69 9.42
N MET D 121 -35.94 -3.69 8.58
CA MET D 121 -36.96 -4.12 7.68
C MET D 121 -36.93 -5.63 7.81
N ASP D 122 -37.85 -6.28 7.08
CA ASP D 122 -38.06 -7.69 7.16
C ASP D 122 -36.89 -8.44 6.52
N GLY D 123 -36.38 -9.40 7.28
CA GLY D 123 -35.29 -10.30 6.82
C GLY D 123 -35.77 -11.39 5.87
N VAL D 124 -35.29 -12.60 6.01
CA VAL D 124 -35.24 -13.60 4.98
C VAL D 124 -35.37 -14.97 5.69
N PHE D 125 -35.73 -14.98 7.00
CA PHE D 125 -36.24 -16.22 7.66
C PHE D 125 -37.77 -16.31 7.30
N ALA D 126 -38.02 -16.93 6.14
CA ALA D 126 -39.27 -16.80 5.38
C ALA D 126 -38.99 -17.60 4.08
N HIS D 127 -40.09 -18.02 3.45
CA HIS D 127 -40.04 -18.79 2.17
C HIS D 127 -39.74 -17.86 1.01
N TYR D 128 -40.22 -16.61 1.03
CA TYR D 128 -39.94 -15.59 0.06
C TYR D 128 -39.47 -14.26 0.77
N ALA D 129 -38.70 -13.39 0.08
CA ALA D 129 -38.34 -12.10 0.67
C ALA D 129 -38.16 -11.19 -0.41
N ILE D 130 -38.44 -9.94 -0.12
CA ILE D 130 -38.15 -8.78 -1.02
C ILE D 130 -36.65 -8.34 -0.89
N VAL D 131 -36.02 -7.90 -1.97
CA VAL D 131 -34.60 -7.66 -1.96
C VAL D 131 -34.41 -6.46 -2.90
N PRO D 132 -33.88 -5.30 -2.42
CA PRO D 132 -33.62 -4.27 -3.45
C PRO D 132 -32.64 -4.75 -4.47
N ALA D 133 -32.87 -4.43 -5.72
CA ALA D 133 -31.98 -4.86 -6.79
C ALA D 133 -30.50 -4.44 -6.52
N LYS D 134 -30.29 -3.20 -6.06
CA LYS D 134 -28.94 -2.61 -5.76
C LYS D 134 -28.10 -3.47 -4.74
N ASN D 135 -28.81 -4.23 -3.93
CA ASN D 135 -28.18 -4.97 -2.89
C ASN D 135 -27.92 -6.41 -3.21
N ALA D 136 -28.25 -6.78 -4.46
CA ALA D 136 -28.19 -8.16 -4.88
C ALA D 136 -26.88 -8.50 -5.56
N TRP D 137 -26.28 -9.55 -5.06
CA TRP D 137 -25.18 -10.16 -5.70
C TRP D 137 -25.49 -11.56 -6.31
N LYS D 138 -25.26 -11.71 -7.64
CA LYS D 138 -25.47 -12.96 -8.41
C LYS D 138 -24.43 -13.95 -8.16
N ASN D 139 -24.87 -15.16 -7.86
CA ASN D 139 -23.99 -16.29 -7.60
C ASN D 139 -23.78 -17.20 -8.83
N PRO D 140 -22.68 -17.93 -8.88
CA PRO D 140 -22.57 -18.93 -9.89
C PRO D 140 -23.58 -20.06 -9.66
N LYS D 141 -24.16 -20.67 -10.73
CA LYS D 141 -25.28 -21.58 -10.47
C LYS D 141 -24.93 -22.85 -9.82
N ASP D 142 -23.69 -23.29 -9.88
CA ASP D 142 -23.22 -24.44 -9.16
C ASP D 142 -22.75 -24.20 -7.69
N MET D 143 -23.02 -23.03 -7.11
CA MET D 143 -22.57 -22.80 -5.75
C MET D 143 -23.65 -23.32 -4.79
N PRO D 144 -23.33 -24.26 -3.92
CA PRO D 144 -24.32 -24.69 -2.93
C PRO D 144 -25.00 -23.55 -2.27
N PRO D 145 -26.32 -23.55 -2.18
CA PRO D 145 -26.86 -22.39 -1.43
C PRO D 145 -26.31 -22.22 0.08
N GLU D 146 -25.73 -23.27 0.69
CA GLU D 146 -25.39 -23.20 2.04
C GLU D 146 -24.05 -22.47 2.26
N TYR D 147 -23.20 -22.42 1.24
CA TYR D 147 -22.02 -21.66 1.09
C TYR D 147 -22.39 -20.28 0.67
N ALA D 148 -23.23 -20.16 -0.35
CA ALA D 148 -23.67 -18.81 -0.71
C ALA D 148 -24.18 -18.02 0.46
N ALA D 149 -24.89 -18.70 1.38
CA ALA D 149 -25.55 -18.04 2.52
C ALA D 149 -24.48 -17.38 3.48
N LEU D 150 -23.35 -18.05 3.70
CA LEU D 150 -22.28 -17.61 4.51
C LEU D 150 -21.49 -16.47 3.92
N GLN D 151 -21.89 -15.85 2.84
CA GLN D 151 -20.91 -15.11 2.05
C GLN D 151 -20.83 -13.70 2.74
N GLU D 152 -21.91 -13.19 3.30
CA GLU D 152 -21.78 -12.04 4.27
C GLU D 152 -20.85 -12.17 5.44
N PRO D 153 -21.06 -13.19 6.28
CA PRO D 153 -20.00 -13.21 7.29
C PRO D 153 -18.68 -13.67 6.69
N LEU D 154 -18.63 -14.09 5.45
CA LEU D 154 -17.28 -14.47 4.91
C LEU D 154 -16.65 -13.20 4.41
N GLY D 155 -17.37 -12.19 3.93
CA GLY D 155 -16.79 -10.89 3.73
C GLY D 155 -16.15 -10.37 5.06
N ASN D 156 -16.85 -10.39 6.20
CA ASN D 156 -16.16 -10.09 7.43
C ASN D 156 -14.86 -10.83 7.63
N ALA D 157 -14.76 -12.17 7.44
CA ALA D 157 -13.49 -12.85 7.61
C ALA D 157 -12.49 -12.46 6.57
N VAL D 158 -12.91 -11.93 5.42
CA VAL D 158 -12.02 -11.63 4.33
C VAL D 158 -11.29 -10.37 4.64
N ASP D 159 -12.06 -9.40 5.06
CA ASP D 159 -11.55 -8.05 5.40
C ASP D 159 -10.63 -8.06 6.67
N THR D 160 -10.94 -8.80 7.73
CA THR D 160 -10.01 -9.16 8.78
C THR D 160 -8.73 -9.85 8.25
N VAL D 161 -8.86 -11.01 7.59
CA VAL D 161 -7.66 -11.77 7.10
C VAL D 161 -6.78 -10.93 6.16
N LEU D 162 -7.37 -10.16 5.24
CA LEU D 162 -6.70 -9.51 4.11
C LEU D 162 -6.71 -7.98 4.21
N ALA D 163 -6.87 -7.45 5.43
CA ALA D 163 -6.50 -6.10 5.83
C ALA D 163 -5.06 -5.90 5.49
N GLY D 164 -4.18 -6.90 5.57
CA GLY D 164 -2.93 -6.74 4.84
C GLY D 164 -2.49 -8.12 4.32
N PRO D 165 -1.21 -8.23 3.82
CA PRO D 165 -0.78 -9.40 3.08
C PRO D 165 -0.73 -10.56 4.05
N ILE D 166 -0.96 -11.77 3.58
CA ILE D 166 -0.98 -12.82 4.58
C ILE D 166 -0.27 -14.05 4.07
N ALA D 167 -0.01 -14.15 2.77
CA ALA D 167 0.65 -15.39 2.26
C ALA D 167 1.95 -15.65 2.96
N GLY D 168 2.17 -16.83 3.49
CA GLY D 168 3.48 -17.03 4.17
C GLY D 168 3.70 -16.32 5.54
N ARG D 169 2.67 -15.69 6.14
CA ARG D 169 2.78 -14.96 7.44
C ARG D 169 2.22 -15.64 8.65
N SER D 170 2.91 -15.56 9.81
CA SER D 170 2.53 -16.37 10.89
C SER D 170 1.41 -15.61 11.43
N THR D 171 0.35 -16.29 11.88
CA THR D 171 -0.86 -15.58 12.27
C THR D 171 -1.52 -16.07 13.53
N LEU D 172 -1.96 -15.17 14.36
CA LEU D 172 -2.60 -15.62 15.56
C LEU D 172 -4.01 -15.19 15.40
N ILE D 173 -4.85 -16.19 15.60
CA ILE D 173 -6.28 -15.92 15.63
C ILE D 173 -6.79 -16.02 17.09
N THR D 174 -7.38 -14.94 17.59
CA THR D 174 -8.05 -15.20 18.94
C THR D 174 -9.55 -15.30 18.80
N GLY D 175 -10.03 -16.47 19.19
CA GLY D 175 -11.47 -16.78 19.03
C GLY D 175 -11.82 -17.69 17.83
N ALA D 176 -12.43 -18.82 18.12
CA ALA D 176 -12.90 -19.73 17.10
C ALA D 176 -14.43 -19.97 17.23
N GLY D 177 -15.23 -18.88 17.29
CA GLY D 177 -16.61 -18.90 17.04
C GLY D 177 -16.86 -19.01 15.53
N PRO D 178 -18.12 -18.97 15.10
CA PRO D 178 -18.43 -19.03 13.69
C PRO D 178 -17.48 -18.15 12.83
N LEU D 179 -17.56 -16.84 13.04
CA LEU D 179 -16.68 -15.90 12.43
C LEU D 179 -15.16 -16.27 12.58
N GLY D 180 -14.72 -16.67 13.75
CA GLY D 180 -13.32 -16.94 13.83
C GLY D 180 -12.93 -18.12 13.02
N LEU D 181 -13.89 -19.03 12.90
CA LEU D 181 -13.69 -20.23 12.06
C LEU D 181 -13.66 -19.94 10.53
N LEU D 182 -14.43 -18.96 10.13
CA LEU D 182 -14.50 -18.48 8.82
C LEU D 182 -13.12 -17.87 8.51
N GLY D 183 -12.58 -17.12 9.51
CA GLY D 183 -11.31 -16.44 9.51
C GLY D 183 -10.23 -17.48 9.38
N ILE D 184 -10.23 -18.59 10.15
CA ILE D 184 -9.18 -19.57 9.92
C ILE D 184 -9.18 -20.19 8.46
N ALA D 185 -10.35 -20.16 7.79
CA ALA D 185 -10.49 -20.98 6.65
C ALA D 185 -10.02 -20.10 5.49
N VAL D 186 -10.38 -18.81 5.50
CA VAL D 186 -9.81 -17.84 4.63
C VAL D 186 -8.28 -17.67 4.79
N ALA D 187 -7.82 -17.69 6.01
CA ALA D 187 -6.44 -17.41 6.24
C ALA D 187 -5.63 -18.56 5.65
N LYS D 188 -6.11 -19.79 5.92
CA LYS D 188 -5.47 -20.98 5.39
C LYS D 188 -5.56 -20.98 3.80
N ALA D 189 -6.72 -20.60 3.20
CA ALA D 189 -6.81 -20.47 1.75
C ALA D 189 -5.90 -19.45 1.15
N SER D 190 -5.45 -18.43 1.91
CA SER D 190 -4.70 -17.28 1.46
C SER D 190 -3.24 -17.42 1.79
N GLY D 191 -2.93 -18.55 2.37
CA GLY D 191 -1.57 -18.87 2.50
C GLY D 191 -0.97 -18.59 3.78
N ALA D 192 -1.74 -18.19 4.85
CA ALA D 192 -1.16 -17.91 6.19
C ALA D 192 -0.50 -19.11 6.75
N TYR D 193 0.65 -19.05 7.42
CA TYR D 193 1.25 -20.17 8.10
C TYR D 193 2.37 -19.77 9.11
N PRO D 194 2.32 -20.23 10.36
CA PRO D 194 1.24 -20.97 11.06
C PRO D 194 0.08 -20.14 11.29
N VAL D 195 -1.13 -20.69 11.15
CA VAL D 195 -2.35 -20.14 11.83
C VAL D 195 -2.49 -20.75 13.26
N ILE D 196 -2.19 -19.93 14.26
CA ILE D 196 -2.29 -20.34 15.65
C ILE D 196 -3.64 -19.91 16.20
N VAL D 197 -4.43 -20.85 16.71
CA VAL D 197 -5.65 -20.50 17.33
C VAL D 197 -5.75 -20.51 18.91
N SER D 198 -6.11 -19.34 19.46
CA SER D 198 -6.46 -19.26 20.90
C SER D 198 -7.97 -19.30 21.28
N GLU D 199 -8.39 -20.43 21.89
CA GLU D 199 -9.82 -20.68 22.11
C GLU D 199 -10.03 -21.44 23.43
N PRO D 200 -10.78 -20.84 24.37
CA PRO D 200 -11.07 -21.49 25.61
C PRO D 200 -12.10 -22.67 25.42
N SER D 201 -13.16 -22.54 24.58
CA SER D 201 -14.04 -23.72 24.37
C SER D 201 -13.41 -24.90 23.66
N GLU D 202 -13.39 -26.08 24.28
CA GLU D 202 -12.91 -27.31 23.63
C GLU D 202 -13.66 -27.81 22.37
N PHE D 203 -14.94 -27.54 22.27
CA PHE D 203 -15.73 -27.95 21.13
C PHE D 203 -15.15 -27.15 19.94
N ARG D 204 -15.14 -25.80 20.16
CA ARG D 204 -14.59 -24.78 19.26
C ARG D 204 -13.11 -24.97 18.86
N ARG D 205 -12.33 -25.60 19.72
CA ARG D 205 -10.94 -25.89 19.41
C ARG D 205 -10.78 -27.05 18.49
N LYS D 206 -11.72 -27.97 18.60
CA LYS D 206 -11.76 -29.21 17.82
C LYS D 206 -12.22 -28.80 16.41
N LEU D 207 -13.11 -27.81 16.30
CA LEU D 207 -13.59 -27.37 14.99
C LEU D 207 -12.46 -26.59 14.26
N ALA D 208 -11.80 -25.69 14.99
CA ALA D 208 -10.57 -24.99 14.51
C ALA D 208 -9.58 -25.96 13.93
N LYS D 209 -9.26 -27.00 14.66
CA LYS D 209 -8.45 -28.08 14.12
C LYS D 209 -9.02 -28.80 12.84
N LYS D 210 -10.30 -29.07 12.82
CA LYS D 210 -10.98 -29.61 11.67
C LYS D 210 -10.90 -28.61 10.47
N VAL D 211 -11.34 -27.35 10.67
CA VAL D 211 -11.18 -26.32 9.72
C VAL D 211 -9.76 -26.21 9.14
N GLY D 212 -8.73 -26.04 9.95
CA GLY D 212 -7.36 -26.08 9.38
C GLY D 212 -6.26 -25.37 10.18
N ALA D 213 -6.56 -24.88 11.38
CA ALA D 213 -5.61 -24.30 12.32
C ALA D 213 -4.41 -25.19 12.45
N ASP D 214 -3.24 -24.55 12.47
CA ASP D 214 -2.04 -25.34 12.61
C ASP D 214 -1.77 -25.66 14.09
N TYR D 215 -2.10 -24.76 15.03
CA TYR D 215 -1.87 -24.99 16.46
C TYR D 215 -3.09 -24.36 17.07
N VAL D 216 -3.69 -25.09 18.02
CA VAL D 216 -4.75 -24.52 18.93
C VAL D 216 -4.17 -24.50 20.35
N VAL D 217 -4.58 -23.50 21.14
CA VAL D 217 -4.13 -23.41 22.51
C VAL D 217 -5.36 -23.05 23.31
N ASN D 218 -5.50 -23.55 24.53
CA ASN D 218 -6.57 -23.00 25.43
C ASN D 218 -6.01 -21.94 26.37
N PRO D 219 -6.39 -20.62 26.25
CA PRO D 219 -5.70 -19.57 27.10
C PRO D 219 -5.98 -19.61 28.69
N PHE D 220 -7.00 -20.41 29.05
CA PHE D 220 -7.36 -20.74 30.42
C PHE D 220 -6.53 -21.89 31.02
N GLU D 221 -5.70 -22.53 30.23
CA GLU D 221 -5.14 -23.80 30.61
C GLU D 221 -3.65 -23.63 30.50
N GLU D 222 -3.19 -22.89 29.48
CA GLU D 222 -1.82 -22.29 29.44
C GLU D 222 -1.71 -20.85 28.83
N ASP D 223 -0.55 -20.25 28.96
CA ASP D 223 -0.34 -18.93 28.44
C ASP D 223 -0.25 -18.97 26.91
N PRO D 224 -1.16 -18.24 26.25
CA PRO D 224 -1.24 -18.21 24.75
C PRO D 224 -0.05 -17.42 24.10
N VAL D 225 0.42 -16.33 24.78
CA VAL D 225 1.71 -15.68 24.44
C VAL D 225 2.96 -16.56 24.47
N LYS D 226 3.21 -17.28 25.58
CA LYS D 226 4.41 -18.14 25.53
C LYS D 226 4.27 -19.28 24.51
N PHE D 227 3.03 -19.72 24.27
CA PHE D 227 2.74 -20.70 23.27
C PHE D 227 3.13 -20.08 21.88
N VAL D 228 2.62 -18.89 21.53
CA VAL D 228 3.13 -18.14 20.39
C VAL D 228 4.68 -18.08 20.32
N MET D 229 5.34 -17.67 21.43
CA MET D 229 6.76 -17.33 21.34
C MET D 229 7.46 -18.62 21.14
N ASP D 230 6.91 -19.75 21.61
CA ASP D 230 7.60 -21.04 21.34
C ASP D 230 7.51 -21.43 19.88
N ILE D 231 6.40 -21.06 19.26
CA ILE D 231 6.27 -21.39 17.88
C ILE D 231 7.07 -20.52 16.93
N THR D 232 7.32 -19.25 17.25
CA THR D 232 7.84 -18.35 16.28
C THR D 232 9.24 -17.94 16.71
N ASP D 233 9.87 -18.88 17.44
CA ASP D 233 11.15 -18.75 18.10
C ASP D 233 11.39 -17.45 18.82
N GLY D 234 10.46 -16.99 19.64
CA GLY D 234 10.64 -15.73 20.27
C GLY D 234 10.37 -14.58 19.33
N ALA D 235 10.09 -14.77 18.04
CA ALA D 235 9.78 -13.57 17.16
C ALA D 235 8.40 -12.97 17.29
N GLY D 236 7.42 -13.77 17.71
CA GLY D 236 6.05 -13.39 17.68
C GLY D 236 5.44 -13.64 16.30
N VAL D 237 4.13 -13.36 16.20
CA VAL D 237 3.38 -13.54 14.96
C VAL D 237 3.32 -12.26 14.19
N GLU D 238 3.31 -12.39 12.89
CA GLU D 238 3.27 -11.24 12.09
C GLU D 238 1.98 -10.68 11.88
N VAL D 239 0.94 -11.48 12.14
CA VAL D 239 -0.45 -10.98 11.92
C VAL D 239 -1.29 -11.44 13.07
N PHE D 240 -1.98 -10.49 13.67
CA PHE D 240 -2.83 -10.96 14.78
C PHE D 240 -4.23 -10.61 14.42
N LEU D 241 -5.11 -11.65 14.37
CA LEU D 241 -6.53 -11.39 14.13
C LEU D 241 -7.46 -11.61 15.28
N GLU D 242 -8.18 -10.55 15.62
CA GLU D 242 -8.99 -10.52 16.86
C GLU D 242 -10.43 -10.83 16.54
N PHE D 243 -10.83 -12.05 16.88
CA PHE D 243 -12.21 -12.52 16.56
C PHE D 243 -13.13 -12.57 17.79
N SER D 244 -12.56 -12.86 18.97
CA SER D 244 -13.38 -13.05 20.25
C SER D 244 -14.12 -11.85 20.77
N GLY D 245 -13.53 -10.65 20.68
CA GLY D 245 -14.08 -9.52 21.52
C GLY D 245 -13.82 -9.74 23.06
N ALA D 246 -13.02 -10.74 23.49
CA ALA D 246 -12.49 -10.82 24.88
C ALA D 246 -11.37 -9.78 25.16
N PRO D 247 -11.59 -8.84 26.09
CA PRO D 247 -10.62 -7.81 26.39
C PRO D 247 -9.27 -8.34 26.72
N LYS D 248 -9.24 -9.44 27.41
CA LYS D 248 -8.00 -10.19 27.63
C LYS D 248 -7.35 -10.75 26.37
N ALA D 249 -8.17 -11.17 25.38
CA ALA D 249 -7.60 -11.67 24.08
C ALA D 249 -6.80 -10.60 23.34
N LEU D 250 -7.35 -9.37 23.28
CA LEU D 250 -6.74 -8.18 22.71
C LEU D 250 -5.37 -7.92 23.35
N GLU D 251 -5.33 -7.88 24.65
CA GLU D 251 -4.04 -7.72 25.30
C GLU D 251 -3.07 -8.83 24.96
N GLN D 252 -3.49 -10.09 25.08
CA GLN D 252 -2.58 -11.16 24.76
C GLN D 252 -2.12 -11.19 23.30
N GLY D 253 -3.02 -10.90 22.35
CA GLY D 253 -2.56 -10.84 21.00
C GLY D 253 -1.54 -9.69 20.73
N LEU D 254 -1.78 -8.53 21.29
CA LEU D 254 -0.91 -7.42 21.14
C LEU D 254 0.46 -7.71 21.71
N LYS D 255 0.50 -8.53 22.75
CA LYS D 255 1.78 -8.94 23.33
C LYS D 255 2.44 -9.95 22.46
N ALA D 256 1.63 -10.88 21.93
CA ALA D 256 2.09 -11.84 20.92
C ALA D 256 2.53 -11.40 19.52
N VAL D 257 2.01 -10.26 18.98
CA VAL D 257 2.49 -9.73 17.67
C VAL D 257 3.96 -9.33 17.67
N THR D 258 4.66 -9.71 16.60
CA THR D 258 6.00 -9.22 16.27
C THR D 258 6.01 -7.70 16.09
N PRO D 259 7.17 -7.00 16.48
CA PRO D 259 7.36 -5.55 16.08
C PRO D 259 7.28 -5.43 14.54
N GLY D 260 6.58 -4.44 14.02
CA GLY D 260 6.44 -4.28 12.62
C GLY D 260 5.16 -5.03 12.21
N GLY D 261 4.66 -5.87 13.14
CA GLY D 261 3.49 -6.67 12.75
C GLY D 261 2.19 -6.01 12.51
N ARG D 262 1.19 -6.81 12.19
CA ARG D 262 -0.17 -6.30 11.76
C ARG D 262 -1.32 -6.87 12.52
N VAL D 263 -2.21 -5.99 13.02
CA VAL D 263 -3.35 -6.42 13.80
C VAL D 263 -4.59 -6.00 13.05
N SER D 264 -5.53 -6.95 12.89
CA SER D 264 -6.95 -6.59 12.56
C SER D 264 -7.88 -6.97 13.68
N LEU D 265 -8.74 -6.03 13.97
CA LEU D 265 -9.64 -6.19 15.07
C LEU D 265 -11.06 -6.41 14.61
N LEU D 266 -11.60 -7.60 14.79
CA LEU D 266 -13.00 -7.71 14.43
C LEU D 266 -13.97 -7.82 15.62
N GLY D 267 -13.69 -8.68 16.57
CA GLY D 267 -14.56 -8.84 17.69
C GLY D 267 -14.86 -7.53 18.47
N LEU D 268 -16.12 -7.40 18.93
CA LEU D 268 -16.63 -6.20 19.58
C LEU D 268 -16.58 -6.49 21.05
N PHE D 269 -16.07 -5.53 21.85
CA PHE D 269 -15.79 -5.83 23.27
C PHE D 269 -17.04 -5.46 24.05
N PRO D 270 -17.24 -6.06 25.20
CA PRO D 270 -18.30 -5.82 26.21
C PRO D 270 -18.25 -4.50 27.08
N ARG D 271 -17.03 -3.91 27.22
CA ARG D 271 -16.67 -2.73 28.03
C ARG D 271 -15.37 -2.10 27.31
N GLU D 272 -15.07 -0.80 27.56
CA GLU D 272 -13.80 -0.11 27.29
C GLU D 272 -12.65 -0.91 27.87
N VAL D 273 -11.51 -0.86 27.20
CA VAL D 273 -10.43 -1.87 27.44
C VAL D 273 -9.16 -1.00 27.80
N THR D 274 -8.38 -1.42 28.79
CA THR D 274 -7.31 -0.62 29.31
C THR D 274 -6.12 -1.20 28.67
N ILE D 275 -5.45 -0.37 27.85
CA ILE D 275 -4.28 -0.89 27.14
C ILE D 275 -3.01 -0.12 27.45
N ASP D 276 -1.87 -0.82 27.58
CA ASP D 276 -0.48 -0.29 27.46
C ASP D 276 -0.14 0.14 26.00
N PHE D 277 -0.71 1.21 25.51
CA PHE D 277 -0.30 1.85 24.29
C PHE D 277 1.18 1.86 24.03
N ASN D 278 1.97 2.53 24.91
CA ASN D 278 3.42 2.64 24.65
C ASN D 278 4.02 1.31 24.39
N ASN D 279 3.84 0.32 25.25
CA ASN D 279 4.65 -0.92 24.97
C ASN D 279 4.03 -1.88 23.98
N LEU D 280 2.73 -1.80 23.79
CA LEU D 280 2.12 -2.86 22.99
C LEU D 280 1.87 -2.33 21.59
N ILE D 281 1.79 -1.04 21.37
CA ILE D 281 1.51 -0.55 20.05
C ILE D 281 2.56 0.40 19.44
N ILE D 282 3.21 1.18 20.28
CA ILE D 282 4.04 2.31 19.93
C ILE D 282 5.45 1.86 19.88
N PHE D 283 5.99 1.19 20.90
CA PHE D 283 7.37 0.75 20.69
C PHE D 283 7.36 -0.44 19.80
N LYS D 284 6.18 -1.03 19.56
CA LYS D 284 6.16 -2.19 18.55
C LYS D 284 5.90 -1.77 17.13
N ALA D 285 5.63 -0.52 16.92
CA ALA D 285 5.36 0.00 15.61
C ALA D 285 4.34 -0.86 14.80
N LEU D 286 3.20 -1.18 15.43
CA LEU D 286 2.17 -2.07 14.87
C LEU D 286 1.31 -1.28 13.98
N GLU D 287 0.81 -1.93 12.96
CA GLU D 287 -0.31 -1.34 12.18
C GLU D 287 -1.57 -2.06 12.69
N VAL D 288 -2.55 -1.27 13.05
CA VAL D 288 -3.72 -1.85 13.73
C VAL D 288 -4.94 -1.35 12.95
N HIS D 289 -5.74 -2.28 12.42
CA HIS D 289 -7.03 -1.90 11.82
C HIS D 289 -8.20 -2.50 12.53
N GLY D 290 -9.07 -1.55 12.79
CA GLY D 290 -10.44 -1.84 12.99
C GLY D 290 -11.20 -2.30 11.80
N ILE D 291 -11.90 -3.40 11.98
CA ILE D 291 -12.54 -4.02 10.85
C ILE D 291 -14.05 -4.02 11.08
N THR D 292 -14.73 -3.38 10.14
CA THR D 292 -16.12 -3.40 10.20
C THR D 292 -16.69 -3.34 8.77
N GLY D 293 -17.89 -4.00 8.62
CA GLY D 293 -18.67 -4.03 7.35
C GLY D 293 -17.88 -4.76 6.24
N ARG D 294 -18.14 -4.34 4.96
CA ARG D 294 -17.61 -5.07 3.80
C ARG D 294 -17.38 -4.04 2.73
N HIS D 295 -16.35 -4.28 1.88
CA HIS D 295 -16.04 -3.42 0.77
C HIS D 295 -16.96 -3.71 -0.37
N LEU D 296 -17.90 -2.84 -0.62
CA LEU D 296 -18.82 -3.09 -1.73
C LEU D 296 -18.08 -2.73 -3.02
N TRP D 297 -17.60 -3.74 -3.75
CA TRP D 297 -18.03 -5.12 -3.82
C TRP D 297 -16.78 -6.00 -3.92
N GLU D 298 -15.59 -5.39 -3.79
CA GLU D 298 -14.30 -6.03 -3.97
C GLU D 298 -14.35 -7.22 -3.10
N THR D 299 -14.82 -7.02 -1.88
CA THR D 299 -14.81 -8.05 -0.92
C THR D 299 -15.68 -9.19 -1.46
N TRP D 300 -16.75 -8.95 -2.19
CA TRP D 300 -17.67 -10.04 -2.59
C TRP D 300 -17.06 -10.78 -3.78
N TYR D 301 -16.34 -10.10 -4.67
CA TYR D 301 -15.64 -10.86 -5.69
C TYR D 301 -14.67 -11.80 -5.06
N THR D 302 -13.87 -11.40 -4.11
CA THR D 302 -12.94 -12.36 -3.40
C THR D 302 -13.57 -13.52 -2.71
N VAL D 303 -14.67 -13.30 -1.99
CA VAL D 303 -15.37 -14.41 -1.32
C VAL D 303 -16.01 -15.41 -2.34
N SER D 304 -16.82 -14.88 -3.24
CA SER D 304 -17.29 -15.64 -4.33
C SER D 304 -16.23 -16.58 -4.95
N SER D 305 -15.02 -16.08 -5.21
CA SER D 305 -14.08 -16.81 -5.91
C SER D 305 -13.25 -17.65 -4.98
N LEU D 306 -13.07 -17.30 -3.73
CA LEU D 306 -12.52 -18.27 -2.74
C LEU D 306 -13.48 -19.46 -2.51
N ILE D 307 -14.76 -19.19 -2.45
CA ILE D 307 -15.71 -20.31 -2.38
C ILE D 307 -15.59 -21.24 -3.62
N GLN D 308 -15.74 -20.68 -4.84
CA GLN D 308 -15.67 -21.46 -6.03
C GLN D 308 -14.30 -22.13 -6.13
N SER D 309 -13.31 -21.72 -5.36
CA SER D 309 -11.95 -22.23 -5.54
C SER D 309 -11.73 -23.60 -4.91
N GLY D 310 -12.66 -24.02 -4.10
CA GLY D 310 -12.45 -25.22 -3.38
C GLY D 310 -11.57 -25.09 -2.12
N LYS D 311 -10.89 -23.96 -1.88
CA LYS D 311 -9.86 -23.90 -0.80
C LYS D 311 -10.39 -23.52 0.60
N LEU D 312 -11.61 -23.01 0.71
CA LEU D 312 -12.26 -22.72 1.97
C LEU D 312 -12.79 -24.01 2.59
N ASN D 313 -12.25 -24.40 3.73
CA ASN D 313 -12.76 -25.58 4.40
C ASN D 313 -13.97 -25.36 5.29
N LEU D 314 -15.10 -25.09 4.63
CA LEU D 314 -16.39 -24.65 5.16
C LEU D 314 -17.32 -25.67 5.74
N ASP D 315 -17.21 -26.92 5.33
CA ASP D 315 -18.14 -27.92 5.86
C ASP D 315 -17.94 -28.30 7.29
N PRO D 316 -16.68 -28.44 7.80
CA PRO D 316 -16.60 -28.53 9.26
C PRO D 316 -17.19 -27.34 9.93
N ILE D 317 -17.42 -26.20 9.27
CA ILE D 317 -17.96 -25.06 10.01
C ILE D 317 -19.45 -25.17 10.06
N ILE D 318 -20.07 -25.74 8.98
CA ILE D 318 -21.52 -25.86 8.86
C ILE D 318 -21.97 -27.05 9.73
N THR D 319 -22.45 -26.79 10.95
CA THR D 319 -22.54 -27.94 11.92
C THR D 319 -23.97 -28.53 11.98
N HIS D 320 -24.94 -27.62 11.75
CA HIS D 320 -26.36 -27.84 11.89
C HIS D 320 -27.13 -27.32 10.68
N LYS D 321 -27.77 -28.24 9.94
CA LYS D 321 -28.63 -27.91 8.79
C LYS D 321 -30.05 -28.36 9.11
N TYR D 322 -31.00 -27.46 9.01
CA TYR D 322 -32.37 -27.71 9.26
C TYR D 322 -33.19 -27.67 7.94
N LYS D 323 -34.23 -28.50 7.86
CA LYS D 323 -35.23 -28.40 6.78
C LYS D 323 -36.46 -27.63 7.24
N GLY D 324 -36.86 -26.59 6.53
CA GLY D 324 -37.89 -25.69 7.02
C GLY D 324 -37.41 -25.13 8.33
N PHE D 325 -38.32 -24.38 8.95
CA PHE D 325 -38.13 -23.60 10.13
C PHE D 325 -38.66 -24.16 11.47
N ASP D 326 -39.29 -25.31 11.43
CA ASP D 326 -40.00 -25.82 12.62
C ASP D 326 -39.15 -25.99 13.88
N LYS D 327 -37.88 -26.34 13.72
CA LYS D 327 -36.95 -26.40 14.81
C LYS D 327 -36.17 -25.11 15.09
N PHE D 328 -36.74 -23.94 14.82
CA PHE D 328 -35.93 -22.74 15.00
C PHE D 328 -35.48 -22.46 16.43
N GLU D 329 -36.32 -22.79 17.41
CA GLU D 329 -35.98 -22.70 18.84
C GLU D 329 -34.83 -23.60 19.22
N GLU D 330 -34.85 -24.84 18.81
CA GLU D 330 -33.71 -25.73 19.08
C GLU D 330 -32.41 -25.19 18.52
N ALA D 331 -32.47 -24.55 17.33
CA ALA D 331 -31.33 -23.97 16.61
C ALA D 331 -30.72 -22.73 17.36
N PHE D 332 -31.53 -21.77 17.81
CA PHE D 332 -30.98 -20.63 18.54
C PHE D 332 -30.37 -21.02 19.91
N GLU D 333 -31.12 -21.85 20.63
CA GLU D 333 -30.68 -22.40 21.87
C GLU D 333 -29.42 -23.28 21.70
N LEU D 334 -29.29 -24.02 20.62
CA LEU D 334 -27.97 -24.66 20.46
C LEU D 334 -26.81 -23.57 20.22
N MET D 335 -27.17 -22.43 19.62
CA MET D 335 -26.20 -21.39 19.34
C MET D 335 -25.73 -20.70 20.58
N ARG D 336 -26.68 -20.01 21.23
CA ARG D 336 -26.54 -19.50 22.64
C ARG D 336 -25.58 -20.29 23.53
N ALA D 337 -25.78 -21.62 23.56
CA ALA D 337 -24.99 -22.59 24.29
C ALA D 337 -23.65 -22.87 23.67
N GLY D 338 -23.21 -22.14 22.62
CA GLY D 338 -21.85 -22.34 22.06
C GLY D 338 -21.61 -23.73 21.44
N LYS D 339 -22.74 -24.38 21.11
CA LYS D 339 -22.68 -25.73 20.58
C LYS D 339 -22.76 -25.82 19.06
N THR D 340 -22.72 -24.66 18.36
CA THR D 340 -22.87 -24.65 16.90
C THR D 340 -21.70 -24.04 16.13
N GLY D 341 -21.52 -24.41 14.86
CA GLY D 341 -20.56 -23.71 14.00
C GLY D 341 -21.44 -22.65 13.35
N LYS D 342 -21.53 -22.72 12.03
CA LYS D 342 -22.68 -22.08 11.36
C LYS D 342 -23.87 -23.08 11.23
N VAL D 343 -25.06 -22.50 11.47
CA VAL D 343 -26.43 -23.10 11.43
C VAL D 343 -27.24 -22.56 10.21
N VAL D 344 -27.61 -23.52 9.35
CA VAL D 344 -28.36 -23.23 8.05
C VAL D 344 -29.82 -23.75 8.06
N PHE D 345 -30.76 -22.82 7.87
CA PHE D 345 -32.11 -23.16 7.47
C PHE D 345 -32.24 -23.35 5.92
N PHE D 346 -32.70 -24.50 5.46
CA PHE D 346 -33.30 -24.62 4.07
C PHE D 346 -34.85 -24.55 4.11
N PRO D 347 -35.44 -23.37 3.95
CA PRO D 347 -36.87 -23.25 4.00
C PRO D 347 -37.82 -24.12 3.11
N HIS D 348 -37.38 -24.63 1.97
CA HIS D 348 -38.24 -25.35 1.02
C HIS D 348 -37.60 -26.75 0.98
N LYS D 349 -37.15 -27.17 2.17
CA LYS D 349 -36.35 -28.35 2.46
C LYS D 349 -35.20 -28.62 1.52
PA NAD E . 11.96 -21.46 -19.67
O1A NAD E . 12.48 -21.39 -21.20
O2A NAD E . 12.23 -22.85 -19.20
O5B NAD E . 10.39 -20.94 -19.65
C5B NAD E . 9.83 -19.83 -20.33
C4B NAD E . 9.01 -20.20 -21.63
O4B NAD E . 7.61 -20.06 -21.49
C3B NAD E . 9.05 -21.64 -22.08
O3B NAD E . 8.48 -22.46 -21.07
C2B NAD E . 8.05 -21.56 -23.24
O2B NAD E . 7.58 -22.87 -23.63
C1B NAD E . 6.96 -20.62 -22.63
N9A NAD E . 6.48 -19.67 -23.75
C8A NAD E . 7.22 -19.37 -24.85
N7A NAD E . 6.52 -18.59 -25.66
C5A NAD E . 5.32 -18.39 -25.11
C6A NAD E . 4.21 -17.64 -25.50
N6A NAD E . 4.29 -16.97 -26.65
N1A NAD E . 3.10 -17.62 -24.66
C2A NAD E . 3.10 -18.31 -23.51
N3A NAD E . 4.16 -19.00 -23.13
C4A NAD E . 5.27 -19.06 -23.88
O3 NAD E . 12.66 -20.46 -18.62
PN NAD E . 12.19 -20.53 -16.95
O1N NAD E . 10.65 -20.52 -16.66
O2N NAD E . 12.91 -21.47 -16.07
O5D NAD E . 12.65 -19.20 -16.57
C5D NAD E . 11.79 -18.16 -16.90
C4D NAD E . 12.76 -17.08 -16.78
O4D NAD E . 12.19 -15.95 -16.24
C3D NAD E . 13.25 -16.68 -18.19
O3D NAD E . 12.28 -16.09 -19.06
C2D NAD E . 14.09 -15.54 -17.75
O2D NAD E . 13.96 -14.80 -18.92
C1D NAD E . 13.24 -14.97 -16.55
N1N NAD E . 13.89 -14.56 -15.31
C2N NAD E . 13.90 -13.21 -15.07
C3N NAD E . 14.52 -12.66 -13.95
C7N NAD E . 14.46 -11.15 -13.81
O7N NAD E . 15.45 -10.47 -13.51
N7N NAD E . 13.27 -10.67 -14.07
C4N NAD E . 15.07 -13.49 -12.98
C5N NAD E . 15.05 -14.86 -13.21
C6N NAD E . 14.48 -15.39 -14.37
PA NAD F . 0.31 19.26 -24.35
O1A NAD F . 0.55 18.74 -25.87
O2A NAD F . 0.17 20.74 -24.26
O5B NAD F . 1.77 18.80 -23.70
C5B NAD F . 2.38 17.76 -24.37
C4B NAD F . 3.69 18.17 -25.08
O4B NAD F . 4.70 18.23 -24.10
C3B NAD F . 3.73 19.60 -25.55
O3B NAD F . 3.43 20.39 -24.37
C2B NAD F . 5.20 19.75 -25.84
O2B NAD F . 5.51 21.15 -25.62
C1B NAD F . 5.79 18.73 -24.75
N9A NAD F . 6.71 17.68 -25.38
C8A NAD F . 6.60 17.24 -26.65
N7A NAD F . 7.61 16.45 -26.92
C5A NAD F . 8.38 16.32 -25.84
C6A NAD F . 9.52 15.58 -25.57
N6A NAD F . 10.04 14.77 -26.51
N1A NAD F . 10.04 15.67 -24.33
C2A NAD F . 9.52 16.44 -23.33
N3A NAD F . 8.43 17.13 -23.57
C4A NAD F . 7.83 17.10 -24.81
O3 NAD F . -1.04 18.54 -23.79
PN NAD F . -1.60 18.78 -22.31
O1N NAD F . -0.77 19.93 -21.74
O2N NAD F . -3.06 18.94 -22.09
O5D NAD F . -0.94 17.75 -21.25
C5D NAD F . -0.55 16.45 -21.76
C4D NAD F . -1.83 15.69 -21.87
O4D NAD F . -1.87 14.55 -21.00
C3D NAD F . -2.01 15.17 -23.30
O3D NAD F . -0.99 14.34 -23.74
C2D NAD F . -3.14 14.19 -23.14
O2D NAD F . -2.78 13.30 -24.13
C1D NAD F . -2.93 13.58 -21.76
N1N NAD F . -4.28 13.12 -21.26
C2N NAD F . -4.37 11.81 -20.71
C3N NAD F . -5.53 11.22 -20.18
C7N NAD F . -5.41 9.73 -19.71
O7N NAD F . -6.39 8.94 -19.74
N7N NAD F . -4.17 9.33 -19.52
C4N NAD F . -6.71 11.90 -20.27
C5N NAD F . -6.65 13.16 -20.85
C6N NAD F . -5.48 13.81 -21.33
S SO4 G . -0.24 8.36 -1.65
O1 SO4 G . 0.70 7.87 -0.36
O2 SO4 G . -1.74 8.73 -1.54
O3 SO4 G . 0.25 9.70 -2.10
O4 SO4 G . -0.15 7.17 -2.71
S SO4 H . -4.16 29.43 -5.24
O1 SO4 H . -2.90 29.41 -4.48
O2 SO4 H . -5.20 29.95 -4.17
O3 SO4 H . -3.88 30.49 -6.42
O4 SO4 H . -4.63 27.96 -5.62
S SO4 I . 18.55 9.58 -24.25
O1 SO4 I . 20.17 9.15 -23.85
O2 SO4 I . 18.10 10.74 -23.47
O3 SO4 I . 18.33 10.06 -25.77
O4 SO4 I . 17.61 8.16 -24.05
S SO4 J . 10.72 5.61 -29.07
O1 SO4 J . 12.17 5.63 -29.13
O2 SO4 J . 10.25 5.66 -27.62
O3 SO4 J . 10.46 6.86 -29.89
O4 SO4 J . 10.12 4.38 -29.71
S SO4 K . 0.78 2.29 -34.77
O1 SO4 K . 2.19 2.39 -34.47
O2 SO4 K . 0.22 3.21 -33.76
O3 SO4 K . 0.48 2.82 -36.14
O4 SO4 K . 0.27 0.98 -34.73
PA NAD L . 6.79 17.92 24.88
O1A NAD L . 6.43 17.49 26.36
O2A NAD L . 7.87 18.94 25.02
O5B NAD L . 5.33 18.42 24.34
C5B NAD L . 4.16 17.61 24.32
C4B NAD L . 3.09 18.28 25.15
O4B NAD L . 1.89 18.31 24.38
C3B NAD L . 3.24 19.74 25.65
O3B NAD L . 3.31 20.69 24.57
C2B NAD L . 1.84 19.95 26.18
O2B NAD L . 1.65 21.40 26.27
C1B NAD L . 1.00 19.21 25.06
N9A NAD L . -0.23 18.60 25.63
C8A NAD L . -0.37 18.17 26.91
N7A NAD L . -1.63 17.77 27.10
C5A NAD L . -2.27 17.88 25.94
C6A NAD L . -3.56 17.62 25.51
N6A NAD L . -4.39 17.09 26.38
N1A NAD L . -3.93 17.88 24.21
C2A NAD L . -3.10 18.39 23.35
N3A NAD L . -1.89 18.63 23.77
C4A NAD L . -1.41 18.41 25.01
O3 NAD L . 7.22 16.76 23.93
PN NAD L . 7.98 16.99 22.52
O1N NAD L . 7.05 17.44 21.33
O2N NAD L . 9.41 17.42 22.46
O5D NAD L . 8.13 15.56 22.32
C5D NAD L . 6.93 14.90 21.94
C4D NAD L . 7.32 13.46 22.15
O4D NAD L . 6.63 12.42 21.59
C3D NAD L . 7.00 13.27 23.64
O3D NAD L . 5.57 13.26 23.85
C2D NAD L . 7.57 11.87 23.78
O2D NAD L . 6.64 11.43 24.72
C1D NAD L . 7.28 11.25 22.39
N1N NAD L . 8.27 10.48 21.55
C2N NAD L . 8.03 9.16 21.26
C3N NAD L . 8.88 8.36 20.47
C7N NAD L . 8.41 6.94 20.25
O7N NAD L . 9.06 5.88 20.54
N7N NAD L . 7.17 7.06 19.75
C4N NAD L . 10.01 8.89 19.88
C5N NAD L . 10.27 10.23 20.18
C6N NAD L . 9.43 11.00 20.99
S SO4 M . 41.90 1.38 6.58
O1 SO4 M . 43.27 1.03 6.25
O2 SO4 M . 41.88 1.52 8.04
O3 SO4 M . 41.44 2.66 5.97
O4 SO4 M . 41.00 0.30 6.14
S SO4 N . -17.63 11.19 13.20
O1 SO4 N . -16.21 11.58 13.30
O2 SO4 N . -18.42 11.87 14.24
O3 SO4 N . -18.14 11.56 11.86
O4 SO4 N . -17.76 9.73 13.39
S SO4 O . 9.31 8.23 4.43
O1 SO4 O . 10.72 8.04 4.09
O2 SO4 O . 9.13 7.36 5.63
O3 SO4 O . 8.97 9.62 4.77
O4 SO4 O . 8.53 7.96 3.18
PA NAD P . -18.59 -16.02 19.40
O1A NAD P . -19.20 -14.98 20.37
O2A NAD P . -19.53 -17.18 19.18
O5B NAD P . -17.12 -16.47 20.01
C5B NAD P . -15.86 -15.81 20.20
C4B NAD P . -15.19 -16.32 21.57
O4B NAD P . -13.90 -16.90 21.43
C3B NAD P . -15.98 -17.53 22.10
O3B NAD P . -16.02 -18.59 21.13
C2B NAD P . -15.10 -17.98 23.23
O2B NAD P . -15.33 -19.43 23.44
C1B NAD P . -13.66 -17.47 22.68
N9A NAD P . -12.86 -16.69 23.71
C8A NAD P . -13.42 -16.15 24.84
N7A NAD P . -12.47 -15.61 25.57
C5A NAD P . -11.32 -15.79 24.95
C6A NAD P . -10.04 -15.40 25.29
N6A NAD P . -9.92 -14.72 26.42
N1A NAD P . -9.00 -15.70 24.44
C2A NAD P . -9.25 -16.38 23.30
N3A NAD P . -10.47 -16.75 22.97
C4A NAD P . -11.52 -16.46 23.76
O3 NAD P . -18.46 -15.02 18.15
PN NAD P . -18.47 -15.20 16.56
O1N NAD P . -16.99 -15.66 16.09
O2N NAD P . -19.68 -15.51 15.79
O5D NAD P . -18.46 -13.72 16.31
C5D NAD P . -17.14 -13.10 16.22
C4D NAD P . -17.62 -11.70 15.99
O4D NAD P . -16.70 -10.71 15.71
C3D NAD P . -18.32 -11.19 17.29
O3D NAD P . -17.47 -10.69 18.31
C2D NAD P . -18.85 -9.97 16.73
O2D NAD P . -19.12 -9.20 17.90
C1D NAD P . -17.60 -9.50 16.01
N1N NAD P . -18.21 -8.78 14.90
C2N NAD P . -17.59 -7.57 14.62
C3N NAD P . -18.06 -6.79 13.57
C7N NAD P . -17.33 -5.54 13.43
O7N NAD P . -17.83 -4.62 12.83
N7N NAD P . -16.25 -5.49 14.12
C4N NAD P . -19.15 -7.13 12.83
C5N NAD P . -19.77 -8.37 13.13
C6N NAD P . -19.33 -9.21 14.18
S SO4 Q . -10.01 -3.94 33.28
O1 SO4 Q . -8.83 -4.65 33.82
O2 SO4 Q . -11.17 -4.47 33.99
O3 SO4 Q . -9.90 -2.49 33.42
O4 SO4 Q . -10.06 -4.20 31.83
S SO4 R . -17.67 0.81 29.88
O1 SO4 R . -16.50 -0.05 30.11
O2 SO4 R . -18.67 0.29 30.85
O3 SO4 R . -17.58 2.20 30.13
O4 SO4 R . -18.13 0.66 28.49
#